data_7Q6U
# 
_entry.id   7Q6U 
# 
_audit_conform.dict_name       mmcif_pdbx.dic 
_audit_conform.dict_version    5.391 
_audit_conform.dict_location   http://mmcif.pdb.org/dictionaries/ascii/mmcif_pdbx.dic 
# 
loop_
_database_2.database_id 
_database_2.database_code 
_database_2.pdbx_database_accession 
_database_2.pdbx_DOI 
PDB   7Q6U         pdb_00007q6u 10.2210/pdb7q6u/pdb 
WWPDB D_1292119118 ?            ?                   
# 
loop_
_pdbx_audit_revision_history.ordinal 
_pdbx_audit_revision_history.data_content_type 
_pdbx_audit_revision_history.major_revision 
_pdbx_audit_revision_history.minor_revision 
_pdbx_audit_revision_history.revision_date 
1 'Structure model' 1 0 2022-01-19 
2 'Structure model' 1 1 2022-02-16 
3 'Structure model' 1 2 2022-03-09 
4 'Structure model' 1 3 2024-05-01 
# 
_pdbx_audit_revision_details.ordinal             1 
_pdbx_audit_revision_details.revision_ordinal    1 
_pdbx_audit_revision_details.data_content_type   'Structure model' 
_pdbx_audit_revision_details.provider            repository 
_pdbx_audit_revision_details.type                'Initial release' 
_pdbx_audit_revision_details.description         ? 
_pdbx_audit_revision_details.details             ? 
# 
loop_
_pdbx_audit_revision_group.ordinal 
_pdbx_audit_revision_group.revision_ordinal 
_pdbx_audit_revision_group.data_content_type 
_pdbx_audit_revision_group.group 
1 2 'Structure model' 'Database references'    
2 3 'Structure model' 'Database references'    
3 4 'Structure model' 'Data collection'        
4 4 'Structure model' 'Refinement description' 
# 
loop_
_pdbx_audit_revision_category.ordinal 
_pdbx_audit_revision_category.revision_ordinal 
_pdbx_audit_revision_category.data_content_type 
_pdbx_audit_revision_category.category 
1 2 'Structure model' citation                      
2 2 'Structure model' citation_author               
3 3 'Structure model' citation                      
4 4 'Structure model' chem_comp_atom                
5 4 'Structure model' chem_comp_bond                
6 4 'Structure model' pdbx_initial_refinement_model 
# 
loop_
_pdbx_audit_revision_item.ordinal 
_pdbx_audit_revision_item.revision_ordinal 
_pdbx_audit_revision_item.data_content_type 
_pdbx_audit_revision_item.item 
1  2 'Structure model' '_citation.country'                 
2  2 'Structure model' '_citation.journal_abbrev'          
3  2 'Structure model' '_citation.journal_id_ASTM'         
4  2 'Structure model' '_citation.journal_id_CSD'          
5  2 'Structure model' '_citation.journal_id_ISSN'         
6  2 'Structure model' '_citation.pdbx_database_id_DOI'    
7  2 'Structure model' '_citation.pdbx_database_id_PubMed' 
8  2 'Structure model' '_citation.title'                   
9  2 'Structure model' '_citation.year'                    
10 3 'Structure model' '_citation.journal_volume'          
11 3 'Structure model' '_citation.page_first'              
12 3 'Structure model' '_citation.page_last'               
# 
_pdbx_database_status.status_code                     REL 
_pdbx_database_status.status_code_sf                  REL 
_pdbx_database_status.status_code_mr                  ? 
_pdbx_database_status.entry_id                        7Q6U 
_pdbx_database_status.recvd_initial_deposition_date   2021-11-09 
_pdbx_database_status.SG_entry                        N 
_pdbx_database_status.deposit_site                    PDBE 
_pdbx_database_status.process_site                    PDBE 
_pdbx_database_status.status_code_cs                  ? 
_pdbx_database_status.status_code_nmr_data            ? 
_pdbx_database_status.methods_development_category    ? 
_pdbx_database_status.pdb_format_compatible           Y 
# 
_pdbx_contact_author.id                 2 
_pdbx_contact_author.email              marianne.schimpl@astrazeneca.com 
_pdbx_contact_author.name_first         Marianne 
_pdbx_contact_author.name_last          Schimpl 
_pdbx_contact_author.name_mi            ? 
_pdbx_contact_author.role               'principal investigator/group leader' 
_pdbx_contact_author.identifier_ORCID   0000-0003-2284-5250 
# 
loop_
_audit_author.name 
_audit_author.pdbx_ordinal 
_audit_author.identifier_ORCID 
'Patel, S.J.'       1 ? 
'Winter-Holt, J.J.' 2 ? 
# 
_citation.abstract                  ? 
_citation.abstract_id_CAS           ? 
_citation.book_id_ISBN              ? 
_citation.book_publisher            ? 
_citation.book_publisher_city       ? 
_citation.book_title                ? 
_citation.coordinate_linkage        ? 
_citation.country                   US 
_citation.database_id_Medline       ? 
_citation.details                   ? 
_citation.id                        primary 
_citation.journal_abbrev            J.Med.Chem. 
_citation.journal_id_ASTM           JMCMAR 
_citation.journal_id_CSD            0151 
_citation.journal_id_ISSN           0022-2623 
_citation.journal_full              ? 
_citation.journal_issue             ? 
_citation.journal_volume            65 
_citation.language                  ? 
_citation.page_first                3306 
_citation.page_last                 3331 
_citation.title                     
'Discovery of a Potent and Selective ATAD2 Bromodomain Inhibitor with Antiproliferative Activity in Breast Cancer Models.' 
_citation.year                      2022 
_citation.database_id_CSD           ? 
_citation.pdbx_database_id_DOI      10.1021/acs.jmedchem.1c01871 
_citation.pdbx_database_id_PubMed   35133824 
_citation.pdbx_database_id_patent   ? 
_citation.unpublished_flag          ? 
# 
loop_
_citation_author.citation_id 
_citation_author.name 
_citation_author.ordinal 
_citation_author.identifier_ORCID 
primary 'Winter-Holt, J.J.' 1  ? 
primary 'Bardelle, C.'      2  ? 
primary 'Chiarparin, E.'    3  ? 
primary 'Dale, I.L.'        4  ? 
primary 'Davey, P.R.J.'     5  ? 
primary 'Davies, N.L.'      6  ? 
primary 'Denz, C.'          7  ? 
primary 'Fillery, S.M.'     8  ? 
primary 'Guerot, C.M.'      9  ? 
primary 'Han, F.'           10 ? 
primary 'Hughes, S.J.'      11 ? 
primary 'Kulkarni, M.'      12 ? 
primary 'Liu, Z.'           13 ? 
primary 'Milbradt, A.'      14 ? 
primary 'Moss, T.A.'        15 ? 
primary 'Niu, H.'           16 ? 
primary 'Patel, J.'         17 ? 
primary 'Rabow, A.A.'       18 ? 
primary 'Schimpl, M.'       19 ? 
primary 'Shi, J.'           20 ? 
primary 'Sun, D.'           21 ? 
primary 'Yang, D.'          22 ? 
primary 'Guichard, S.'      23 ? 
# 
loop_
_entity.id 
_entity.type 
_entity.src_method 
_entity.pdbx_description 
_entity.formula_weight 
_entity.pdbx_number_of_molecules 
_entity.pdbx_ec 
_entity.pdbx_mutation 
_entity.pdbx_fragment 
_entity.details 
1 polymer     man 'ATPase family AAA domain-containing protein 2' 15453.514 1   3.6.1.3 ? bromodomain ? 
2 non-polymer syn 'SULFATE ION' 96.063    3   ?       ? ?           ? 
3 non-polymer syn 
'(1R,9S)-13-(3,5-dimethoxy-4-oxidanyl-phenyl)carbonyl-11,13-diazatricyclo[7.3.1.0^{2,7}]trideca-2,4,6-trien-10-one' 368.383   1   
?       ? ?           ? 
4 water       nat water 18.015    192 ?       ? ?           ? 
# 
_entity_name_com.entity_id   1 
_entity_name_com.name        'AAA nuclear coregulator cancer-associated protein,ANCCA' 
# 
_entity_poly.entity_id                      1 
_entity_poly.type                           'polypeptide(L)' 
_entity_poly.nstd_linkage                   no 
_entity_poly.nstd_monomer                   no 
_entity_poly.pdbx_seq_one_letter_code       
;SMQEEDTFRELRIFLRNVTHRLAIDKRFRVFTKPVDPDEVPDYVTVIKQPMDLSSVISKIDLHKYLTVKDYLRDIDLICS
NALEYNPDRDPGDRLIRHRACALRDTAYAIIKEELDEDFEQLCEEIQESR
;
_entity_poly.pdbx_seq_one_letter_code_can   
;SMQEEDTFRELRIFLRNVTHRLAIDKRFRVFTKPVDPDEVPDYVTVIKQPMDLSSVISKIDLHKYLTVKDYLRDIDLICS
NALEYNPDRDPGDRLIRHRACALRDTAYAIIKEELDEDFEQLCEEIQESR
;
_entity_poly.pdbx_strand_id                 A 
_entity_poly.pdbx_target_identifier         ? 
# 
loop_
_pdbx_entity_nonpoly.entity_id 
_pdbx_entity_nonpoly.name 
_pdbx_entity_nonpoly.comp_id 
2 'SULFATE ION'                                                                                                       SO4 
3 '(1R,9S)-13-(3,5-dimethoxy-4-oxidanyl-phenyl)carbonyl-11,13-diazatricyclo[7.3.1.0^{2,7}]trideca-2,4,6-trien-10-one' 963 
4 water                                                                                                               HOH 
# 
loop_
_entity_poly_seq.entity_id 
_entity_poly_seq.num 
_entity_poly_seq.mon_id 
_entity_poly_seq.hetero 
1 1   SER n 
1 2   MET n 
1 3   GLN n 
1 4   GLU n 
1 5   GLU n 
1 6   ASP n 
1 7   THR n 
1 8   PHE n 
1 9   ARG n 
1 10  GLU n 
1 11  LEU n 
1 12  ARG n 
1 13  ILE n 
1 14  PHE n 
1 15  LEU n 
1 16  ARG n 
1 17  ASN n 
1 18  VAL n 
1 19  THR n 
1 20  HIS n 
1 21  ARG n 
1 22  LEU n 
1 23  ALA n 
1 24  ILE n 
1 25  ASP n 
1 26  LYS n 
1 27  ARG n 
1 28  PHE n 
1 29  ARG n 
1 30  VAL n 
1 31  PHE n 
1 32  THR n 
1 33  LYS n 
1 34  PRO n 
1 35  VAL n 
1 36  ASP n 
1 37  PRO n 
1 38  ASP n 
1 39  GLU n 
1 40  VAL n 
1 41  PRO n 
1 42  ASP n 
1 43  TYR n 
1 44  VAL n 
1 45  THR n 
1 46  VAL n 
1 47  ILE n 
1 48  LYS n 
1 49  GLN n 
1 50  PRO n 
1 51  MET n 
1 52  ASP n 
1 53  LEU n 
1 54  SER n 
1 55  SER n 
1 56  VAL n 
1 57  ILE n 
1 58  SER n 
1 59  LYS n 
1 60  ILE n 
1 61  ASP n 
1 62  LEU n 
1 63  HIS n 
1 64  LYS n 
1 65  TYR n 
1 66  LEU n 
1 67  THR n 
1 68  VAL n 
1 69  LYS n 
1 70  ASP n 
1 71  TYR n 
1 72  LEU n 
1 73  ARG n 
1 74  ASP n 
1 75  ILE n 
1 76  ASP n 
1 77  LEU n 
1 78  ILE n 
1 79  CYS n 
1 80  SER n 
1 81  ASN n 
1 82  ALA n 
1 83  LEU n 
1 84  GLU n 
1 85  TYR n 
1 86  ASN n 
1 87  PRO n 
1 88  ASP n 
1 89  ARG n 
1 90  ASP n 
1 91  PRO n 
1 92  GLY n 
1 93  ASP n 
1 94  ARG n 
1 95  LEU n 
1 96  ILE n 
1 97  ARG n 
1 98  HIS n 
1 99  ARG n 
1 100 ALA n 
1 101 CYS n 
1 102 ALA n 
1 103 LEU n 
1 104 ARG n 
1 105 ASP n 
1 106 THR n 
1 107 ALA n 
1 108 TYR n 
1 109 ALA n 
1 110 ILE n 
1 111 ILE n 
1 112 LYS n 
1 113 GLU n 
1 114 GLU n 
1 115 LEU n 
1 116 ASP n 
1 117 GLU n 
1 118 ASP n 
1 119 PHE n 
1 120 GLU n 
1 121 GLN n 
1 122 LEU n 
1 123 CYS n 
1 124 GLU n 
1 125 GLU n 
1 126 ILE n 
1 127 GLN n 
1 128 GLU n 
1 129 SER n 
1 130 ARG n 
# 
_entity_src_gen.entity_id                          1 
_entity_src_gen.pdbx_src_id                        1 
_entity_src_gen.pdbx_alt_source_flag               sample 
_entity_src_gen.pdbx_seq_type                      'Biological sequence' 
_entity_src_gen.pdbx_beg_seq_num                   1 
_entity_src_gen.pdbx_end_seq_num                   130 
_entity_src_gen.gene_src_common_name               Human 
_entity_src_gen.gene_src_genus                     ? 
_entity_src_gen.pdbx_gene_src_gene                 'ATAD2, L16, PRO2000' 
_entity_src_gen.gene_src_species                   ? 
_entity_src_gen.gene_src_strain                    ? 
_entity_src_gen.gene_src_tissue                    ? 
_entity_src_gen.gene_src_tissue_fraction           ? 
_entity_src_gen.gene_src_details                   ? 
_entity_src_gen.pdbx_gene_src_fragment             ? 
_entity_src_gen.pdbx_gene_src_scientific_name      'Homo sapiens' 
_entity_src_gen.pdbx_gene_src_ncbi_taxonomy_id     9606 
_entity_src_gen.pdbx_gene_src_variant              ? 
_entity_src_gen.pdbx_gene_src_cell_line            ? 
_entity_src_gen.pdbx_gene_src_atcc                 ? 
_entity_src_gen.pdbx_gene_src_organ                ? 
_entity_src_gen.pdbx_gene_src_organelle            ? 
_entity_src_gen.pdbx_gene_src_cell                 ? 
_entity_src_gen.pdbx_gene_src_cellular_location    ? 
_entity_src_gen.host_org_common_name               ? 
_entity_src_gen.pdbx_host_org_scientific_name      'Escherichia coli BL21(DE3)' 
_entity_src_gen.pdbx_host_org_ncbi_taxonomy_id     469008 
_entity_src_gen.host_org_genus                     ? 
_entity_src_gen.pdbx_host_org_gene                 ? 
_entity_src_gen.pdbx_host_org_organ                ? 
_entity_src_gen.host_org_species                   ? 
_entity_src_gen.pdbx_host_org_tissue               ? 
_entity_src_gen.pdbx_host_org_tissue_fraction      ? 
_entity_src_gen.pdbx_host_org_strain               Gold 
_entity_src_gen.pdbx_host_org_variant              ? 
_entity_src_gen.pdbx_host_org_cell_line            ? 
_entity_src_gen.pdbx_host_org_atcc                 ? 
_entity_src_gen.pdbx_host_org_culture_collection   ? 
_entity_src_gen.pdbx_host_org_cell                 ? 
_entity_src_gen.pdbx_host_org_organelle            ? 
_entity_src_gen.pdbx_host_org_cellular_location    ? 
_entity_src_gen.pdbx_host_org_vector_type          plasmid 
_entity_src_gen.pdbx_host_org_vector               ? 
_entity_src_gen.host_org_details                   ? 
_entity_src_gen.expression_system_id               ? 
_entity_src_gen.plasmid_name                       ? 
_entity_src_gen.plasmid_details                    ? 
_entity_src_gen.pdbx_description                   ? 
# 
loop_
_chem_comp.id 
_chem_comp.type 
_chem_comp.mon_nstd_flag 
_chem_comp.name 
_chem_comp.pdbx_synonyms 
_chem_comp.formula 
_chem_comp.formula_weight 
963 non-polymer         . 
'(1R,9S)-13-(3,5-dimethoxy-4-oxidanyl-phenyl)carbonyl-11,13-diazatricyclo[7.3.1.0^{2,7}]trideca-2,4,6-trien-10-one' ? 
'C20 H20 N2 O5'  368.383 
ALA 'L-peptide linking' y ALANINE ? 'C3 H7 N O2'     89.093  
ARG 'L-peptide linking' y ARGININE ? 'C6 H15 N4 O2 1' 175.209 
ASN 'L-peptide linking' y ASPARAGINE ? 'C4 H8 N2 O3'    132.118 
ASP 'L-peptide linking' y 'ASPARTIC ACID' ? 'C4 H7 N O4'     133.103 
CYS 'L-peptide linking' y CYSTEINE ? 'C3 H7 N O2 S'   121.158 
GLN 'L-peptide linking' y GLUTAMINE ? 'C5 H10 N2 O3'   146.144 
GLU 'L-peptide linking' y 'GLUTAMIC ACID' ? 'C5 H9 N O4'     147.129 
GLY 'peptide linking'   y GLYCINE ? 'C2 H5 N O2'     75.067  
HIS 'L-peptide linking' y HISTIDINE ? 'C6 H10 N3 O2 1' 156.162 
HOH non-polymer         . WATER ? 'H2 O'           18.015  
ILE 'L-peptide linking' y ISOLEUCINE ? 'C6 H13 N O2'    131.173 
LEU 'L-peptide linking' y LEUCINE ? 'C6 H13 N O2'    131.173 
LYS 'L-peptide linking' y LYSINE ? 'C6 H15 N2 O2 1' 147.195 
MET 'L-peptide linking' y METHIONINE ? 'C5 H11 N O2 S'  149.211 
PHE 'L-peptide linking' y PHENYLALANINE ? 'C9 H11 N O2'    165.189 
PRO 'L-peptide linking' y PROLINE ? 'C5 H9 N O2'     115.130 
SER 'L-peptide linking' y SERINE ? 'C3 H7 N O3'     105.093 
SO4 non-polymer         . 'SULFATE ION' ? 'O4 S -2'        96.063  
THR 'L-peptide linking' y THREONINE ? 'C4 H9 N O3'     119.119 
TYR 'L-peptide linking' y TYROSINE ? 'C9 H11 N O3'    181.189 
VAL 'L-peptide linking' y VALINE ? 'C5 H11 N O2'    117.146 
# 
loop_
_pdbx_poly_seq_scheme.asym_id 
_pdbx_poly_seq_scheme.entity_id 
_pdbx_poly_seq_scheme.seq_id 
_pdbx_poly_seq_scheme.mon_id 
_pdbx_poly_seq_scheme.ndb_seq_num 
_pdbx_poly_seq_scheme.pdb_seq_num 
_pdbx_poly_seq_scheme.auth_seq_num 
_pdbx_poly_seq_scheme.pdb_mon_id 
_pdbx_poly_seq_scheme.auth_mon_id 
_pdbx_poly_seq_scheme.pdb_strand_id 
_pdbx_poly_seq_scheme.pdb_ins_code 
_pdbx_poly_seq_scheme.hetero 
A 1 1   SER 1   979  979  SER SER A . n 
A 1 2   MET 2   980  980  MET MET A . n 
A 1 3   GLN 3   981  981  GLN GLN A . n 
A 1 4   GLU 4   982  982  GLU GLU A . n 
A 1 5   GLU 5   983  983  GLU GLU A . n 
A 1 6   ASP 6   984  984  ASP ASP A . n 
A 1 7   THR 7   985  985  THR THR A . n 
A 1 8   PHE 8   986  986  PHE PHE A . n 
A 1 9   ARG 9   987  987  ARG ARG A . n 
A 1 10  GLU 10  988  988  GLU GLU A . n 
A 1 11  LEU 11  989  989  LEU LEU A . n 
A 1 12  ARG 12  990  990  ARG ARG A . n 
A 1 13  ILE 13  991  991  ILE ILE A . n 
A 1 14  PHE 14  992  992  PHE PHE A . n 
A 1 15  LEU 15  993  993  LEU LEU A . n 
A 1 16  ARG 16  994  994  ARG ARG A . n 
A 1 17  ASN 17  995  995  ASN ASN A . n 
A 1 18  VAL 18  996  996  VAL VAL A . n 
A 1 19  THR 19  997  997  THR THR A . n 
A 1 20  HIS 20  998  998  HIS HIS A . n 
A 1 21  ARG 21  999  999  ARG ARG A . n 
A 1 22  LEU 22  1000 1000 LEU LEU A . n 
A 1 23  ALA 23  1001 1001 ALA ALA A . n 
A 1 24  ILE 24  1002 1002 ILE ILE A . n 
A 1 25  ASP 25  1003 1003 ASP ASP A . n 
A 1 26  LYS 26  1004 1004 LYS LYS A . n 
A 1 27  ARG 27  1005 1005 ARG ARG A . n 
A 1 28  PHE 28  1006 1006 PHE PHE A . n 
A 1 29  ARG 29  1007 1007 ARG ARG A . n 
A 1 30  VAL 30  1008 1008 VAL VAL A . n 
A 1 31  PHE 31  1009 1009 PHE PHE A . n 
A 1 32  THR 32  1010 1010 THR THR A . n 
A 1 33  LYS 33  1011 1011 LYS LYS A . n 
A 1 34  PRO 34  1012 1012 PRO PRO A . n 
A 1 35  VAL 35  1013 1013 VAL VAL A . n 
A 1 36  ASP 36  1014 1014 ASP ASP A . n 
A 1 37  PRO 37  1015 1015 PRO PRO A . n 
A 1 38  ASP 38  1016 1016 ASP ASP A . n 
A 1 39  GLU 39  1017 1017 GLU GLU A . n 
A 1 40  VAL 40  1018 1018 VAL VAL A . n 
A 1 41  PRO 41  1019 1019 PRO PRO A . n 
A 1 42  ASP 42  1020 1020 ASP ASP A . n 
A 1 43  TYR 43  1021 1021 TYR TYR A . n 
A 1 44  VAL 44  1022 1022 VAL VAL A . n 
A 1 45  THR 45  1023 1023 THR THR A . n 
A 1 46  VAL 46  1024 1024 VAL VAL A . n 
A 1 47  ILE 47  1025 1025 ILE ILE A . n 
A 1 48  LYS 48  1026 1026 LYS LYS A . n 
A 1 49  GLN 49  1027 1027 GLN GLN A . n 
A 1 50  PRO 50  1028 1028 PRO PRO A . n 
A 1 51  MET 51  1029 1029 MET MET A . n 
A 1 52  ASP 52  1030 1030 ASP ASP A . n 
A 1 53  LEU 53  1031 1031 LEU LEU A . n 
A 1 54  SER 54  1032 1032 SER SER A . n 
A 1 55  SER 55  1033 1033 SER SER A . n 
A 1 56  VAL 56  1034 1034 VAL VAL A . n 
A 1 57  ILE 57  1035 1035 ILE ILE A . n 
A 1 58  SER 58  1036 1036 SER SER A . n 
A 1 59  LYS 59  1037 1037 LYS LYS A . n 
A 1 60  ILE 60  1038 1038 ILE ILE A . n 
A 1 61  ASP 61  1039 1039 ASP ASP A . n 
A 1 62  LEU 62  1040 1040 LEU LEU A . n 
A 1 63  HIS 63  1041 1041 HIS HIS A . n 
A 1 64  LYS 64  1042 1042 LYS LYS A . n 
A 1 65  TYR 65  1043 1043 TYR TYR A . n 
A 1 66  LEU 66  1044 1044 LEU LEU A . n 
A 1 67  THR 67  1045 1045 THR THR A . n 
A 1 68  VAL 68  1046 1046 VAL VAL A . n 
A 1 69  LYS 69  1047 1047 LYS LYS A . n 
A 1 70  ASP 70  1048 1048 ASP ASP A . n 
A 1 71  TYR 71  1049 1049 TYR TYR A . n 
A 1 72  LEU 72  1050 1050 LEU LEU A . n 
A 1 73  ARG 73  1051 1051 ARG ARG A . n 
A 1 74  ASP 74  1052 1052 ASP ASP A . n 
A 1 75  ILE 75  1053 1053 ILE ILE A . n 
A 1 76  ASP 76  1054 1054 ASP ASP A . n 
A 1 77  LEU 77  1055 1055 LEU LEU A . n 
A 1 78  ILE 78  1056 1056 ILE ILE A . n 
A 1 79  CYS 79  1057 1057 CYS CYS A . n 
A 1 80  SER 80  1058 1058 SER SER A . n 
A 1 81  ASN 81  1059 1059 ASN ASN A . n 
A 1 82  ALA 82  1060 1060 ALA ALA A . n 
A 1 83  LEU 83  1061 1061 LEU LEU A . n 
A 1 84  GLU 84  1062 1062 GLU GLU A . n 
A 1 85  TYR 85  1063 1063 TYR TYR A . n 
A 1 86  ASN 86  1064 1064 ASN ASN A . n 
A 1 87  PRO 87  1065 1065 PRO PRO A . n 
A 1 88  ASP 88  1066 1066 ASP ASP A . n 
A 1 89  ARG 89  1067 1067 ARG ARG A . n 
A 1 90  ASP 90  1068 1068 ASP ASP A . n 
A 1 91  PRO 91  1069 1069 PRO PRO A . n 
A 1 92  GLY 92  1070 1070 GLY GLY A . n 
A 1 93  ASP 93  1071 1071 ASP ASP A . n 
A 1 94  ARG 94  1072 1072 ARG ARG A . n 
A 1 95  LEU 95  1073 1073 LEU LEU A . n 
A 1 96  ILE 96  1074 1074 ILE ILE A . n 
A 1 97  ARG 97  1075 1075 ARG ARG A . n 
A 1 98  HIS 98  1076 1076 HIS HIS A . n 
A 1 99  ARG 99  1077 1077 ARG ARG A . n 
A 1 100 ALA 100 1078 1078 ALA ALA A . n 
A 1 101 CYS 101 1079 1079 CYS CYS A . n 
A 1 102 ALA 102 1080 1080 ALA ALA A . n 
A 1 103 LEU 103 1081 1081 LEU LEU A . n 
A 1 104 ARG 104 1082 1082 ARG ARG A . n 
A 1 105 ASP 105 1083 1083 ASP ASP A . n 
A 1 106 THR 106 1084 1084 THR THR A . n 
A 1 107 ALA 107 1085 1085 ALA ALA A . n 
A 1 108 TYR 108 1086 1086 TYR TYR A . n 
A 1 109 ALA 109 1087 1087 ALA ALA A . n 
A 1 110 ILE 110 1088 1088 ILE ILE A . n 
A 1 111 ILE 111 1089 1089 ILE ILE A . n 
A 1 112 LYS 112 1090 1090 LYS LYS A . n 
A 1 113 GLU 113 1091 1091 GLU GLU A . n 
A 1 114 GLU 114 1092 1092 GLU GLU A . n 
A 1 115 LEU 115 1093 1093 LEU LEU A . n 
A 1 116 ASP 116 1094 1094 ASP ASP A . n 
A 1 117 GLU 117 1095 1095 GLU GLU A . n 
A 1 118 ASP 118 1096 1096 ASP ASP A . n 
A 1 119 PHE 119 1097 1097 PHE PHE A . n 
A 1 120 GLU 120 1098 1098 GLU GLU A . n 
A 1 121 GLN 121 1099 1099 GLN GLN A . n 
A 1 122 LEU 122 1100 1100 LEU LEU A . n 
A 1 123 CYS 123 1101 1101 CYS CYS A . n 
A 1 124 GLU 124 1102 1102 GLU GLU A . n 
A 1 125 GLU 125 1103 1103 GLU GLU A . n 
A 1 126 ILE 126 1104 1104 ILE ILE A . n 
A 1 127 GLN 127 1105 1105 GLN GLN A . n 
A 1 128 GLU 128 1106 1106 GLU GLU A . n 
A 1 129 SER 129 1107 1107 SER SER A . n 
A 1 130 ARG 130 1108 1108 ARG ARG A . n 
# 
loop_
_pdbx_nonpoly_scheme.asym_id 
_pdbx_nonpoly_scheme.entity_id 
_pdbx_nonpoly_scheme.mon_id 
_pdbx_nonpoly_scheme.ndb_seq_num 
_pdbx_nonpoly_scheme.pdb_seq_num 
_pdbx_nonpoly_scheme.auth_seq_num 
_pdbx_nonpoly_scheme.pdb_mon_id 
_pdbx_nonpoly_scheme.auth_mon_id 
_pdbx_nonpoly_scheme.pdb_strand_id 
_pdbx_nonpoly_scheme.pdb_ins_code 
B 2 SO4 1   1201 1   SO4 SO4 A . 
C 2 SO4 1   1202 2   SO4 SO4 A . 
D 2 SO4 1   1203 3   SO4 SO4 A . 
E 3 963 1   1204 1   963 INL A . 
F 4 HOH 1   1301 164 HOH HOH A . 
F 4 HOH 2   1302 25  HOH HOH A . 
F 4 HOH 3   1303 186 HOH HOH A . 
F 4 HOH 4   1304 184 HOH HOH A . 
F 4 HOH 5   1305 19  HOH HOH A . 
F 4 HOH 6   1306 182 HOH HOH A . 
F 4 HOH 7   1307 52  HOH HOH A . 
F 4 HOH 8   1308 39  HOH HOH A . 
F 4 HOH 9   1309 125 HOH HOH A . 
F 4 HOH 10  1310 60  HOH HOH A . 
F 4 HOH 11  1311 17  HOH HOH A . 
F 4 HOH 12  1312 223 HOH HOH A . 
F 4 HOH 13  1313 13  HOH HOH A . 
F 4 HOH 14  1314 33  HOH HOH A . 
F 4 HOH 15  1315 234 HOH HOH A . 
F 4 HOH 16  1316 5   HOH HOH A . 
F 4 HOH 17  1317 26  HOH HOH A . 
F 4 HOH 18  1318 75  HOH HOH A . 
F 4 HOH 19  1319 124 HOH HOH A . 
F 4 HOH 20  1320 10  HOH HOH A . 
F 4 HOH 21  1321 7   HOH HOH A . 
F 4 HOH 22  1322 127 HOH HOH A . 
F 4 HOH 23  1323 137 HOH HOH A . 
F 4 HOH 24  1324 179 HOH HOH A . 
F 4 HOH 25  1325 45  HOH HOH A . 
F 4 HOH 26  1326 15  HOH HOH A . 
F 4 HOH 27  1327 183 HOH HOH A . 
F 4 HOH 28  1328 63  HOH HOH A . 
F 4 HOH 29  1329 44  HOH HOH A . 
F 4 HOH 30  1330 193 HOH HOH A . 
F 4 HOH 31  1331 188 HOH HOH A . 
F 4 HOH 32  1332 150 HOH HOH A . 
F 4 HOH 33  1333 2   HOH HOH A . 
F 4 HOH 34  1334 64  HOH HOH A . 
F 4 HOH 35  1335 128 HOH HOH A . 
F 4 HOH 36  1336 221 HOH HOH A . 
F 4 HOH 37  1337 8   HOH HOH A . 
F 4 HOH 38  1338 94  HOH HOH A . 
F 4 HOH 39  1339 20  HOH HOH A . 
F 4 HOH 40  1340 70  HOH HOH A . 
F 4 HOH 41  1341 100 HOH HOH A . 
F 4 HOH 42  1342 168 HOH HOH A . 
F 4 HOH 43  1343 144 HOH HOH A . 
F 4 HOH 44  1344 16  HOH HOH A . 
F 4 HOH 45  1345 80  HOH HOH A . 
F 4 HOH 46  1346 31  HOH HOH A . 
F 4 HOH 47  1347 126 HOH HOH A . 
F 4 HOH 48  1348 83  HOH HOH A . 
F 4 HOH 49  1349 214 HOH HOH A . 
F 4 HOH 50  1350 9   HOH HOH A . 
F 4 HOH 51  1351 40  HOH HOH A . 
F 4 HOH 52  1352 166 HOH HOH A . 
F 4 HOH 53  1353 27  HOH HOH A . 
F 4 HOH 54  1354 12  HOH HOH A . 
F 4 HOH 55  1355 132 HOH HOH A . 
F 4 HOH 56  1356 141 HOH HOH A . 
F 4 HOH 57  1357 96  HOH HOH A . 
F 4 HOH 58  1358 49  HOH HOH A . 
F 4 HOH 59  1359 41  HOH HOH A . 
F 4 HOH 60  1360 158 HOH HOH A . 
F 4 HOH 61  1361 92  HOH HOH A . 
F 4 HOH 62  1362 136 HOH HOH A . 
F 4 HOH 63  1363 47  HOH HOH A . 
F 4 HOH 64  1364 118 HOH HOH A . 
F 4 HOH 65  1365 215 HOH HOH A . 
F 4 HOH 66  1366 3   HOH HOH A . 
F 4 HOH 67  1367 4   HOH HOH A . 
F 4 HOH 68  1368 42  HOH HOH A . 
F 4 HOH 69  1369 46  HOH HOH A . 
F 4 HOH 70  1370 48  HOH HOH A . 
F 4 HOH 71  1371 50  HOH HOH A . 
F 4 HOH 72  1372 51  HOH HOH A . 
F 4 HOH 73  1373 81  HOH HOH A . 
F 4 HOH 74  1374 228 HOH HOH A . 
F 4 HOH 75  1375 6   HOH HOH A . 
F 4 HOH 76  1376 1   HOH HOH A . 
F 4 HOH 77  1377 65  HOH HOH A . 
F 4 HOH 78  1378 36  HOH HOH A . 
F 4 HOH 79  1379 59  HOH HOH A . 
F 4 HOH 80  1380 159 HOH HOH A . 
F 4 HOH 81  1381 231 HOH HOH A . 
F 4 HOH 82  1382 138 HOH HOH A . 
F 4 HOH 83  1383 107 HOH HOH A . 
F 4 HOH 84  1384 115 HOH HOH A . 
F 4 HOH 85  1385 149 HOH HOH A . 
F 4 HOH 86  1386 14  HOH HOH A . 
F 4 HOH 87  1387 22  HOH HOH A . 
F 4 HOH 88  1388 140 HOH HOH A . 
F 4 HOH 89  1389 187 HOH HOH A . 
F 4 HOH 90  1390 35  HOH HOH A . 
F 4 HOH 91  1391 58  HOH HOH A . 
F 4 HOH 92  1392 91  HOH HOH A . 
F 4 HOH 93  1393 195 HOH HOH A . 
F 4 HOH 94  1394 162 HOH HOH A . 
F 4 HOH 95  1395 109 HOH HOH A . 
F 4 HOH 96  1396 130 HOH HOH A . 
F 4 HOH 97  1397 71  HOH HOH A . 
F 4 HOH 98  1398 77  HOH HOH A . 
F 4 HOH 99  1399 133 HOH HOH A . 
F 4 HOH 100 1400 61  HOH HOH A . 
F 4 HOH 101 1401 97  HOH HOH A . 
F 4 HOH 102 1402 53  HOH HOH A . 
F 4 HOH 103 1403 163 HOH HOH A . 
F 4 HOH 104 1404 121 HOH HOH A . 
F 4 HOH 105 1405 38  HOH HOH A . 
F 4 HOH 106 1406 230 HOH HOH A . 
F 4 HOH 107 1407 66  HOH HOH A . 
F 4 HOH 108 1408 90  HOH HOH A . 
F 4 HOH 109 1409 219 HOH HOH A . 
F 4 HOH 110 1410 131 HOH HOH A . 
F 4 HOH 111 1411 224 HOH HOH A . 
F 4 HOH 112 1412 218 HOH HOH A . 
F 4 HOH 113 1413 87  HOH HOH A . 
F 4 HOH 114 1414 89  HOH HOH A . 
F 4 HOH 115 1415 167 HOH HOH A . 
F 4 HOH 116 1416 135 HOH HOH A . 
F 4 HOH 117 1417 21  HOH HOH A . 
F 4 HOH 118 1418 192 HOH HOH A . 
F 4 HOH 119 1419 74  HOH HOH A . 
F 4 HOH 120 1420 232 HOH HOH A . 
F 4 HOH 121 1421 62  HOH HOH A . 
F 4 HOH 122 1422 105 HOH HOH A . 
F 4 HOH 123 1423 11  HOH HOH A . 
F 4 HOH 124 1424 210 HOH HOH A . 
F 4 HOH 125 1425 139 HOH HOH A . 
F 4 HOH 126 1426 18  HOH HOH A . 
F 4 HOH 127 1427 85  HOH HOH A . 
F 4 HOH 128 1428 176 HOH HOH A . 
F 4 HOH 129 1429 170 HOH HOH A . 
F 4 HOH 130 1430 78  HOH HOH A . 
F 4 HOH 131 1431 160 HOH HOH A . 
F 4 HOH 132 1432 205 HOH HOH A . 
F 4 HOH 133 1433 175 HOH HOH A . 
F 4 HOH 134 1434 227 HOH HOH A . 
F 4 HOH 135 1435 84  HOH HOH A . 
F 4 HOH 136 1436 161 HOH HOH A . 
F 4 HOH 137 1437 146 HOH HOH A . 
F 4 HOH 138 1438 220 HOH HOH A . 
F 4 HOH 139 1439 95  HOH HOH A . 
F 4 HOH 140 1440 119 HOH HOH A . 
F 4 HOH 141 1441 32  HOH HOH A . 
F 4 HOH 142 1442 153 HOH HOH A . 
F 4 HOH 143 1443 98  HOH HOH A . 
F 4 HOH 144 1444 76  HOH HOH A . 
F 4 HOH 145 1445 37  HOH HOH A . 
F 4 HOH 146 1446 196 HOH HOH A . 
F 4 HOH 147 1447 79  HOH HOH A . 
F 4 HOH 148 1448 233 HOH HOH A . 
F 4 HOH 149 1449 225 HOH HOH A . 
F 4 HOH 150 1450 204 HOH HOH A . 
F 4 HOH 151 1451 29  HOH HOH A . 
F 4 HOH 152 1452 88  HOH HOH A . 
F 4 HOH 153 1453 217 HOH HOH A . 
F 4 HOH 154 1454 203 HOH HOH A . 
F 4 HOH 155 1455 191 HOH HOH A . 
F 4 HOH 156 1456 151 HOH HOH A . 
F 4 HOH 157 1457 229 HOH HOH A . 
F 4 HOH 158 1458 145 HOH HOH A . 
F 4 HOH 159 1459 23  HOH HOH A . 
F 4 HOH 160 1460 155 HOH HOH A . 
F 4 HOH 161 1461 72  HOH HOH A . 
F 4 HOH 162 1462 99  HOH HOH A . 
F 4 HOH 163 1463 106 HOH HOH A . 
F 4 HOH 164 1464 189 HOH HOH A . 
F 4 HOH 165 1465 82  HOH HOH A . 
F 4 HOH 166 1466 104 HOH HOH A . 
F 4 HOH 167 1467 174 HOH HOH A . 
F 4 HOH 168 1468 142 HOH HOH A . 
F 4 HOH 169 1469 226 HOH HOH A . 
F 4 HOH 170 1470 209 HOH HOH A . 
F 4 HOH 171 1471 169 HOH HOH A . 
F 4 HOH 172 1472 93  HOH HOH A . 
F 4 HOH 173 1473 86  HOH HOH A . 
F 4 HOH 174 1474 114 HOH HOH A . 
F 4 HOH 175 1475 216 HOH HOH A . 
F 4 HOH 176 1476 57  HOH HOH A . 
F 4 HOH 177 1477 147 HOH HOH A . 
F 4 HOH 178 1478 201 HOH HOH A . 
F 4 HOH 179 1479 185 HOH HOH A . 
F 4 HOH 180 1480 199 HOH HOH A . 
F 4 HOH 181 1481 154 HOH HOH A . 
F 4 HOH 182 1482 101 HOH HOH A . 
F 4 HOH 183 1483 171 HOH HOH A . 
F 4 HOH 184 1484 129 HOH HOH A . 
F 4 HOH 185 1485 103 HOH HOH A . 
F 4 HOH 186 1486 222 HOH HOH A . 
F 4 HOH 187 1487 235 HOH HOH A . 
F 4 HOH 188 1488 152 HOH HOH A . 
F 4 HOH 189 1489 177 HOH HOH A . 
F 4 HOH 190 1490 211 HOH HOH A . 
F 4 HOH 191 1491 117 HOH HOH A . 
F 4 HOH 192 1492 178 HOH HOH A . 
# 
loop_
_software.citation_id 
_software.classification 
_software.compiler_name 
_software.compiler_version 
_software.contact_author 
_software.contact_author_email 
_software.date 
_software.description 
_software.dependencies 
_software.hardware 
_software.language 
_software.location 
_software.mods 
_software.name 
_software.os 
_software.os_version 
_software.type 
_software.version 
_software.pdbx_ordinal 
? 'data scaling'    ? ? ? ? ? ? ? ? ? ? ? Aimless     ? ? ? 0.2.17 1 
? refinement        ? ? ? ? ? ? ? ? ? ? ? BUSTER      ? ? ? 2.11.5 2 
? 'data extraction' ? ? ? ? ? ? ? ? ? ? ? PDB_EXTRACT ? ? ? 3.27   3 
? phasing           ? ? ? ? ? ? ? ? ? ? ? AMoRE       ? ? ? .      4 
# 
_cell.angle_alpha                  90.000 
_cell.angle_alpha_esd              ? 
_cell.angle_beta                   90.000 
_cell.angle_beta_esd               ? 
_cell.angle_gamma                  120.000 
_cell.angle_gamma_esd              ? 
_cell.entry_id                     7Q6U 
_cell.details                      ? 
_cell.formula_units_Z              ? 
_cell.length_a                     79.039 
_cell.length_a_esd                 ? 
_cell.length_b                     79.039 
_cell.length_b_esd                 ? 
_cell.length_c                     137.850 
_cell.length_c_esd                 ? 
_cell.volume                       ? 
_cell.volume_esd                   ? 
_cell.Z_PDB                        12 
_cell.reciprocal_angle_alpha       ? 
_cell.reciprocal_angle_beta        ? 
_cell.reciprocal_angle_gamma       ? 
_cell.reciprocal_angle_alpha_esd   ? 
_cell.reciprocal_angle_beta_esd    ? 
_cell.reciprocal_angle_gamma_esd   ? 
_cell.reciprocal_length_a          ? 
_cell.reciprocal_length_b          ? 
_cell.reciprocal_length_c          ? 
_cell.reciprocal_length_a_esd      ? 
_cell.reciprocal_length_b_esd      ? 
_cell.reciprocal_length_c_esd      ? 
_cell.pdbx_unique_axis             ? 
# 
_symmetry.entry_id                         7Q6U 
_symmetry.cell_setting                     ? 
_symmetry.Int_Tables_number                179 
_symmetry.space_group_name_Hall            ? 
_symmetry.space_group_name_H-M             'P 65 2 2' 
_symmetry.pdbx_full_space_group_name_H-M   ? 
# 
_exptl.absorpt_coefficient_mu     ? 
_exptl.absorpt_correction_T_max   ? 
_exptl.absorpt_correction_T_min   ? 
_exptl.absorpt_correction_type    ? 
_exptl.absorpt_process_details    ? 
_exptl.entry_id                   7Q6U 
_exptl.crystals_number            1 
_exptl.details                    ? 
_exptl.method                     'X-RAY DIFFRACTION' 
_exptl.method_details             ? 
# 
_exptl_crystal.colour                      ? 
_exptl_crystal.density_diffrn              ? 
_exptl_crystal.density_Matthews            4.02 
_exptl_crystal.density_method              ? 
_exptl_crystal.density_percent_sol         69.42 
_exptl_crystal.description                 ? 
_exptl_crystal.F_000                       ? 
_exptl_crystal.id                          1 
_exptl_crystal.preparation                 ? 
_exptl_crystal.size_max                    ? 
_exptl_crystal.size_mid                    ? 
_exptl_crystal.size_min                    ? 
_exptl_crystal.size_rad                    ? 
_exptl_crystal.colour_lustre               ? 
_exptl_crystal.colour_modifier             ? 
_exptl_crystal.colour_primary              ? 
_exptl_crystal.density_meas                ? 
_exptl_crystal.density_meas_esd            ? 
_exptl_crystal.density_meas_gt             ? 
_exptl_crystal.density_meas_lt             ? 
_exptl_crystal.density_meas_temp           ? 
_exptl_crystal.density_meas_temp_esd       ? 
_exptl_crystal.density_meas_temp_gt        ? 
_exptl_crystal.density_meas_temp_lt        ? 
_exptl_crystal.pdbx_crystal_image_url      ? 
_exptl_crystal.pdbx_crystal_image_format   ? 
_exptl_crystal.pdbx_mosaicity              ? 
_exptl_crystal.pdbx_mosaicity_esd          ? 
# 
_exptl_crystal_grow.apparatus       ? 
_exptl_crystal_grow.atmosphere      ? 
_exptl_crystal_grow.crystal_id      1 
_exptl_crystal_grow.details         ? 
_exptl_crystal_grow.method          'VAPOR DIFFUSION' 
_exptl_crystal_grow.method_ref      ? 
_exptl_crystal_grow.pH              6.25 
_exptl_crystal_grow.pressure        ? 
_exptl_crystal_grow.pressure_esd    ? 
_exptl_crystal_grow.seeding         ? 
_exptl_crystal_grow.seeding_ref     ? 
_exptl_crystal_grow.temp            298 
_exptl_crystal_grow.temp_details    ? 
_exptl_crystal_grow.temp_esd        ? 
_exptl_crystal_grow.time            ? 
_exptl_crystal_grow.pdbx_details    
;ATAD2 (981-1108) at 12 mg/ml in 25 mM Tris pH 9.7, 300 mM NaCl, 0.5 mM TCEP crystallised from 20% PEG 3350, 0.2 M ammonium sulfate, 0.1 M Bis-Tris pH 6.25. Ligands were introduced by soaking, cryo-protection with 20 % glycerol.
;
_exptl_crystal_grow.pdbx_pH_range   ? 
# 
_diffrn.ambient_environment              ? 
_diffrn.ambient_temp                     100 
_diffrn.ambient_temp_details             ? 
_diffrn.ambient_temp_esd                 ? 
_diffrn.crystal_id                       1 
_diffrn.crystal_support                  ? 
_diffrn.crystal_treatment                ? 
_diffrn.details                          ? 
_diffrn.id                               1 
_diffrn.ambient_pressure                 ? 
_diffrn.ambient_pressure_esd             ? 
_diffrn.ambient_pressure_gt              ? 
_diffrn.ambient_pressure_lt              ? 
_diffrn.ambient_temp_gt                  ? 
_diffrn.ambient_temp_lt                  ? 
_diffrn.pdbx_serial_crystal_experiment   N 
# 
_diffrn_detector.details                      ? 
_diffrn_detector.detector                     CCD 
_diffrn_detector.diffrn_id                    1 
_diffrn_detector.type                         'RIGAKU SATURN 944+' 
_diffrn_detector.area_resol_mean              ? 
_diffrn_detector.dtime                        ? 
_diffrn_detector.pdbx_frames_total            ? 
_diffrn_detector.pdbx_collection_time_total   ? 
_diffrn_detector.pdbx_collection_date         2015-07-07 
_diffrn_detector.pdbx_frequency               ? 
# 
_diffrn_radiation.collimation                      ? 
_diffrn_radiation.diffrn_id                        1 
_diffrn_radiation.filter_edge                      ? 
_diffrn_radiation.inhomogeneity                    ? 
_diffrn_radiation.monochromator                    ? 
_diffrn_radiation.polarisn_norm                    ? 
_diffrn_radiation.polarisn_ratio                   ? 
_diffrn_radiation.probe                            ? 
_diffrn_radiation.type                             ? 
_diffrn_radiation.xray_symbol                      ? 
_diffrn_radiation.wavelength_id                    1 
_diffrn_radiation.pdbx_monochromatic_or_laue_m_l   M 
_diffrn_radiation.pdbx_wavelength_list             ? 
_diffrn_radiation.pdbx_wavelength                  ? 
_diffrn_radiation.pdbx_diffrn_protocol             'SINGLE WAVELENGTH' 
_diffrn_radiation.pdbx_analyzer                    ? 
_diffrn_radiation.pdbx_scattering_type             x-ray 
# 
_diffrn_radiation_wavelength.id           1 
_diffrn_radiation_wavelength.wavelength   1.5406 
_diffrn_radiation_wavelength.wt           1.0 
# 
_diffrn_source.current                     ? 
_diffrn_source.details                     ? 
_diffrn_source.diffrn_id                   1 
_diffrn_source.power                       ? 
_diffrn_source.size                        ? 
_diffrn_source.source                      'ROTATING ANODE' 
_diffrn_source.target                      ? 
_diffrn_source.type                        'RIGAKU FR-E+' 
_diffrn_source.voltage                     ? 
_diffrn_source.take-off_angle              ? 
_diffrn_source.pdbx_wavelength_list        1.5406 
_diffrn_source.pdbx_wavelength             ? 
_diffrn_source.pdbx_synchrotron_beamline   ? 
_diffrn_source.pdbx_synchrotron_site       ? 
# 
_reflns.B_iso_Wilson_estimate                          26.760 
_reflns.entry_id                                       7Q6U 
_reflns.data_reduction_details                         ? 
_reflns.data_reduction_method                          ? 
_reflns.d_resolution_high                              1.950 
_reflns.d_resolution_low                               68.930 
_reflns.details                                        ? 
_reflns.limit_h_max                                    ? 
_reflns.limit_h_min                                    ? 
_reflns.limit_k_max                                    ? 
_reflns.limit_k_min                                    ? 
_reflns.limit_l_max                                    ? 
_reflns.limit_l_min                                    ? 
_reflns.number_all                                     ? 
_reflns.number_obs                                     19205 
_reflns.observed_criterion                             ? 
_reflns.observed_criterion_F_max                       ? 
_reflns.observed_criterion_F_min                       ? 
_reflns.observed_criterion_I_max                       ? 
_reflns.observed_criterion_I_min                       ? 
_reflns.observed_criterion_sigma_F                     ? 
_reflns.observed_criterion_sigma_I                     ? 
_reflns.percent_possible_obs                           99.800 
_reflns.R_free_details                                 ? 
_reflns.Rmerge_F_all                                   ? 
_reflns.Rmerge_F_obs                                   ? 
_reflns.Friedel_coverage                               ? 
_reflns.number_gt                                      ? 
_reflns.threshold_expression                           ? 
_reflns.pdbx_redundancy                                5.800 
_reflns.pdbx_Rmerge_I_obs                              0.095 
_reflns.pdbx_Rmerge_I_all                              ? 
_reflns.pdbx_Rsym_value                                ? 
_reflns.pdbx_netI_over_av_sigmaI                       ? 
_reflns.pdbx_netI_over_sigmaI                          17.000 
_reflns.pdbx_res_netI_over_av_sigmaI_2                 ? 
_reflns.pdbx_res_netI_over_sigmaI_2                    ? 
_reflns.pdbx_chi_squared                               ? 
_reflns.pdbx_scaling_rejects                           ? 
_reflns.pdbx_d_res_high_opt                            ? 
_reflns.pdbx_d_res_low_opt                             ? 
_reflns.pdbx_d_res_opt_method                          ? 
_reflns.phase_calculation_details                      ? 
_reflns.pdbx_Rrim_I_all                                0.104 
_reflns.pdbx_Rpim_I_all                                0.042 
_reflns.pdbx_d_opt                                     ? 
_reflns.pdbx_number_measured_all                       112343 
_reflns.pdbx_diffrn_id                                 1 
_reflns.pdbx_ordinal                                   1 
_reflns.pdbx_CC_half                                   0.999 
_reflns.pdbx_CC_star                                   ? 
_reflns.pdbx_R_split                                   ? 
_reflns.pdbx_aniso_diffraction_limit_axis_1_ortho[1]   ? 
_reflns.pdbx_aniso_diffraction_limit_axis_1_ortho[2]   ? 
_reflns.pdbx_aniso_diffraction_limit_axis_1_ortho[3]   ? 
_reflns.pdbx_aniso_diffraction_limit_axis_2_ortho[1]   ? 
_reflns.pdbx_aniso_diffraction_limit_axis_2_ortho[2]   ? 
_reflns.pdbx_aniso_diffraction_limit_axis_2_ortho[3]   ? 
_reflns.pdbx_aniso_diffraction_limit_axis_3_ortho[1]   ? 
_reflns.pdbx_aniso_diffraction_limit_axis_3_ortho[2]   ? 
_reflns.pdbx_aniso_diffraction_limit_axis_3_ortho[3]   ? 
_reflns.pdbx_aniso_diffraction_limit_1                 ? 
_reflns.pdbx_aniso_diffraction_limit_2                 ? 
_reflns.pdbx_aniso_diffraction_limit_3                 ? 
_reflns.pdbx_aniso_B_tensor_eigenvector_1_ortho[1]     ? 
_reflns.pdbx_aniso_B_tensor_eigenvector_1_ortho[2]     ? 
_reflns.pdbx_aniso_B_tensor_eigenvector_1_ortho[3]     ? 
_reflns.pdbx_aniso_B_tensor_eigenvector_2_ortho[1]     ? 
_reflns.pdbx_aniso_B_tensor_eigenvector_2_ortho[2]     ? 
_reflns.pdbx_aniso_B_tensor_eigenvector_2_ortho[3]     ? 
_reflns.pdbx_aniso_B_tensor_eigenvector_3_ortho[1]     ? 
_reflns.pdbx_aniso_B_tensor_eigenvector_3_ortho[2]     ? 
_reflns.pdbx_aniso_B_tensor_eigenvector_3_ortho[3]     ? 
_reflns.pdbx_aniso_B_tensor_eigenvalue_1               ? 
_reflns.pdbx_aniso_B_tensor_eigenvalue_2               ? 
_reflns.pdbx_aniso_B_tensor_eigenvalue_3               ? 
_reflns.pdbx_orthogonalization_convention              ? 
_reflns.pdbx_percent_possible_ellipsoidal              ? 
_reflns.pdbx_percent_possible_spherical                ? 
_reflns.pdbx_percent_possible_ellipsoidal_anomalous    ? 
_reflns.pdbx_percent_possible_spherical_anomalous      ? 
_reflns.pdbx_redundancy_anomalous                      ? 
_reflns.pdbx_CC_half_anomalous                         ? 
_reflns.pdbx_absDiff_over_sigma_anomalous              ? 
_reflns.pdbx_percent_possible_anomalous                ? 
_reflns.pdbx_observed_signal_threshold                 ? 
_reflns.pdbx_signal_type                               ? 
_reflns.pdbx_signal_details                            ? 
_reflns.pdbx_signal_software_id                        ? 
# 
loop_
_reflns_shell.d_res_high 
_reflns_shell.d_res_low 
_reflns_shell.meanI_over_sigI_all 
_reflns_shell.meanI_over_sigI_obs 
_reflns_shell.number_measured_all 
_reflns_shell.number_measured_obs 
_reflns_shell.number_possible 
_reflns_shell.number_unique_all 
_reflns_shell.number_unique_obs 
_reflns_shell.percent_possible_all 
_reflns_shell.percent_possible_obs 
_reflns_shell.Rmerge_F_all 
_reflns_shell.Rmerge_F_obs 
_reflns_shell.Rmerge_I_all 
_reflns_shell.Rmerge_I_obs 
_reflns_shell.meanI_over_sigI_gt 
_reflns_shell.meanI_over_uI_all 
_reflns_shell.meanI_over_uI_gt 
_reflns_shell.number_measured_gt 
_reflns_shell.number_unique_gt 
_reflns_shell.percent_possible_gt 
_reflns_shell.Rmerge_F_gt 
_reflns_shell.Rmerge_I_gt 
_reflns_shell.pdbx_redundancy 
_reflns_shell.pdbx_Rsym_value 
_reflns_shell.pdbx_chi_squared 
_reflns_shell.pdbx_netI_over_sigmaI_all 
_reflns_shell.pdbx_netI_over_sigmaI_obs 
_reflns_shell.pdbx_Rrim_I_all 
_reflns_shell.pdbx_Rpim_I_all 
_reflns_shell.pdbx_rejects 
_reflns_shell.pdbx_ordinal 
_reflns_shell.pdbx_diffrn_id 
_reflns_shell.pdbx_CC_half 
_reflns_shell.pdbx_CC_star 
_reflns_shell.pdbx_R_split 
_reflns_shell.pdbx_percent_possible_ellipsoidal 
_reflns_shell.pdbx_percent_possible_spherical 
_reflns_shell.pdbx_percent_possible_ellipsoidal_anomalous 
_reflns_shell.pdbx_percent_possible_spherical_anomalous 
_reflns_shell.pdbx_redundancy_anomalous 
_reflns_shell.pdbx_CC_half_anomalous 
_reflns_shell.pdbx_absDiff_over_sigma_anomalous 
_reflns_shell.pdbx_percent_possible_anomalous 
1.950 2.110  ? ? 20292 ? ? ? 3832 99.100 ? ? ? ? 0.667 ? ? ? ? ? ? ? ? 5.300 ? ? ? 2.900  0.738 0.308 ? 1 1 0.747 ? ? ? ? ? ? ? ? 
? ? 
5.170 68.930 ? ? 6417  ? ? ? 1198 99.500 ? ? ? ? 0.026 ? ? ? ? ? ? ? ? 5.400 ? ? ? 50.500 0.029 0.012 ? 2 1 1.000 ? ? ? ? ? ? ? ? 
? ? 
# 
_refine.aniso_B[1][1]                            0.1181 
_refine.aniso_B[1][2]                            0.0000 
_refine.aniso_B[1][3]                            0.0000 
_refine.aniso_B[2][2]                            0.1181 
_refine.aniso_B[2][3]                            0.0000 
_refine.aniso_B[3][3]                            -0.2361 
_refine.B_iso_max                                99.700 
_refine.B_iso_mean                               31.2500 
_refine.B_iso_min                                11.510 
_refine.correlation_coeff_Fo_to_Fc               0.9431 
_refine.correlation_coeff_Fo_to_Fc_free          0.9424 
_refine.details                                  ? 
_refine.diff_density_max                         ? 
_refine.diff_density_max_esd                     ? 
_refine.diff_density_min                         ? 
_refine.diff_density_min_esd                     ? 
_refine.diff_density_rms                         ? 
_refine.diff_density_rms_esd                     ? 
_refine.entry_id                                 7Q6U 
_refine.pdbx_refine_id                           'X-RAY DIFFRACTION' 
_refine.ls_abs_structure_details                 ? 
_refine.ls_abs_structure_Flack                   ? 
_refine.ls_abs_structure_Flack_esd               ? 
_refine.ls_abs_structure_Rogers                  ? 
_refine.ls_abs_structure_Rogers_esd              ? 
_refine.ls_d_res_high                            1.9500 
_refine.ls_d_res_low                             48.5700 
_refine.ls_extinction_coef                       ? 
_refine.ls_extinction_coef_esd                   ? 
_refine.ls_extinction_expression                 ? 
_refine.ls_extinction_method                     ? 
_refine.ls_goodness_of_fit_all                   ? 
_refine.ls_goodness_of_fit_all_esd               ? 
_refine.ls_goodness_of_fit_obs                   ? 
_refine.ls_goodness_of_fit_obs_esd               ? 
_refine.ls_hydrogen_treatment                    ? 
_refine.ls_matrix_type                           ? 
_refine.ls_number_constraints                    ? 
_refine.ls_number_parameters                     ? 
_refine.ls_number_reflns_all                     ? 
_refine.ls_number_reflns_obs                     19140 
_refine.ls_number_reflns_R_free                  973 
_refine.ls_number_reflns_R_work                  ? 
_refine.ls_number_restraints                     ? 
_refine.ls_percent_reflns_obs                    99.3200 
_refine.ls_percent_reflns_R_free                 5.0800 
_refine.ls_R_factor_all                          ? 
_refine.ls_R_factor_obs                          0.1865 
_refine.ls_R_factor_R_free                       0.1993 
_refine.ls_R_factor_R_free_error                 ? 
_refine.ls_R_factor_R_free_error_details         ? 
_refine.ls_R_factor_R_work                       0.1858 
_refine.ls_R_Fsqd_factor_obs                     ? 
_refine.ls_R_I_factor_obs                        ? 
_refine.ls_redundancy_reflns_all                 ? 
_refine.ls_redundancy_reflns_obs                 ? 
_refine.ls_restrained_S_all                      ? 
_refine.ls_restrained_S_obs                      ? 
_refine.ls_shift_over_esd_max                    ? 
_refine.ls_shift_over_esd_mean                   ? 
_refine.ls_structure_factor_coef                 ? 
_refine.ls_weighting_details                     ? 
_refine.ls_weighting_scheme                      ? 
_refine.ls_wR_factor_all                         ? 
_refine.ls_wR_factor_obs                         ? 
_refine.ls_wR_factor_R_free                      ? 
_refine.ls_wR_factor_R_work                      ? 
_refine.occupancy_max                            ? 
_refine.occupancy_min                            ? 
_refine.solvent_model_details                    ? 
_refine.solvent_model_param_bsol                 ? 
_refine.solvent_model_param_ksol                 ? 
_refine.pdbx_R_complete                          ? 
_refine.ls_R_factor_gt                           ? 
_refine.ls_goodness_of_fit_gt                    ? 
_refine.ls_goodness_of_fit_ref                   ? 
_refine.ls_shift_over_su_max                     ? 
_refine.ls_shift_over_su_max_lt                  ? 
_refine.ls_shift_over_su_mean                    ? 
_refine.ls_shift_over_su_mean_lt                 ? 
_refine.pdbx_ls_sigma_I                          ? 
_refine.pdbx_ls_sigma_F                          0.000 
_refine.pdbx_ls_sigma_Fsqd                       ? 
_refine.pdbx_data_cutoff_high_absF               ? 
_refine.pdbx_data_cutoff_high_rms_absF           ? 
_refine.pdbx_data_cutoff_low_absF                ? 
_refine.pdbx_isotropic_thermal_model             ? 
_refine.pdbx_ls_cross_valid_method               THROUGHOUT 
_refine.pdbx_method_to_determine_struct          'MOLECULAR REPLACEMENT' 
_refine.pdbx_starting_model                      'internal model' 
_refine.pdbx_stereochemistry_target_values       ? 
_refine.pdbx_R_Free_selection_details            RANDOM 
_refine.pdbx_stereochem_target_val_spec_case     ? 
_refine.pdbx_overall_ESU_R                       ? 
_refine.pdbx_overall_ESU_R_Free                  ? 
_refine.pdbx_solvent_vdw_probe_radii             ? 
_refine.pdbx_solvent_ion_probe_radii             ? 
_refine.pdbx_solvent_shrinkage_radii             ? 
_refine.pdbx_real_space_R                        ? 
_refine.pdbx_density_correlation                 ? 
_refine.pdbx_pd_number_of_powder_patterns        ? 
_refine.pdbx_pd_number_of_points                 ? 
_refine.pdbx_pd_meas_number_of_points            ? 
_refine.pdbx_pd_proc_ls_prof_R_factor            ? 
_refine.pdbx_pd_proc_ls_prof_wR_factor           ? 
_refine.pdbx_pd_Marquardt_correlation_coeff      ? 
_refine.pdbx_pd_Fsqrd_R_factor                   ? 
_refine.pdbx_pd_ls_matrix_band_width             ? 
_refine.pdbx_overall_phase_error                 ? 
_refine.pdbx_overall_SU_R_free_Cruickshank_DPI   0.1020 
_refine.pdbx_overall_SU_R_free_Blow_DPI          0.1110 
_refine.pdbx_overall_SU_R_Blow_DPI               0.1270 
_refine.pdbx_TLS_residual_ADP_flag               ? 
_refine.pdbx_diffrn_id                           1 
_refine.overall_SU_B                             ? 
_refine.overall_SU_ML                            ? 
_refine.overall_SU_R_Cruickshank_DPI             0.1120 
_refine.overall_SU_R_free                        ? 
_refine.overall_FOM_free_R_set                   ? 
_refine.overall_FOM_work_R_set                   ? 
_refine.pdbx_average_fsc_overall                 ? 
_refine.pdbx_average_fsc_work                    ? 
_refine.pdbx_average_fsc_free                    ? 
# 
_refine_analyze.entry_id                        7Q6U 
_refine_analyze.pdbx_refine_id                  'X-RAY DIFFRACTION' 
_refine_analyze.Luzzati_coordinate_error_free   ? 
_refine_analyze.Luzzati_coordinate_error_obs    0.204 
_refine_analyze.Luzzati_d_res_low_free          ? 
_refine_analyze.Luzzati_d_res_low_obs           ? 
_refine_analyze.Luzzati_sigma_a_free            ? 
_refine_analyze.Luzzati_sigma_a_free_details    ? 
_refine_analyze.Luzzati_sigma_a_obs             ? 
_refine_analyze.Luzzati_sigma_a_obs_details     ? 
_refine_analyze.number_disordered_residues      ? 
_refine_analyze.occupancy_sum_hydrogen          ? 
_refine_analyze.occupancy_sum_non_hydrogen      ? 
_refine_analyze.RG_d_res_high                   ? 
_refine_analyze.RG_d_res_low                    ? 
_refine_analyze.RG_free                         ? 
_refine_analyze.RG_work                         ? 
_refine_analyze.RG_free_work_ratio              ? 
_refine_analyze.pdbx_Luzzati_d_res_high_obs     ? 
# 
_refine_hist.pdbx_refine_id                   'X-RAY DIFFRACTION' 
_refine_hist.cycle_id                         final 
_refine_hist.details                          ? 
_refine_hist.d_res_high                       1.9500 
_refine_hist.d_res_low                        48.5700 
_refine_hist.number_atoms_solvent             192 
_refine_hist.number_atoms_total               1318 
_refine_hist.number_reflns_all                ? 
_refine_hist.number_reflns_obs                ? 
_refine_hist.number_reflns_R_free             ? 
_refine_hist.number_reflns_R_work             ? 
_refine_hist.R_factor_all                     ? 
_refine_hist.R_factor_obs                     ? 
_refine_hist.R_factor_R_free                  ? 
_refine_hist.R_factor_R_work                  ? 
_refine_hist.pdbx_number_residues_total       130 
_refine_hist.pdbx_B_iso_mean_ligand           45.37 
_refine_hist.pdbx_B_iso_mean_solvent          44.36 
_refine_hist.pdbx_number_atoms_protein        1084 
_refine_hist.pdbx_number_atoms_nucleic_acid   0 
_refine_hist.pdbx_number_atoms_ligand         42 
_refine_hist.pdbx_number_atoms_lipid          ? 
_refine_hist.pdbx_number_atoms_carb           ? 
_refine_hist.pdbx_pseudo_atom_details         ? 
# 
loop_
_refine_ls_restr.pdbx_refine_id 
_refine_ls_restr.criterion 
_refine_ls_restr.dev_ideal 
_refine_ls_restr.dev_ideal_target 
_refine_ls_restr.number 
_refine_ls_restr.rejects 
_refine_ls_restr.type 
_refine_ls_restr.weight 
_refine_ls_restr.pdbx_restraint_function 
'X-RAY DIFFRACTION' ? ?      ? 439  ? t_dihedral_angle_d        2.000  SINUSOIDAL   
'X-RAY DIFFRACTION' ? ?      ? 36   ? t_trig_c_planes           2.000  HARMONIC     
'X-RAY DIFFRACTION' ? ?      ? 167  ? t_gen_planes              5.000  HARMONIC     
'X-RAY DIFFRACTION' ? ?      ? 1163 ? t_it                      20.000 HARMONIC     
'X-RAY DIFFRACTION' ? ?      ? ?    ? t_nbd                     ?      ?            
'X-RAY DIFFRACTION' ? ?      ? ?    ? t_improper_torsion        ?      ?            
'X-RAY DIFFRACTION' ? ?      ? ?    ? t_pseud_angle             ?      ?            
'X-RAY DIFFRACTION' ? ?      ? 153  ? t_chiral_improper_torsion 5.000  SEMIHARMONIC 
'X-RAY DIFFRACTION' ? ?      ? ?    ? t_sum_occupancies         ?      ?            
'X-RAY DIFFRACTION' ? ?      ? ?    ? t_utility_distance        ?      ?            
'X-RAY DIFFRACTION' ? ?      ? ?    ? t_utility_angle           ?      ?            
'X-RAY DIFFRACTION' ? ?      ? ?    ? t_utility_torsion         ?      ?            
'X-RAY DIFFRACTION' ? ?      ? 1528 ? t_ideal_dist_contact      4.000  SEMIHARMONIC 
'X-RAY DIFFRACTION' ? 0.010  ? 1163 ? t_bond_d                  2.000  HARMONIC     
'X-RAY DIFFRACTION' ? 0.880  ? 1584 ? t_angle_deg               2.000  HARMONIC     
'X-RAY DIFFRACTION' ? 2.610  ? ?    ? t_omega_torsion           ?      ?            
'X-RAY DIFFRACTION' ? 16.620 ? ?    ? t_other_torsion           ?      ?            
# 
_refine_ls_shell.pdbx_refine_id                   'X-RAY DIFFRACTION' 
_refine_ls_shell.d_res_high                       1.9500 
_refine_ls_shell.d_res_low                        2.0600 
_refine_ls_shell.number_reflns_all                2626 
_refine_ls_shell.number_reflns_obs                ? 
_refine_ls_shell.number_reflns_R_free             136 
_refine_ls_shell.number_reflns_R_work             2490 
_refine_ls_shell.percent_reflns_obs               99.3200 
_refine_ls_shell.percent_reflns_R_free            5.1800 
_refine_ls_shell.R_factor_all                     0.2278 
_refine_ls_shell.R_factor_obs                     ? 
_refine_ls_shell.R_factor_R_free                  0.2259 
_refine_ls_shell.R_factor_R_free_error            0.0000 
_refine_ls_shell.R_factor_R_work                  0.2279 
_refine_ls_shell.redundancy_reflns_all            ? 
_refine_ls_shell.redundancy_reflns_obs            ? 
_refine_ls_shell.wR_factor_all                    ? 
_refine_ls_shell.wR_factor_obs                    ? 
_refine_ls_shell.wR_factor_R_free                 ? 
_refine_ls_shell.wR_factor_R_work                 ? 
_refine_ls_shell.pdbx_R_complete                  ? 
_refine_ls_shell.pdbx_total_number_of_bins_used   10 
_refine_ls_shell.pdbx_phase_error                 ? 
_refine_ls_shell.pdbx_fsc_work                    ? 
_refine_ls_shell.pdbx_fsc_free                    ? 
# 
_struct.entry_id                     7Q6U 
_struct.title                        'Crystal structure of the bromodomain of ATAD2 with phenol HTS hit (cpd 6)' 
_struct.pdbx_model_details           ? 
_struct.pdbx_formula_weight          ? 
_struct.pdbx_formula_weight_method   ? 
_struct.pdbx_model_type_details      ? 
_struct.pdbx_CASP_flag               N 
# 
_struct_keywords.entry_id        7Q6U 
_struct_keywords.text            'bromodomain, epigenetics, GENE REGULATION' 
_struct_keywords.pdbx_keywords   'GENE REGULATION' 
# 
loop_
_struct_asym.id 
_struct_asym.pdbx_blank_PDB_chainid_flag 
_struct_asym.pdbx_modified 
_struct_asym.entity_id 
_struct_asym.details 
A N N 1 ? 
B N N 2 ? 
C N N 2 ? 
D N N 2 ? 
E N N 3 ? 
F N N 4 ? 
# 
_struct_ref.id                         1 
_struct_ref.db_name                    UNP 
_struct_ref.db_code                    ATAD2_HUMAN 
_struct_ref.pdbx_db_accession          Q6PL18 
_struct_ref.pdbx_db_isoform            ? 
_struct_ref.entity_id                  1 
_struct_ref.pdbx_seq_one_letter_code   
;QEEDTFRELRIFLRNVTHRLAIDKRFRVFTKPVDPDEVPDYVTVIKQPMDLSSVISKIDLHKYLTVKDYLRDIDLICSNA
LEYNPDRDPGDRLIRHRACALRDTAYAIIKEELDEDFEQLCEEIQESR
;
_struct_ref.pdbx_align_begin           981 
# 
_struct_ref_seq.align_id                      1 
_struct_ref_seq.ref_id                        1 
_struct_ref_seq.pdbx_PDB_id_code              7Q6U 
_struct_ref_seq.pdbx_strand_id                A 
_struct_ref_seq.seq_align_beg                 3 
_struct_ref_seq.pdbx_seq_align_beg_ins_code   ? 
_struct_ref_seq.seq_align_end                 130 
_struct_ref_seq.pdbx_seq_align_end_ins_code   ? 
_struct_ref_seq.pdbx_db_accession             Q6PL18 
_struct_ref_seq.db_align_beg                  981 
_struct_ref_seq.pdbx_db_align_beg_ins_code    ? 
_struct_ref_seq.db_align_end                  1108 
_struct_ref_seq.pdbx_db_align_end_ins_code    ? 
_struct_ref_seq.pdbx_auth_seq_align_beg       981 
_struct_ref_seq.pdbx_auth_seq_align_end       1108 
# 
loop_
_struct_ref_seq_dif.align_id 
_struct_ref_seq_dif.pdbx_pdb_id_code 
_struct_ref_seq_dif.mon_id 
_struct_ref_seq_dif.pdbx_pdb_strand_id 
_struct_ref_seq_dif.seq_num 
_struct_ref_seq_dif.pdbx_pdb_ins_code 
_struct_ref_seq_dif.pdbx_seq_db_name 
_struct_ref_seq_dif.pdbx_seq_db_accession_code 
_struct_ref_seq_dif.db_mon_id 
_struct_ref_seq_dif.pdbx_seq_db_seq_num 
_struct_ref_seq_dif.details 
_struct_ref_seq_dif.pdbx_auth_seq_num 
_struct_ref_seq_dif.pdbx_ordinal 
1 7Q6U SER A 1 ? UNP Q6PL18 ? ? 'expression tag' 979 1 
1 7Q6U MET A 2 ? UNP Q6PL18 ? ? 'expression tag' 980 2 
# 
_pdbx_struct_assembly.id                   1 
_pdbx_struct_assembly.details              author_and_software_defined_assembly 
_pdbx_struct_assembly.method_details       PISA 
_pdbx_struct_assembly.oligomeric_details   monomeric 
_pdbx_struct_assembly.oligomeric_count     1 
# 
loop_
_pdbx_struct_assembly_prop.biol_id 
_pdbx_struct_assembly_prop.type 
_pdbx_struct_assembly_prop.value 
_pdbx_struct_assembly_prop.details 
1 'ABSA (A^2)' 480  ? 
1 MORE         -33  ? 
1 'SSA (A^2)'  7990 ? 
# 
_pdbx_struct_assembly_gen.assembly_id       1 
_pdbx_struct_assembly_gen.oper_expression   1 
_pdbx_struct_assembly_gen.asym_id_list      A,B,C,D,E,F 
# 
_pdbx_struct_assembly_auth_evidence.id                     1 
_pdbx_struct_assembly_auth_evidence.assembly_id            1 
_pdbx_struct_assembly_auth_evidence.experimental_support   'gel filtration' 
_pdbx_struct_assembly_auth_evidence.details                ? 
# 
_pdbx_struct_oper_list.id                   1 
_pdbx_struct_oper_list.type                 'identity operation' 
_pdbx_struct_oper_list.name                 1_555 
_pdbx_struct_oper_list.symmetry_operation   x,y,z 
_pdbx_struct_oper_list.matrix[1][1]         1.0000000000 
_pdbx_struct_oper_list.matrix[1][2]         0.0000000000 
_pdbx_struct_oper_list.matrix[1][3]         0.0000000000 
_pdbx_struct_oper_list.vector[1]            0.0000000000 
_pdbx_struct_oper_list.matrix[2][1]         0.0000000000 
_pdbx_struct_oper_list.matrix[2][2]         1.0000000000 
_pdbx_struct_oper_list.matrix[2][3]         0.0000000000 
_pdbx_struct_oper_list.vector[2]            0.0000000000 
_pdbx_struct_oper_list.matrix[3][1]         0.0000000000 
_pdbx_struct_oper_list.matrix[3][2]         0.0000000000 
_pdbx_struct_oper_list.matrix[3][3]         1.0000000000 
_pdbx_struct_oper_list.vector[3]            0.0000000000 
# 
loop_
_struct_conf.conf_type_id 
_struct_conf.id 
_struct_conf.pdbx_PDB_helix_id 
_struct_conf.beg_label_comp_id 
_struct_conf.beg_label_asym_id 
_struct_conf.beg_label_seq_id 
_struct_conf.pdbx_beg_PDB_ins_code 
_struct_conf.end_label_comp_id 
_struct_conf.end_label_asym_id 
_struct_conf.end_label_seq_id 
_struct_conf.pdbx_end_PDB_ins_code 
_struct_conf.beg_auth_comp_id 
_struct_conf.beg_auth_asym_id 
_struct_conf.beg_auth_seq_id 
_struct_conf.end_auth_comp_id 
_struct_conf.end_auth_asym_id 
_struct_conf.end_auth_seq_id 
_struct_conf.pdbx_PDB_helix_class 
_struct_conf.details 
_struct_conf.pdbx_PDB_helix_length 
HELX_P HELX_P1 AA1 SER A 1   ? ILE A 24  ? SER A 979  ILE A 1002 1 ? 24 
HELX_P HELX_P2 AA2 ASP A 25  ? THR A 32  ? ASP A 1003 THR A 1010 5 ? 8  
HELX_P HELX_P3 AA3 ASP A 42  ? ILE A 47  ? ASP A 1020 ILE A 1025 1 ? 6  
HELX_P HELX_P4 AA4 ASP A 52  ? LEU A 62  ? ASP A 1030 LEU A 1040 1 ? 11 
HELX_P HELX_P5 AA5 THR A 67  ? ASN A 86  ? THR A 1045 ASN A 1064 1 ? 20 
HELX_P HELX_P6 AA6 ASP A 90  ? LEU A 115 ? ASP A 1068 LEU A 1093 1 ? 26 
HELX_P HELX_P7 AA7 ASP A 116 ? SER A 129 ? ASP A 1094 SER A 1107 1 ? 14 
# 
_struct_conf_type.id          HELX_P 
_struct_conf_type.criteria    ? 
_struct_conf_type.reference   ? 
# 
loop_
_pdbx_struct_special_symmetry.id 
_pdbx_struct_special_symmetry.PDB_model_num 
_pdbx_struct_special_symmetry.auth_asym_id 
_pdbx_struct_special_symmetry.auth_comp_id 
_pdbx_struct_special_symmetry.auth_seq_id 
_pdbx_struct_special_symmetry.PDB_ins_code 
_pdbx_struct_special_symmetry.label_asym_id 
_pdbx_struct_special_symmetry.label_comp_id 
_pdbx_struct_special_symmetry.label_seq_id 
1 1 A SO4 1203 ? D SO4 . 
2 1 A HOH 1406 ? F HOH . 
# 
_pdbx_entry_details.entry_id                 7Q6U 
_pdbx_entry_details.has_ligand_of_interest   Y 
_pdbx_entry_details.compound_details         ? 
_pdbx_entry_details.source_details           ? 
_pdbx_entry_details.nonpolymer_details       ? 
_pdbx_entry_details.sequence_details         ? 
# 
loop_
_pdbx_distant_solvent_atoms.id 
_pdbx_distant_solvent_atoms.PDB_model_num 
_pdbx_distant_solvent_atoms.auth_atom_id 
_pdbx_distant_solvent_atoms.label_alt_id 
_pdbx_distant_solvent_atoms.auth_asym_id 
_pdbx_distant_solvent_atoms.auth_comp_id 
_pdbx_distant_solvent_atoms.auth_seq_id 
_pdbx_distant_solvent_atoms.PDB_ins_code 
_pdbx_distant_solvent_atoms.neighbor_macromolecule_distance 
_pdbx_distant_solvent_atoms.neighbor_ligand_distance 
1 1 O ? A HOH 1489 ? 6.11  . 
2 1 O ? A HOH 1490 ? 6.45  . 
3 1 O ? A HOH 1491 ? 8.19  . 
4 1 O ? A HOH 1492 ? 13.79 . 
# 
loop_
_chem_comp_atom.comp_id 
_chem_comp_atom.atom_id 
_chem_comp_atom.type_symbol 
_chem_comp_atom.pdbx_aromatic_flag 
_chem_comp_atom.pdbx_stereo_config 
_chem_comp_atom.pdbx_ordinal 
963 O2   O N N 1   
963 O3   O N N 2   
963 C5   C Y N 3   
963 C6   C Y N 4   
963 C7   C N N 5   
963 C8   C N N 6   
963 C10  C N N 7   
963 C11  C Y N 8   
963 C16  C Y N 9   
963 C17  C N R 10  
963 C18  C N N 11  
963 O4   O N N 12  
963 C19  C N N 13  
963 C9   C N S 14  
963 N1   N N N 15  
963 C15  C Y N 16  
963 C14  C Y N 17  
963 C13  C Y N 18  
963 C12  C Y N 19  
963 N    N N N 20  
963 C3   C Y N 21  
963 C2   C Y N 22  
963 C4   C Y N 23  
963 O1   O N N 24  
963 C1   C Y N 25  
963 O    O N N 26  
963 C    C N N 27  
963 H1   H N N 28  
963 H2   H N N 29  
963 H3   H N N 30  
963 H4   H N N 31  
963 H5   H N N 32  
963 H6   H N N 33  
963 H7   H N N 34  
963 H8   H N N 35  
963 H9   H N N 36  
963 H10  H N N 37  
963 H11  H N N 38  
963 H12  H N N 39  
963 H13  H N N 40  
963 H14  H N N 41  
963 H15  H N N 42  
963 H16  H N N 43  
963 H17  H N N 44  
963 H18  H N N 45  
963 H19  H N N 46  
963 H20  H N N 47  
ALA N    N N N 48  
ALA CA   C N S 49  
ALA C    C N N 50  
ALA O    O N N 51  
ALA CB   C N N 52  
ALA OXT  O N N 53  
ALA H    H N N 54  
ALA H2   H N N 55  
ALA HA   H N N 56  
ALA HB1  H N N 57  
ALA HB2  H N N 58  
ALA HB3  H N N 59  
ALA HXT  H N N 60  
ARG N    N N N 61  
ARG CA   C N S 62  
ARG C    C N N 63  
ARG O    O N N 64  
ARG CB   C N N 65  
ARG CG   C N N 66  
ARG CD   C N N 67  
ARG NE   N N N 68  
ARG CZ   C N N 69  
ARG NH1  N N N 70  
ARG NH2  N N N 71  
ARG OXT  O N N 72  
ARG H    H N N 73  
ARG H2   H N N 74  
ARG HA   H N N 75  
ARG HB2  H N N 76  
ARG HB3  H N N 77  
ARG HG2  H N N 78  
ARG HG3  H N N 79  
ARG HD2  H N N 80  
ARG HD3  H N N 81  
ARG HE   H N N 82  
ARG HH11 H N N 83  
ARG HH12 H N N 84  
ARG HH21 H N N 85  
ARG HH22 H N N 86  
ARG HXT  H N N 87  
ASN N    N N N 88  
ASN CA   C N S 89  
ASN C    C N N 90  
ASN O    O N N 91  
ASN CB   C N N 92  
ASN CG   C N N 93  
ASN OD1  O N N 94  
ASN ND2  N N N 95  
ASN OXT  O N N 96  
ASN H    H N N 97  
ASN H2   H N N 98  
ASN HA   H N N 99  
ASN HB2  H N N 100 
ASN HB3  H N N 101 
ASN HD21 H N N 102 
ASN HD22 H N N 103 
ASN HXT  H N N 104 
ASP N    N N N 105 
ASP CA   C N S 106 
ASP C    C N N 107 
ASP O    O N N 108 
ASP CB   C N N 109 
ASP CG   C N N 110 
ASP OD1  O N N 111 
ASP OD2  O N N 112 
ASP OXT  O N N 113 
ASP H    H N N 114 
ASP H2   H N N 115 
ASP HA   H N N 116 
ASP HB2  H N N 117 
ASP HB3  H N N 118 
ASP HD2  H N N 119 
ASP HXT  H N N 120 
CYS N    N N N 121 
CYS CA   C N R 122 
CYS C    C N N 123 
CYS O    O N N 124 
CYS CB   C N N 125 
CYS SG   S N N 126 
CYS OXT  O N N 127 
CYS H    H N N 128 
CYS H2   H N N 129 
CYS HA   H N N 130 
CYS HB2  H N N 131 
CYS HB3  H N N 132 
CYS HG   H N N 133 
CYS HXT  H N N 134 
GLN N    N N N 135 
GLN CA   C N S 136 
GLN C    C N N 137 
GLN O    O N N 138 
GLN CB   C N N 139 
GLN CG   C N N 140 
GLN CD   C N N 141 
GLN OE1  O N N 142 
GLN NE2  N N N 143 
GLN OXT  O N N 144 
GLN H    H N N 145 
GLN H2   H N N 146 
GLN HA   H N N 147 
GLN HB2  H N N 148 
GLN HB3  H N N 149 
GLN HG2  H N N 150 
GLN HG3  H N N 151 
GLN HE21 H N N 152 
GLN HE22 H N N 153 
GLN HXT  H N N 154 
GLU N    N N N 155 
GLU CA   C N S 156 
GLU C    C N N 157 
GLU O    O N N 158 
GLU CB   C N N 159 
GLU CG   C N N 160 
GLU CD   C N N 161 
GLU OE1  O N N 162 
GLU OE2  O N N 163 
GLU OXT  O N N 164 
GLU H    H N N 165 
GLU H2   H N N 166 
GLU HA   H N N 167 
GLU HB2  H N N 168 
GLU HB3  H N N 169 
GLU HG2  H N N 170 
GLU HG3  H N N 171 
GLU HE2  H N N 172 
GLU HXT  H N N 173 
GLY N    N N N 174 
GLY CA   C N N 175 
GLY C    C N N 176 
GLY O    O N N 177 
GLY OXT  O N N 178 
GLY H    H N N 179 
GLY H2   H N N 180 
GLY HA2  H N N 181 
GLY HA3  H N N 182 
GLY HXT  H N N 183 
HIS N    N N N 184 
HIS CA   C N S 185 
HIS C    C N N 186 
HIS O    O N N 187 
HIS CB   C N N 188 
HIS CG   C Y N 189 
HIS ND1  N Y N 190 
HIS CD2  C Y N 191 
HIS CE1  C Y N 192 
HIS NE2  N Y N 193 
HIS OXT  O N N 194 
HIS H    H N N 195 
HIS H2   H N N 196 
HIS HA   H N N 197 
HIS HB2  H N N 198 
HIS HB3  H N N 199 
HIS HD1  H N N 200 
HIS HD2  H N N 201 
HIS HE1  H N N 202 
HIS HE2  H N N 203 
HIS HXT  H N N 204 
HOH O    O N N 205 
HOH H1   H N N 206 
HOH H2   H N N 207 
ILE N    N N N 208 
ILE CA   C N S 209 
ILE C    C N N 210 
ILE O    O N N 211 
ILE CB   C N S 212 
ILE CG1  C N N 213 
ILE CG2  C N N 214 
ILE CD1  C N N 215 
ILE OXT  O N N 216 
ILE H    H N N 217 
ILE H2   H N N 218 
ILE HA   H N N 219 
ILE HB   H N N 220 
ILE HG12 H N N 221 
ILE HG13 H N N 222 
ILE HG21 H N N 223 
ILE HG22 H N N 224 
ILE HG23 H N N 225 
ILE HD11 H N N 226 
ILE HD12 H N N 227 
ILE HD13 H N N 228 
ILE HXT  H N N 229 
LEU N    N N N 230 
LEU CA   C N S 231 
LEU C    C N N 232 
LEU O    O N N 233 
LEU CB   C N N 234 
LEU CG   C N N 235 
LEU CD1  C N N 236 
LEU CD2  C N N 237 
LEU OXT  O N N 238 
LEU H    H N N 239 
LEU H2   H N N 240 
LEU HA   H N N 241 
LEU HB2  H N N 242 
LEU HB3  H N N 243 
LEU HG   H N N 244 
LEU HD11 H N N 245 
LEU HD12 H N N 246 
LEU HD13 H N N 247 
LEU HD21 H N N 248 
LEU HD22 H N N 249 
LEU HD23 H N N 250 
LEU HXT  H N N 251 
LYS N    N N N 252 
LYS CA   C N S 253 
LYS C    C N N 254 
LYS O    O N N 255 
LYS CB   C N N 256 
LYS CG   C N N 257 
LYS CD   C N N 258 
LYS CE   C N N 259 
LYS NZ   N N N 260 
LYS OXT  O N N 261 
LYS H    H N N 262 
LYS H2   H N N 263 
LYS HA   H N N 264 
LYS HB2  H N N 265 
LYS HB3  H N N 266 
LYS HG2  H N N 267 
LYS HG3  H N N 268 
LYS HD2  H N N 269 
LYS HD3  H N N 270 
LYS HE2  H N N 271 
LYS HE3  H N N 272 
LYS HZ1  H N N 273 
LYS HZ2  H N N 274 
LYS HZ3  H N N 275 
LYS HXT  H N N 276 
MET N    N N N 277 
MET CA   C N S 278 
MET C    C N N 279 
MET O    O N N 280 
MET CB   C N N 281 
MET CG   C N N 282 
MET SD   S N N 283 
MET CE   C N N 284 
MET OXT  O N N 285 
MET H    H N N 286 
MET H2   H N N 287 
MET HA   H N N 288 
MET HB2  H N N 289 
MET HB3  H N N 290 
MET HG2  H N N 291 
MET HG3  H N N 292 
MET HE1  H N N 293 
MET HE2  H N N 294 
MET HE3  H N N 295 
MET HXT  H N N 296 
PHE N    N N N 297 
PHE CA   C N S 298 
PHE C    C N N 299 
PHE O    O N N 300 
PHE CB   C N N 301 
PHE CG   C Y N 302 
PHE CD1  C Y N 303 
PHE CD2  C Y N 304 
PHE CE1  C Y N 305 
PHE CE2  C Y N 306 
PHE CZ   C Y N 307 
PHE OXT  O N N 308 
PHE H    H N N 309 
PHE H2   H N N 310 
PHE HA   H N N 311 
PHE HB2  H N N 312 
PHE HB3  H N N 313 
PHE HD1  H N N 314 
PHE HD2  H N N 315 
PHE HE1  H N N 316 
PHE HE2  H N N 317 
PHE HZ   H N N 318 
PHE HXT  H N N 319 
PRO N    N N N 320 
PRO CA   C N S 321 
PRO C    C N N 322 
PRO O    O N N 323 
PRO CB   C N N 324 
PRO CG   C N N 325 
PRO CD   C N N 326 
PRO OXT  O N N 327 
PRO H    H N N 328 
PRO HA   H N N 329 
PRO HB2  H N N 330 
PRO HB3  H N N 331 
PRO HG2  H N N 332 
PRO HG3  H N N 333 
PRO HD2  H N N 334 
PRO HD3  H N N 335 
PRO HXT  H N N 336 
SER N    N N N 337 
SER CA   C N S 338 
SER C    C N N 339 
SER O    O N N 340 
SER CB   C N N 341 
SER OG   O N N 342 
SER OXT  O N N 343 
SER H    H N N 344 
SER H2   H N N 345 
SER HA   H N N 346 
SER HB2  H N N 347 
SER HB3  H N N 348 
SER HG   H N N 349 
SER HXT  H N N 350 
SO4 S    S N N 351 
SO4 O1   O N N 352 
SO4 O2   O N N 353 
SO4 O3   O N N 354 
SO4 O4   O N N 355 
THR N    N N N 356 
THR CA   C N S 357 
THR C    C N N 358 
THR O    O N N 359 
THR CB   C N R 360 
THR OG1  O N N 361 
THR CG2  C N N 362 
THR OXT  O N N 363 
THR H    H N N 364 
THR H2   H N N 365 
THR HA   H N N 366 
THR HB   H N N 367 
THR HG1  H N N 368 
THR HG21 H N N 369 
THR HG22 H N N 370 
THR HG23 H N N 371 
THR HXT  H N N 372 
TYR N    N N N 373 
TYR CA   C N S 374 
TYR C    C N N 375 
TYR O    O N N 376 
TYR CB   C N N 377 
TYR CG   C Y N 378 
TYR CD1  C Y N 379 
TYR CD2  C Y N 380 
TYR CE1  C Y N 381 
TYR CE2  C Y N 382 
TYR CZ   C Y N 383 
TYR OH   O N N 384 
TYR OXT  O N N 385 
TYR H    H N N 386 
TYR H2   H N N 387 
TYR HA   H N N 388 
TYR HB2  H N N 389 
TYR HB3  H N N 390 
TYR HD1  H N N 391 
TYR HD2  H N N 392 
TYR HE1  H N N 393 
TYR HE2  H N N 394 
TYR HH   H N N 395 
TYR HXT  H N N 396 
VAL N    N N N 397 
VAL CA   C N S 398 
VAL C    C N N 399 
VAL O    O N N 400 
VAL CB   C N N 401 
VAL CG1  C N N 402 
VAL CG2  C N N 403 
VAL OXT  O N N 404 
VAL H    H N N 405 
VAL H2   H N N 406 
VAL HA   H N N 407 
VAL HB   H N N 408 
VAL HG11 H N N 409 
VAL HG12 H N N 410 
VAL HG13 H N N 411 
VAL HG21 H N N 412 
VAL HG22 H N N 413 
VAL HG23 H N N 414 
VAL HXT  H N N 415 
# 
loop_
_chem_comp_bond.comp_id 
_chem_comp_bond.atom_id_1 
_chem_comp_bond.atom_id_2 
_chem_comp_bond.value_order 
_chem_comp_bond.pdbx_aromatic_flag 
_chem_comp_bond.pdbx_stereo_config 
_chem_comp_bond.pdbx_ordinal 
963 C14 C13  doub Y N 1   
963 C14 C15  sing Y N 2   
963 C13 C12  sing Y N 3   
963 C15 C16  doub Y N 4   
963 C12 C11  doub Y N 5   
963 C16 C11  sing Y N 6   
963 C16 C17  sing N N 7   
963 C11 C10  sing N N 8   
963 C17 C18  sing N N 9   
963 C17 N    sing N N 10  
963 C18 N1   sing N N 11  
963 C10 C9   sing N N 12  
963 N   C8   sing N N 13  
963 N   C9   sing N N 14  
963 O3  C8   doub N N 15  
963 N1  C19  sing N N 16  
963 C8  C3   sing N N 17  
963 C9  C19  sing N N 18  
963 C7  O2   sing N N 19  
963 C19 O4   doub N N 20  
963 C4  C3   doub Y N 21  
963 C4  C5   sing Y N 22  
963 C3  C2   sing Y N 23  
963 O2  C5   sing N N 24  
963 C5  C6   doub Y N 25  
963 C2  C1   doub Y N 26  
963 C6  C1   sing Y N 27  
963 C6  O1   sing N N 28  
963 C1  O    sing N N 29  
963 O   C    sing N N 30  
963 C7  H1   sing N N 31  
963 C7  H2   sing N N 32  
963 C7  H3   sing N N 33  
963 C10 H4   sing N N 34  
963 C10 H5   sing N N 35  
963 C17 H6   sing N N 36  
963 C18 H7   sing N N 37  
963 C18 H8   sing N N 38  
963 C9  H9   sing N N 39  
963 N1  H10  sing N N 40  
963 C15 H11  sing N N 41  
963 C14 H12  sing N N 42  
963 C13 H13  sing N N 43  
963 C12 H14  sing N N 44  
963 C2  H15  sing N N 45  
963 C4  H16  sing N N 46  
963 O1  H17  sing N N 47  
963 C   H18  sing N N 48  
963 C   H19  sing N N 49  
963 C   H20  sing N N 50  
ALA N   CA   sing N N 51  
ALA N   H    sing N N 52  
ALA N   H2   sing N N 53  
ALA CA  C    sing N N 54  
ALA CA  CB   sing N N 55  
ALA CA  HA   sing N N 56  
ALA C   O    doub N N 57  
ALA C   OXT  sing N N 58  
ALA CB  HB1  sing N N 59  
ALA CB  HB2  sing N N 60  
ALA CB  HB3  sing N N 61  
ALA OXT HXT  sing N N 62  
ARG N   CA   sing N N 63  
ARG N   H    sing N N 64  
ARG N   H2   sing N N 65  
ARG CA  C    sing N N 66  
ARG CA  CB   sing N N 67  
ARG CA  HA   sing N N 68  
ARG C   O    doub N N 69  
ARG C   OXT  sing N N 70  
ARG CB  CG   sing N N 71  
ARG CB  HB2  sing N N 72  
ARG CB  HB3  sing N N 73  
ARG CG  CD   sing N N 74  
ARG CG  HG2  sing N N 75  
ARG CG  HG3  sing N N 76  
ARG CD  NE   sing N N 77  
ARG CD  HD2  sing N N 78  
ARG CD  HD3  sing N N 79  
ARG NE  CZ   sing N N 80  
ARG NE  HE   sing N N 81  
ARG CZ  NH1  sing N N 82  
ARG CZ  NH2  doub N N 83  
ARG NH1 HH11 sing N N 84  
ARG NH1 HH12 sing N N 85  
ARG NH2 HH21 sing N N 86  
ARG NH2 HH22 sing N N 87  
ARG OXT HXT  sing N N 88  
ASN N   CA   sing N N 89  
ASN N   H    sing N N 90  
ASN N   H2   sing N N 91  
ASN CA  C    sing N N 92  
ASN CA  CB   sing N N 93  
ASN CA  HA   sing N N 94  
ASN C   O    doub N N 95  
ASN C   OXT  sing N N 96  
ASN CB  CG   sing N N 97  
ASN CB  HB2  sing N N 98  
ASN CB  HB3  sing N N 99  
ASN CG  OD1  doub N N 100 
ASN CG  ND2  sing N N 101 
ASN ND2 HD21 sing N N 102 
ASN ND2 HD22 sing N N 103 
ASN OXT HXT  sing N N 104 
ASP N   CA   sing N N 105 
ASP N   H    sing N N 106 
ASP N   H2   sing N N 107 
ASP CA  C    sing N N 108 
ASP CA  CB   sing N N 109 
ASP CA  HA   sing N N 110 
ASP C   O    doub N N 111 
ASP C   OXT  sing N N 112 
ASP CB  CG   sing N N 113 
ASP CB  HB2  sing N N 114 
ASP CB  HB3  sing N N 115 
ASP CG  OD1  doub N N 116 
ASP CG  OD2  sing N N 117 
ASP OD2 HD2  sing N N 118 
ASP OXT HXT  sing N N 119 
CYS N   CA   sing N N 120 
CYS N   H    sing N N 121 
CYS N   H2   sing N N 122 
CYS CA  C    sing N N 123 
CYS CA  CB   sing N N 124 
CYS CA  HA   sing N N 125 
CYS C   O    doub N N 126 
CYS C   OXT  sing N N 127 
CYS CB  SG   sing N N 128 
CYS CB  HB2  sing N N 129 
CYS CB  HB3  sing N N 130 
CYS SG  HG   sing N N 131 
CYS OXT HXT  sing N N 132 
GLN N   CA   sing N N 133 
GLN N   H    sing N N 134 
GLN N   H2   sing N N 135 
GLN CA  C    sing N N 136 
GLN CA  CB   sing N N 137 
GLN CA  HA   sing N N 138 
GLN C   O    doub N N 139 
GLN C   OXT  sing N N 140 
GLN CB  CG   sing N N 141 
GLN CB  HB2  sing N N 142 
GLN CB  HB3  sing N N 143 
GLN CG  CD   sing N N 144 
GLN CG  HG2  sing N N 145 
GLN CG  HG3  sing N N 146 
GLN CD  OE1  doub N N 147 
GLN CD  NE2  sing N N 148 
GLN NE2 HE21 sing N N 149 
GLN NE2 HE22 sing N N 150 
GLN OXT HXT  sing N N 151 
GLU N   CA   sing N N 152 
GLU N   H    sing N N 153 
GLU N   H2   sing N N 154 
GLU CA  C    sing N N 155 
GLU CA  CB   sing N N 156 
GLU CA  HA   sing N N 157 
GLU C   O    doub N N 158 
GLU C   OXT  sing N N 159 
GLU CB  CG   sing N N 160 
GLU CB  HB2  sing N N 161 
GLU CB  HB3  sing N N 162 
GLU CG  CD   sing N N 163 
GLU CG  HG2  sing N N 164 
GLU CG  HG3  sing N N 165 
GLU CD  OE1  doub N N 166 
GLU CD  OE2  sing N N 167 
GLU OE2 HE2  sing N N 168 
GLU OXT HXT  sing N N 169 
GLY N   CA   sing N N 170 
GLY N   H    sing N N 171 
GLY N   H2   sing N N 172 
GLY CA  C    sing N N 173 
GLY CA  HA2  sing N N 174 
GLY CA  HA3  sing N N 175 
GLY C   O    doub N N 176 
GLY C   OXT  sing N N 177 
GLY OXT HXT  sing N N 178 
HIS N   CA   sing N N 179 
HIS N   H    sing N N 180 
HIS N   H2   sing N N 181 
HIS CA  C    sing N N 182 
HIS CA  CB   sing N N 183 
HIS CA  HA   sing N N 184 
HIS C   O    doub N N 185 
HIS C   OXT  sing N N 186 
HIS CB  CG   sing N N 187 
HIS CB  HB2  sing N N 188 
HIS CB  HB3  sing N N 189 
HIS CG  ND1  sing Y N 190 
HIS CG  CD2  doub Y N 191 
HIS ND1 CE1  doub Y N 192 
HIS ND1 HD1  sing N N 193 
HIS CD2 NE2  sing Y N 194 
HIS CD2 HD2  sing N N 195 
HIS CE1 NE2  sing Y N 196 
HIS CE1 HE1  sing N N 197 
HIS NE2 HE2  sing N N 198 
HIS OXT HXT  sing N N 199 
HOH O   H1   sing N N 200 
HOH O   H2   sing N N 201 
ILE N   CA   sing N N 202 
ILE N   H    sing N N 203 
ILE N   H2   sing N N 204 
ILE CA  C    sing N N 205 
ILE CA  CB   sing N N 206 
ILE CA  HA   sing N N 207 
ILE C   O    doub N N 208 
ILE C   OXT  sing N N 209 
ILE CB  CG1  sing N N 210 
ILE CB  CG2  sing N N 211 
ILE CB  HB   sing N N 212 
ILE CG1 CD1  sing N N 213 
ILE CG1 HG12 sing N N 214 
ILE CG1 HG13 sing N N 215 
ILE CG2 HG21 sing N N 216 
ILE CG2 HG22 sing N N 217 
ILE CG2 HG23 sing N N 218 
ILE CD1 HD11 sing N N 219 
ILE CD1 HD12 sing N N 220 
ILE CD1 HD13 sing N N 221 
ILE OXT HXT  sing N N 222 
LEU N   CA   sing N N 223 
LEU N   H    sing N N 224 
LEU N   H2   sing N N 225 
LEU CA  C    sing N N 226 
LEU CA  CB   sing N N 227 
LEU CA  HA   sing N N 228 
LEU C   O    doub N N 229 
LEU C   OXT  sing N N 230 
LEU CB  CG   sing N N 231 
LEU CB  HB2  sing N N 232 
LEU CB  HB3  sing N N 233 
LEU CG  CD1  sing N N 234 
LEU CG  CD2  sing N N 235 
LEU CG  HG   sing N N 236 
LEU CD1 HD11 sing N N 237 
LEU CD1 HD12 sing N N 238 
LEU CD1 HD13 sing N N 239 
LEU CD2 HD21 sing N N 240 
LEU CD2 HD22 sing N N 241 
LEU CD2 HD23 sing N N 242 
LEU OXT HXT  sing N N 243 
LYS N   CA   sing N N 244 
LYS N   H    sing N N 245 
LYS N   H2   sing N N 246 
LYS CA  C    sing N N 247 
LYS CA  CB   sing N N 248 
LYS CA  HA   sing N N 249 
LYS C   O    doub N N 250 
LYS C   OXT  sing N N 251 
LYS CB  CG   sing N N 252 
LYS CB  HB2  sing N N 253 
LYS CB  HB3  sing N N 254 
LYS CG  CD   sing N N 255 
LYS CG  HG2  sing N N 256 
LYS CG  HG3  sing N N 257 
LYS CD  CE   sing N N 258 
LYS CD  HD2  sing N N 259 
LYS CD  HD3  sing N N 260 
LYS CE  NZ   sing N N 261 
LYS CE  HE2  sing N N 262 
LYS CE  HE3  sing N N 263 
LYS NZ  HZ1  sing N N 264 
LYS NZ  HZ2  sing N N 265 
LYS NZ  HZ3  sing N N 266 
LYS OXT HXT  sing N N 267 
MET N   CA   sing N N 268 
MET N   H    sing N N 269 
MET N   H2   sing N N 270 
MET CA  C    sing N N 271 
MET CA  CB   sing N N 272 
MET CA  HA   sing N N 273 
MET C   O    doub N N 274 
MET C   OXT  sing N N 275 
MET CB  CG   sing N N 276 
MET CB  HB2  sing N N 277 
MET CB  HB3  sing N N 278 
MET CG  SD   sing N N 279 
MET CG  HG2  sing N N 280 
MET CG  HG3  sing N N 281 
MET SD  CE   sing N N 282 
MET CE  HE1  sing N N 283 
MET CE  HE2  sing N N 284 
MET CE  HE3  sing N N 285 
MET OXT HXT  sing N N 286 
PHE N   CA   sing N N 287 
PHE N   H    sing N N 288 
PHE N   H2   sing N N 289 
PHE CA  C    sing N N 290 
PHE CA  CB   sing N N 291 
PHE CA  HA   sing N N 292 
PHE C   O    doub N N 293 
PHE C   OXT  sing N N 294 
PHE CB  CG   sing N N 295 
PHE CB  HB2  sing N N 296 
PHE CB  HB3  sing N N 297 
PHE CG  CD1  doub Y N 298 
PHE CG  CD2  sing Y N 299 
PHE CD1 CE1  sing Y N 300 
PHE CD1 HD1  sing N N 301 
PHE CD2 CE2  doub Y N 302 
PHE CD2 HD2  sing N N 303 
PHE CE1 CZ   doub Y N 304 
PHE CE1 HE1  sing N N 305 
PHE CE2 CZ   sing Y N 306 
PHE CE2 HE2  sing N N 307 
PHE CZ  HZ   sing N N 308 
PHE OXT HXT  sing N N 309 
PRO N   CA   sing N N 310 
PRO N   CD   sing N N 311 
PRO N   H    sing N N 312 
PRO CA  C    sing N N 313 
PRO CA  CB   sing N N 314 
PRO CA  HA   sing N N 315 
PRO C   O    doub N N 316 
PRO C   OXT  sing N N 317 
PRO CB  CG   sing N N 318 
PRO CB  HB2  sing N N 319 
PRO CB  HB3  sing N N 320 
PRO CG  CD   sing N N 321 
PRO CG  HG2  sing N N 322 
PRO CG  HG3  sing N N 323 
PRO CD  HD2  sing N N 324 
PRO CD  HD3  sing N N 325 
PRO OXT HXT  sing N N 326 
SER N   CA   sing N N 327 
SER N   H    sing N N 328 
SER N   H2   sing N N 329 
SER CA  C    sing N N 330 
SER CA  CB   sing N N 331 
SER CA  HA   sing N N 332 
SER C   O    doub N N 333 
SER C   OXT  sing N N 334 
SER CB  OG   sing N N 335 
SER CB  HB2  sing N N 336 
SER CB  HB3  sing N N 337 
SER OG  HG   sing N N 338 
SER OXT HXT  sing N N 339 
SO4 S   O1   doub N N 340 
SO4 S   O2   doub N N 341 
SO4 S   O3   sing N N 342 
SO4 S   O4   sing N N 343 
THR N   CA   sing N N 344 
THR N   H    sing N N 345 
THR N   H2   sing N N 346 
THR CA  C    sing N N 347 
THR CA  CB   sing N N 348 
THR CA  HA   sing N N 349 
THR C   O    doub N N 350 
THR C   OXT  sing N N 351 
THR CB  OG1  sing N N 352 
THR CB  CG2  sing N N 353 
THR CB  HB   sing N N 354 
THR OG1 HG1  sing N N 355 
THR CG2 HG21 sing N N 356 
THR CG2 HG22 sing N N 357 
THR CG2 HG23 sing N N 358 
THR OXT HXT  sing N N 359 
TYR N   CA   sing N N 360 
TYR N   H    sing N N 361 
TYR N   H2   sing N N 362 
TYR CA  C    sing N N 363 
TYR CA  CB   sing N N 364 
TYR CA  HA   sing N N 365 
TYR C   O    doub N N 366 
TYR C   OXT  sing N N 367 
TYR CB  CG   sing N N 368 
TYR CB  HB2  sing N N 369 
TYR CB  HB3  sing N N 370 
TYR CG  CD1  doub Y N 371 
TYR CG  CD2  sing Y N 372 
TYR CD1 CE1  sing Y N 373 
TYR CD1 HD1  sing N N 374 
TYR CD2 CE2  doub Y N 375 
TYR CD2 HD2  sing N N 376 
TYR CE1 CZ   doub Y N 377 
TYR CE1 HE1  sing N N 378 
TYR CE2 CZ   sing Y N 379 
TYR CE2 HE2  sing N N 380 
TYR CZ  OH   sing N N 381 
TYR OH  HH   sing N N 382 
TYR OXT HXT  sing N N 383 
VAL N   CA   sing N N 384 
VAL N   H    sing N N 385 
VAL N   H2   sing N N 386 
VAL CA  C    sing N N 387 
VAL CA  CB   sing N N 388 
VAL CA  HA   sing N N 389 
VAL C   O    doub N N 390 
VAL C   OXT  sing N N 391 
VAL CB  CG1  sing N N 392 
VAL CB  CG2  sing N N 393 
VAL CB  HB   sing N N 394 
VAL CG1 HG11 sing N N 395 
VAL CG1 HG12 sing N N 396 
VAL CG1 HG13 sing N N 397 
VAL CG2 HG21 sing N N 398 
VAL CG2 HG22 sing N N 399 
VAL CG2 HG23 sing N N 400 
VAL OXT HXT  sing N N 401 
# 
_pdbx_audit_support.funding_organization   'Not funded' 
_pdbx_audit_support.country                ? 
_pdbx_audit_support.grant_number           ? 
_pdbx_audit_support.ordinal                1 
# 
_pdbx_entity_instance_feature.ordinal        1 
_pdbx_entity_instance_feature.comp_id        963 
_pdbx_entity_instance_feature.asym_id        ? 
_pdbx_entity_instance_feature.seq_num        ? 
_pdbx_entity_instance_feature.auth_comp_id   963 
_pdbx_entity_instance_feature.auth_asym_id   ? 
_pdbx_entity_instance_feature.auth_seq_num   ? 
_pdbx_entity_instance_feature.feature_type   'SUBJECT OF INVESTIGATION' 
_pdbx_entity_instance_feature.details        ? 
# 
_pdbx_initial_refinement_model.accession_code   ? 
_pdbx_initial_refinement_model.id               1 
_pdbx_initial_refinement_model.entity_id_list   ? 
_pdbx_initial_refinement_model.type             other 
_pdbx_initial_refinement_model.source_name      ? 
_pdbx_initial_refinement_model.details          'internal model' 
# 
_atom_sites.entry_id                    7Q6U 
_atom_sites.Cartn_transf_matrix[1][1]   ? 
_atom_sites.Cartn_transf_matrix[1][2]   ? 
_atom_sites.Cartn_transf_matrix[1][3]   ? 
_atom_sites.Cartn_transf_matrix[2][1]   ? 
_atom_sites.Cartn_transf_matrix[2][2]   ? 
_atom_sites.Cartn_transf_matrix[2][3]   ? 
_atom_sites.Cartn_transf_matrix[3][1]   ? 
_atom_sites.Cartn_transf_matrix[3][2]   ? 
_atom_sites.Cartn_transf_matrix[3][3]   ? 
_atom_sites.Cartn_transf_vector[1]      ? 
_atom_sites.Cartn_transf_vector[2]      ? 
_atom_sites.Cartn_transf_vector[3]      ? 
_atom_sites.fract_transf_matrix[1][1]   0.01263616 
_atom_sites.fract_transf_matrix[1][2]   0.00354735 
_atom_sites.fract_transf_matrix[1][3]   -0.00641715 
_atom_sites.fract_transf_matrix[2][1]   0.00834005 
_atom_sites.fract_transf_matrix[2][2]   0.01058403 
_atom_sites.fract_transf_matrix[2][3]   0.00564312 
_atom_sites.fract_transf_matrix[3][1]   0.00345121 
_atom_sites.fract_transf_matrix[3][2]   -0.00489898 
_atom_sites.fract_transf_matrix[3][3]   0.00408774 
_atom_sites.fract_transf_vector[1]      0.398645 
_atom_sites.fract_transf_vector[2]      0.537689 
_atom_sites.fract_transf_vector[3]      0.192332 
_atom_sites.solution_primary            ? 
_atom_sites.solution_secondary          ? 
_atom_sites.solution_hydrogens          ? 
_atom_sites.special_details             ? 
# 
loop_
_atom_type.symbol 
C 
N 
O 
S 
# 
loop_
_atom_site.group_PDB 
_atom_site.id 
_atom_site.type_symbol 
_atom_site.label_atom_id 
_atom_site.label_alt_id 
_atom_site.label_comp_id 
_atom_site.label_asym_id 
_atom_site.label_entity_id 
_atom_site.label_seq_id 
_atom_site.pdbx_PDB_ins_code 
_atom_site.Cartn_x 
_atom_site.Cartn_y 
_atom_site.Cartn_z 
_atom_site.occupancy 
_atom_site.B_iso_or_equiv 
_atom_site.pdbx_formal_charge 
_atom_site.auth_seq_id 
_atom_site.auth_comp_id 
_atom_site.auth_asym_id 
_atom_site.auth_atom_id 
_atom_site.pdbx_PDB_model_num 
ATOM   1    N N   . SER A 1 1   ? -2.663  21.186  15.872  1.00 49.62 ? 979  SER A N   1 
ATOM   2    C CA  . SER A 1 1   ? -3.517  22.312  15.511  1.00 49.66 ? 979  SER A CA  1 
ATOM   3    C C   . SER A 1 1   ? -4.495  21.933  14.393  1.00 54.48 ? 979  SER A C   1 
ATOM   4    O O   . SER A 1 1   ? -4.338  20.876  13.780  1.00 54.09 ? 979  SER A O   1 
ATOM   5    C CB  . SER A 1 1   ? -2.663  23.502  15.077  1.00 53.00 ? 979  SER A CB  1 
ATOM   6    O OG  . SER A 1 1   ? -1.931  23.216  13.895  1.00 60.35 ? 979  SER A OG  1 
ATOM   7    N N   . MET A 1 2   ? -5.482  22.807  14.111  1.00 51.69 ? 980  MET A N   1 
ATOM   8    C CA  . MET A 1 2   ? -6.463  22.605  13.043  1.00 51.96 ? 980  MET A CA  1 
ATOM   9    C C   . MET A 1 2   ? -5.791  22.623  11.660  1.00 49.15 ? 980  MET A C   1 
ATOM   10   O O   . MET A 1 2   ? -6.241  21.918  10.766  1.00 48.72 ? 980  MET A O   1 
ATOM   11   C CB  . MET A 1 2   ? -7.584  23.659  13.112  1.00 55.93 ? 980  MET A CB  1 
ATOM   12   C CG  . MET A 1 2   ? -8.990  23.058  13.096  1.00 62.15 ? 980  MET A CG  1 
ATOM   13   S SD  . MET A 1 2   ? -9.541  22.384  11.488  1.00 68.72 ? 980  MET A SD  1 
ATOM   14   C CE  . MET A 1 2   ? -9.491  20.637  11.824  1.00 65.47 ? 980  MET A CE  1 
ATOM   15   N N   . GLN A 1 3   ? -4.716  23.415  11.491  1.00 41.16 ? 981  GLN A N   1 
ATOM   16   C CA  . GLN A 1 3   ? -3.955  23.490  10.240  1.00 39.75 ? 981  GLN A CA  1 
ATOM   17   C C   . GLN A 1 3   ? -3.205  22.159  10.011  1.00 37.80 ? 981  GLN A C   1 
ATOM   18   O O   . GLN A 1 3   ? -3.051  21.726  8.868   1.00 36.72 ? 981  GLN A O   1 
ATOM   19   C CB  . GLN A 1 3   ? -2.969  24.679  10.252  1.00 41.37 ? 981  GLN A CB  1 
ATOM   20   C CG  . GLN A 1 3   ? -3.646  26.066  10.259  1.00 57.54 ? 981  GLN A CG  1 
ATOM   21   C CD  . GLN A 1 3   ? -4.063  26.565  11.634  1.00 77.09 ? 981  GLN A CD  1 
ATOM   22   O OE1 . GLN A 1 3   ? -3.804  25.945  12.679  1.00 68.08 ? 981  GLN A OE1 1 
ATOM   23   N NE2 . GLN A 1 3   ? -4.727  27.714  11.664  1.00 71.89 ? 981  GLN A NE2 1 
ATOM   24   N N   . GLU A 1 4   ? -2.745  21.526  11.109  1.00 30.23 ? 982  GLU A N   1 
ATOM   25   C CA  . GLU A 1 4   ? -2.062  20.230  11.072  1.00 27.94 ? 982  GLU A CA  1 
ATOM   26   C C   . GLU A 1 4   ? -3.058  19.142  10.748  1.00 28.44 ? 982  GLU A C   1 
ATOM   27   O O   . GLU A 1 4   ? -2.721  18.222  10.014  1.00 27.22 ? 982  GLU A O   1 
ATOM   28   C CB  . GLU A 1 4   ? -1.354  19.935  12.383  1.00 28.46 ? 982  GLU A CB  1 
ATOM   29   C CG  . GLU A 1 4   ? -0.088  20.756  12.562  1.00 35.31 ? 982  GLU A CG  1 
ATOM   30   C CD  . GLU A 1 4   ? 0.562   20.620  13.923  1.00 46.01 ? 982  GLU A CD  1 
ATOM   31   O OE1 . GLU A 1 4   ? -0.045  20.001  14.828  1.00 39.02 ? 982  GLU A OE1 1 
ATOM   32   O OE2 . GLU A 1 4   ? 1.681   21.151  14.085  1.00 29.54 ? 982  GLU A OE2 1 
ATOM   33   N N   . GLU A 1 5   ? -4.283  19.244  11.278  1.00 24.96 ? 983  GLU A N   1 
ATOM   34   C CA  . GLU A 1 5   ? -5.340  18.280  10.975  1.00 25.03 ? 983  GLU A CA  1 
ATOM   35   C C   . GLU A 1 5   ? -5.770  18.401  9.501   1.00 25.57 ? 983  GLU A C   1 
ATOM   36   O O   . GLU A 1 5   ? -6.038  17.386  8.863   1.00 22.95 ? 983  GLU A O   1 
ATOM   37   C CB  . GLU A 1 5   ? -6.535  18.419  11.945  1.00 27.39 ? 983  GLU A CB  1 
ATOM   38   C CG  . GLU A 1 5   ? -6.228  18.022  13.392  1.00 42.48 ? 983  GLU A CG  1 
ATOM   39   C CD  . GLU A 1 5   ? -5.384  16.772  13.612  1.00 75.40 ? 983  GLU A CD  1 
ATOM   40   O OE1 . GLU A 1 5   ? -5.741  15.698  13.071  1.00 83.02 ? 983  GLU A OE1 1 
ATOM   41   O OE2 . GLU A 1 5   ? -4.358  16.873  14.324  1.00 69.20 ? 983  GLU A OE2 1 
ATOM   42   N N   . ASP A 1 6   ? -5.768  19.633  8.951   1.00 21.09 ? 984  ASP A N   1 
ATOM   43   C CA  . ASP A 1 6   ? -6.069  19.886  7.544   1.00 20.22 ? 984  ASP A CA  1 
ATOM   44   C C   . ASP A 1 6   ? -4.988  19.217  6.671   1.00 21.18 ? 984  ASP A C   1 
ATOM   45   O O   . ASP A 1 6   ? -5.312  18.696  5.606   1.00 20.18 ? 984  ASP A O   1 
ATOM   46   C CB  . ASP A 1 6   ? -6.074  21.397  7.255   1.00 22.24 ? 984  ASP A CB  1 
ATOM   47   C CG  . ASP A 1 6   ? -7.278  22.167  7.780   1.00 34.08 ? 984  ASP A CG  1 
ATOM   48   O OD1 . ASP A 1 6   ? -8.265  21.526  8.190   1.00 33.26 ? 984  ASP A OD1 1 
ATOM   49   O OD2 . ASP A 1 6   ? -7.229  23.407  7.771   1.00 42.24 ? 984  ASP A OD2 1 
ATOM   50   N N   . THR A 1 7   ? -3.712  19.276  7.115   1.00 16.76 ? 985  THR A N   1 
ATOM   51   C CA  . THR A 1 7   ? -2.587  18.661  6.417   1.00 16.72 ? 985  THR A CA  1 
ATOM   52   C C   . THR A 1 7   ? -2.795  17.151  6.320   1.00 19.61 ? 985  THR A C   1 
ATOM   53   O O   . THR A 1 7   ? -2.713  16.606  5.226   1.00 17.50 ? 985  THR A O   1 
ATOM   54   C CB  . THR A 1 7   ? -1.240  19.043  7.050   1.00 22.57 ? 985  THR A CB  1 
ATOM   55   O OG1 . THR A 1 7   ? -1.099  20.464  7.003   1.00 24.66 ? 985  THR A OG1 1 
ATOM   56   C CG2 . THR A 1 7   ? -0.059  18.403  6.316   1.00 19.53 ? 985  THR A CG2 1 
ATOM   57   N N   . PHE A 1 8   ? -3.059  16.488  7.456   1.00 18.29 ? 986  PHE A N   1 
ATOM   58   C CA  . PHE A 1 8   ? -3.291  15.052  7.454   1.00 19.12 ? 986  PHE A CA  1 
ATOM   59   C C   . PHE A 1 8   ? -4.547  14.681  6.689   1.00 20.72 ? 986  PHE A C   1 
ATOM   60   O O   . PHE A 1 8   ? -4.568  13.624  6.087   1.00 19.22 ? 986  PHE A O   1 
ATOM   61   C CB  . PHE A 1 8   ? -3.282  14.458  8.878   1.00 21.56 ? 986  PHE A CB  1 
ATOM   62   C CG  . PHE A 1 8   ? -1.937  14.559  9.554   1.00 23.11 ? 986  PHE A CG  1 
ATOM   63   C CD1 . PHE A 1 8   ? -0.778  14.123  8.910   1.00 25.35 ? 986  PHE A CD1 1 
ATOM   64   C CD2 . PHE A 1 8   ? -1.828  15.061  10.849  1.00 24.86 ? 986  PHE A CD2 1 
ATOM   65   C CE1 . PHE A 1 8   ? 0.471   14.213  9.542   1.00 26.19 ? 986  PHE A CE1 1 
ATOM   66   C CE2 . PHE A 1 8   ? -0.588  15.121  11.490  1.00 26.15 ? 986  PHE A CE2 1 
ATOM   67   C CZ  . PHE A 1 8   ? 0.554   14.715  10.828  1.00 25.20 ? 986  PHE A CZ  1 
ATOM   68   N N   . ARG A 1 9   ? -5.585  15.538  6.684   1.00 17.59 ? 987  ARG A N   1 
ATOM   69   C CA  . ARG A 1 9   ? -6.800  15.231  5.918   1.00 17.78 ? 987  ARG A CA  1 
ATOM   70   C C   . ARG A 1 9   ? -6.472  15.269  4.416   1.00 17.75 ? 987  ARG A C   1 
ATOM   71   O O   . ARG A 1 9   ? -6.889  14.371  3.686   1.00 16.36 ? 987  ARG A O   1 
ATOM   72   C CB  . ARG A 1 9   ? -7.921  16.212  6.255   1.00 17.95 ? 987  ARG A CB  1 
ATOM   73   C CG  . ARG A 1 9   ? -9.186  15.841  5.522   1.00 26.44 ? 987  ARG A CG  1 
ATOM   74   C CD  . ARG A 1 9   ? -10.410 16.510  6.080   1.00 28.23 ? 987  ARG A CD  1 
ATOM   75   N NE  . ARG A 1 9   ? -11.584 15.970  5.403   1.00 35.89 ? 987  ARG A NE  1 
ATOM   76   C CZ  . ARG A 1 9   ? -12.164 16.511  4.336   1.00 48.87 ? 987  ARG A CZ  1 
ATOM   77   N NH1 . ARG A 1 9   ? -11.702 17.653  3.821   1.00 31.79 ? 987  ARG A NH1 1 
ATOM   78   N NH2 . ARG A 1 9   ? -13.225 15.938  3.795   1.00 37.07 ? 987  ARG A NH2 1 
ATOM   79   N N   . GLU A 1 10  ? -5.627  16.241  3.978   1.00 13.68 ? 988  GLU A N   1 
ATOM   80   C CA  . GLU A 1 10  ? -5.203  16.300  2.571   1.00 12.09 ? 988  GLU A CA  1 
ATOM   81   C C   . GLU A 1 10  ? -4.387  15.044  2.223   1.00 14.82 ? 988  GLU A C   1 
ATOM   82   O O   . GLU A 1 10  ? -4.596  14.453  1.167   1.00 14.45 ? 988  GLU A O   1 
ATOM   83   C CB  . GLU A 1 10  ? -4.380  17.549  2.258   1.00 13.17 ? 988  GLU A CB  1 
ATOM   84   C CG  . GLU A 1 10  ? -3.903  17.513  0.803   1.00 14.83 ? 988  GLU A CG  1 
ATOM   85   C CD  . GLU A 1 10  ? -3.457  18.851  0.268   1.00 22.89 ? 988  GLU A CD  1 
ATOM   86   O OE1 . GLU A 1 10  ? -2.979  18.886  -0.882  1.00 16.54 ? 988  GLU A OE1 1 
ATOM   87   O OE2 . GLU A 1 10  ? -3.647  19.872  0.962   1.00 18.87 ? 988  GLU A OE2 1 
ATOM   88   N N   . LEU A 1 11  ? -3.489  14.625  3.135   1.00 13.10 ? 989  LEU A N   1 
ATOM   89   C CA  . LEU A 1 11  ? -2.693  13.432  2.941   1.00 13.80 ? 989  LEU A CA  1 
ATOM   90   C C   . LEU A 1 11  ? -3.615  12.237  2.732   1.00 17.52 ? 989  LEU A C   1 
ATOM   91   O O   . LEU A 1 11  ? -3.381  11.448  1.820   1.00 16.07 ? 989  LEU A O   1 
ATOM   92   C CB  . LEU A 1 11  ? -1.784  13.182  4.168   1.00 14.03 ? 989  LEU A CB  1 
ATOM   93   C CG  . LEU A 1 11  ? -1.068  11.814  4.163   1.00 17.06 ? 989  LEU A CG  1 
ATOM   94   C CD1 . LEU A 1 11  ? -0.073  11.726  3.021   1.00 16.45 ? 989  LEU A CD1 1 
ATOM   95   C CD2 . LEU A 1 11  ? -0.373  11.600  5.484   1.00 18.01 ? 989  LEU A CD2 1 
ATOM   96   N N   . ARG A 1 12  ? -4.646  12.087  3.594   1.00 14.78 ? 990  ARG A N   1 
ATOM   97   C CA  . ARG A 1 12  ? -5.594  10.966  3.486   1.00 14.19 ? 990  ARG A CA  1 
ATOM   98   C C   . ARG A 1 12  ? -6.312  10.944  2.141   1.00 16.91 ? 990  ARG A C   1 
ATOM   99   O O   . ARG A 1 12  ? -6.476  9.878   1.542   1.00 17.01 ? 990  ARG A O   1 
ATOM   100  C CB  . ARG A 1 12  ? -6.616  10.994  4.640   1.00 12.80 ? 990  ARG A CB  1 
ATOM   101  C CG  . ARG A 1 12  ? -6.003  10.566  5.967   1.00 14.20 ? 990  ARG A CG  1 
ATOM   102  C CD  . ARG A 1 12  ? -7.068  10.303  7.042   1.00 17.82 ? 990  ARG A CD  1 
ATOM   103  N NE  . ARG A 1 12  ? -7.972  11.433  7.317   1.00 16.75 ? 990  ARG A NE  1 
ATOM   104  C CZ  . ARG A 1 12  ? -7.737  12.420  8.177   1.00 23.16 ? 990  ARG A CZ  1 
ATOM   105  N NH1 . ARG A 1 12  ? -6.577  12.494  8.813   1.00 14.45 ? 990  ARG A NH1 1 
ATOM   106  N NH2 . ARG A 1 12  ? -8.653  13.360  8.384   1.00 19.63 ? 990  ARG A NH2 1 
ATOM   107  N N   . ILE A 1 13  ? -6.769  12.108  1.687   1.00 12.61 ? 991  ILE A N   1 
ATOM   108  C CA  . ILE A 1 13  ? -7.458  12.256  0.389   1.00 12.94 ? 991  ILE A CA  1 
ATOM   109  C C   . ILE A 1 13  ? -6.498  11.809  -0.736  1.00 15.60 ? 991  ILE A C   1 
ATOM   110  O O   . ILE A 1 13  ? -6.885  11.015  -1.587  1.00 14.71 ? 991  ILE A O   1 
ATOM   111  C CB  . ILE A 1 13  ? -7.972  13.709  0.183   1.00 15.66 ? 991  ILE A CB  1 
ATOM   112  C CG1 . ILE A 1 13  ? -9.162  14.007  1.165   1.00 17.25 ? 991  ILE A CG1 1 
ATOM   113  C CG2 . ILE A 1 13  ? -8.410  13.949  -1.273  1.00 16.28 ? 991  ILE A CG2 1 
ATOM   114  C CD1 . ILE A 1 13  ? -9.378  15.495  1.441   1.00 20.08 ? 991  ILE A CD1 1 
ATOM   115  N N   . PHE A 1 14  ? -5.257  12.295  -0.701  1.00 13.30 ? 992  PHE A N   1 
ATOM   116  C CA  . PHE A 1 14  ? -4.229  11.937  -1.690  1.00 14.35 ? 992  PHE A CA  1 
ATOM   117  C C   . PHE A 1 14  ? -3.996  10.417  -1.672  1.00 16.30 ? 992  PHE A C   1 
ATOM   118  O O   . PHE A 1 14  ? -3.958  9.798   -2.731  1.00 13.57 ? 992  PHE A O   1 
ATOM   119  C CB  . PHE A 1 14  ? -2.913  12.699  -1.409  1.00 16.83 ? 992  PHE A CB  1 
ATOM   120  C CG  . PHE A 1 14  ? -1.763  12.262  -2.296  1.00 18.62 ? 992  PHE A CG  1 
ATOM   121  C CD1 . PHE A 1 14  ? -1.715  12.636  -3.640  1.00 20.17 ? 992  PHE A CD1 1 
ATOM   122  C CD2 . PHE A 1 14  ? -0.737  11.473  -1.792  1.00 21.04 ? 992  PHE A CD2 1 
ATOM   123  C CE1 . PHE A 1 14  ? -0.673  12.206  -4.467  1.00 20.86 ? 992  PHE A CE1 1 
ATOM   124  C CE2 . PHE A 1 14  ? 0.322   11.066  -2.617  1.00 23.36 ? 992  PHE A CE2 1 
ATOM   125  C CZ  . PHE A 1 14  ? 0.347   11.440  -3.948  1.00 20.98 ? 992  PHE A CZ  1 
ATOM   126  N N   . LEU A 1 15  ? -3.829  9.833   -0.483  1.00 13.60 ? 993  LEU A N   1 
ATOM   127  C CA  . LEU A 1 15  ? -3.612  8.372   -0.349  1.00 11.97 ? 993  LEU A CA  1 
ATOM   128  C C   . LEU A 1 15  ? -4.786  7.539   -0.818  1.00 15.87 ? 993  LEU A C   1 
ATOM   129  O O   . LEU A 1 15  ? -4.564  6.515   -1.465  1.00 14.29 ? 993  LEU A O   1 
ATOM   130  C CB  . LEU A 1 15  ? -3.202  7.971   1.068   1.00 11.51 ? 993  LEU A CB  1 
ATOM   131  C CG  . LEU A 1 15  ? -1.876  8.562   1.592   1.00 15.67 ? 993  LEU A CG  1 
ATOM   132  C CD1 . LEU A 1 15  ? -1.596  8.041   3.003   1.00 15.80 ? 993  LEU A CD1 1 
ATOM   133  C CD2 . LEU A 1 15  ? -0.709  8.256   0.652   1.00 15.81 ? 993  LEU A CD2 1 
ATOM   134  N N   . ARG A 1 16  ? -6.027  7.957   -0.528  1.00 12.97 ? 994  ARG A N   1 
ATOM   135  C CA  . ARG A 1 16  ? -7.193  7.229   -1.043  1.00 14.26 ? 994  ARG A CA  1 
ATOM   136  C C   . ARG A 1 16  ? -7.225  7.224   -2.573  1.00 16.78 ? 994  ARG A C   1 
ATOM   137  O O   . ARG A 1 16  ? -7.543  6.204   -3.171  1.00 15.32 ? 994  ARG A O   1 
ATOM   138  C CB  . ARG A 1 16  ? -8.512  7.851   -0.563  1.00 17.26 ? 994  ARG A CB  1 
ATOM   139  C CG  . ARG A 1 16  ? -8.900  7.407   0.796   1.00 21.32 ? 994  ARG A CG  1 
ATOM   140  C CD  . ARG A 1 16  ? -10.304 7.876   1.145   1.00 17.56 ? 994  ARG A CD  1 
ATOM   141  N NE  . ARG A 1 16  ? -10.319 8.059   2.588   1.00 17.05 ? 994  ARG A NE  1 
ATOM   142  C CZ  . ARG A 1 16  ? -10.119 9.204   3.225   1.00 27.64 ? 994  ARG A CZ  1 
ATOM   143  N NH1 . ARG A 1 16  ? -10.034 10.345  2.550   1.00 17.14 ? 994  ARG A NH1 1 
ATOM   144  N NH2 . ARG A 1 16  ? -10.067 9.228   4.548   1.00 21.48 ? 994  ARG A NH2 1 
ATOM   145  N N   . ASN A 1 17  ? -6.940  8.361   -3.194  1.00 14.08 ? 995  ASN A N   1 
ATOM   146  C CA  . ASN A 1 17  ? -6.962  8.466   -4.661  1.00 14.63 ? 995  ASN A CA  1 
ATOM   147  C C   . ASN A 1 17  ? -5.909  7.554   -5.313  1.00 17.29 ? 995  ASN A C   1 
ATOM   148  O O   . ASN A 1 17  ? -6.233  6.842   -6.257  1.00 16.64 ? 995  ASN A O   1 
ATOM   149  C CB  . ASN A 1 17  ? -6.788  9.922   -5.093  1.00 16.36 ? 995  ASN A CB  1 
ATOM   150  C CG  . ASN A 1 17  ? -6.655  10.083  -6.583  1.00 33.03 ? 995  ASN A CG  1 
ATOM   151  O OD1 . ASN A 1 17  ? -5.550  10.117  -7.102  1.00 18.16 ? 995  ASN A OD1 1 
ATOM   152  N ND2 . ASN A 1 17  ? -7.781  10.163  -7.308  1.00 29.04 ? 995  ASN A ND2 1 
ATOM   153  N N   . VAL A 1 18  ? -4.663  7.576   -4.816  1.00 15.13 ? 996  VAL A N   1 
ATOM   154  C CA  . VAL A 1 18  ? -3.602  6.698   -5.325  1.00 14.32 ? 996  VAL A CA  1 
ATOM   155  C C   . VAL A 1 18  ? -4.072  5.217   -5.145  1.00 17.59 ? 996  VAL A C   1 
ATOM   156  O O   . VAL A 1 18  ? -3.962  4.420   -6.075  1.00 15.34 ? 996  VAL A O   1 
ATOM   157  C CB  . VAL A 1 18  ? -2.259  6.950   -4.584  1.00 17.72 ? 996  VAL A CB  1 
ATOM   158  C CG1 . VAL A 1 18  ? -1.179  5.957   -5.032  1.00 17.68 ? 996  VAL A CG1 1 
ATOM   159  C CG2 . VAL A 1 18  ? -1.785  8.393   -4.791  1.00 17.06 ? 996  VAL A CG2 1 
ATOM   160  N N   . THR A 1 19  ? -4.610  4.874   -3.963  1.00 14.11 ? 997  THR A N   1 
ATOM   161  C CA  . THR A 1 19  ? -5.031  3.485   -3.679  1.00 13.64 ? 997  THR A CA  1 
ATOM   162  C C   . THR A 1 19  ? -6.143  3.040   -4.605  1.00 17.06 ? 997  THR A C   1 
ATOM   163  O O   . THR A 1 19  ? -6.099  1.913   -5.099  1.00 17.08 ? 997  THR A O   1 
ATOM   164  C CB  . THR A 1 19  ? -5.387  3.288   -2.190  1.00 19.47 ? 997  THR A CB  1 
ATOM   165  O OG1 . THR A 1 19  ? -4.339  3.856   -1.399  1.00 16.15 ? 997  THR A OG1 1 
ATOM   166  C CG2 . THR A 1 19  ? -5.566  1.803   -1.828  1.00 16.34 ? 997  THR A CG2 1 
ATOM   167  N N   . HIS A 1 20  ? -7.120  3.926   -4.856  1.00 14.39 ? 998  HIS A N   1 
ATOM   168  C CA  . HIS A 1 20  ? -8.235  3.658   -5.775  1.00 15.31 ? 998  HIS A CA  1 
ATOM   169  C C   . HIS A 1 20  ? -7.711  3.362   -7.195  1.00 18.13 ? 998  HIS A C   1 
ATOM   170  O O   . HIS A 1 20  ? -8.166  2.418   -7.841  1.00 17.71 ? 998  HIS A O   1 
ATOM   171  C CB  . HIS A 1 20  ? -9.228  4.851   -5.783  1.00 16.84 ? 998  HIS A CB  1 
ATOM   172  C CG  . HIS A 1 20  ? -10.280 4.737   -6.838  1.00 20.99 ? 998  HIS A CG  1 
ATOM   173  N ND1 . HIS A 1 20  ? -11.317 3.803   -6.737  1.00 23.30 ? 998  HIS A ND1 1 
ATOM   174  C CD2 . HIS A 1 20  ? -10.404 5.406   -8.008  1.00 23.00 ? 998  HIS A CD2 1 
ATOM   175  C CE1 . HIS A 1 20  ? -12.056 3.969   -7.823  1.00 22.72 ? 998  HIS A CE1 1 
ATOM   176  N NE2 . HIS A 1 20  ? -11.539 4.915   -8.629  1.00 23.19 ? 998  HIS A NE2 1 
ATOM   177  N N   . ARG A 1 21  ? -6.739  4.147   -7.668  1.00 15.51 ? 999  ARG A N   1 
ATOM   178  C CA  . ARG A 1 21  ? -6.146  3.945   -9.000  1.00 15.09 ? 999  ARG A CA  1 
ATOM   179  C C   . ARG A 1 21  ? -5.424  2.605   -9.120  1.00 17.94 ? 999  ARG A C   1 
ATOM   180  O O   . ARG A 1 21  ? -5.502  1.957   -10.164 1.00 19.92 ? 999  ARG A O   1 
ATOM   181  C CB  . ARG A 1 21  ? -5.254  5.136   -9.373  1.00 15.19 ? 999  ARG A CB  1 
ATOM   182  C CG  . ARG A 1 21  ? -6.114  6.380   -9.652  1.00 19.21 ? 999  ARG A CG  1 
ATOM   183  C CD  . ARG A 1 21  ? -5.373  7.661   -9.293  1.00 20.45 ? 999  ARG A CD  1 
ATOM   184  N NE  . ARG A 1 21  ? -4.286  7.876   -10.226 1.00 15.08 ? 999  ARG A NE  1 
ATOM   185  C CZ  . ARG A 1 21  ? -3.368  8.821   -10.129 1.00 22.29 ? 999  ARG A CZ  1 
ATOM   186  N NH1 . ARG A 1 21  ? -3.376  9.661   -9.101  1.00 14.13 ? 999  ARG A NH1 1 
ATOM   187  N NH2 . ARG A 1 21  ? -2.431  8.935   -11.056 1.00 13.68 ? 999  ARG A NH2 1 
ATOM   188  N N   . LEU A 1 22  ? -4.793  2.140   -8.034  1.00 14.06 ? 1000 LEU A N   1 
ATOM   189  C CA  . LEU A 1 22  ? -4.167  0.818   -8.003  1.00 13.27 ? 1000 LEU A CA  1 
ATOM   190  C C   . LEU A 1 22  ? -5.273  -0.262  -8.000  1.00 19.49 ? 1000 LEU A C   1 
ATOM   191  O O   . LEU A 1 22  ? -5.195  -1.210  -8.787  1.00 19.73 ? 1000 LEU A O   1 
ATOM   192  C CB  . LEU A 1 22  ? -3.263  0.652   -6.754  1.00 12.99 ? 1000 LEU A CB  1 
ATOM   193  C CG  . LEU A 1 22  ? -2.087  1.659   -6.599  1.00 16.98 ? 1000 LEU A CG  1 
ATOM   194  C CD1 . LEU A 1 22  ? -1.329  1.400   -5.284  1.00 16.93 ? 1000 LEU A CD1 1 
ATOM   195  C CD2 . LEU A 1 22  ? -1.122  1.594   -7.822  1.00 18.79 ? 1000 LEU A CD2 1 
ATOM   196  N N   . ALA A 1 23  ? -6.301  -0.098  -7.143  1.00 15.80 ? 1001 ALA A N   1 
ATOM   197  C CA  . ALA A 1 23  ? -7.405  -1.057  -6.998  1.00 15.76 ? 1001 ALA A CA  1 
ATOM   198  C C   . ALA A 1 23  ? -8.229  -1.297  -8.255  1.00 20.30 ? 1001 ALA A C   1 
ATOM   199  O O   . ALA A 1 23  ? -8.776  -2.385  -8.398  1.00 19.34 ? 1001 ALA A O   1 
ATOM   200  C CB  . ALA A 1 23  ? -8.323  -0.663  -5.845  1.00 15.96 ? 1001 ALA A CB  1 
ATOM   201  N N   . ILE A 1 24  ? -8.381  -0.293  -9.120  1.00 18.27 ? 1002 ILE A N   1 
ATOM   202  C CA  . ILE A 1 24  ? -9.175  -0.458  -10.341 1.00 19.30 ? 1002 ILE A CA  1 
ATOM   203  C C   . ILE A 1 24  ? -8.323  -1.034  -11.482 1.00 24.72 ? 1002 ILE A C   1 
ATOM   204  O O   . ILE A 1 24  ? -8.870  -1.335  -12.545 1.00 25.58 ? 1002 ILE A O   1 
ATOM   205  C CB  . ILE A 1 24  ? -9.909  0.842   -10.771 1.00 21.42 ? 1002 ILE A CB  1 
ATOM   206  C CG1 . ILE A 1 24  ? -8.893  1.929   -11.181 1.00 20.09 ? 1002 ILE A CG1 1 
ATOM   207  C CG2 . ILE A 1 24  ? -10.906 1.283   -9.702  1.00 21.90 ? 1002 ILE A CG2 1 
ATOM   208  C CD1 . ILE A 1 24  ? -9.461  3.283   -11.828 1.00 22.80 ? 1002 ILE A CD1 1 
ATOM   209  N N   . ASP A 1 25  ? -6.983  -1.119  -11.299 1.00 20.61 ? 1003 ASP A N   1 
ATOM   210  C CA  . ASP A 1 25  ? -6.107  -1.689  -12.331 1.00 19.68 ? 1003 ASP A CA  1 
ATOM   211  C C   . ASP A 1 25  ? -6.268  -3.228  -12.311 1.00 26.53 ? 1003 ASP A C   1 
ATOM   212  O O   . ASP A 1 25  ? -6.006  -3.882  -11.281 1.00 24.60 ? 1003 ASP A O   1 
ATOM   213  C CB  . ASP A 1 25  ? -4.644  -1.273  -12.111 1.00 19.88 ? 1003 ASP A CB  1 
ATOM   214  C CG  . ASP A 1 25  ? -3.705  -1.557  -13.276 1.00 21.96 ? 1003 ASP A CG  1 
ATOM   215  O OD1 . ASP A 1 25  ? -3.695  -2.703  -13.762 1.00 23.12 ? 1003 ASP A OD1 1 
ATOM   216  O OD2 . ASP A 1 25  ? -2.865  -0.700  -13.573 1.00 25.42 ? 1003 ASP A OD2 1 
ATOM   217  N N   . LYS A 1 26  ? -6.750  -3.803  -13.451 1.00 25.67 ? 1004 LYS A N   1 
ATOM   218  C CA  . LYS A 1 26  ? -7.011  -5.257  -13.607 1.00 25.00 ? 1004 LYS A CA  1 
ATOM   219  C C   . LYS A 1 26  ? -5.849  -6.148  -13.196 1.00 25.46 ? 1004 LYS A C   1 
ATOM   220  O O   . LYS A 1 26  ? -6.082  -7.205  -12.629 1.00 25.98 ? 1004 LYS A O   1 
ATOM   221  C CB  . LYS A 1 26  ? -7.411  -5.591  -15.054 1.00 29.24 ? 1004 LYS A CB  1 
ATOM   222  C CG  . LYS A 1 26  ? -8.917  -5.601  -15.285 1.00 56.89 ? 1004 LYS A CG  1 
ATOM   223  C CD  . LYS A 1 26  ? -9.246  -5.880  -16.755 1.00 74.05 ? 1004 LYS A CD  1 
ATOM   224  C CE  . LYS A 1 26  ? -10.699 -5.621  -17.086 1.00 89.89 ? 1004 LYS A CE  1 
ATOM   225  N NZ  . LYS A 1 26  ? -10.961 -5.721  -18.549 1.00 99.70 ? 1004 LYS A NZ  1 
ATOM   226  N N   . ARG A 1 27  ? -4.612  -5.720  -13.442 1.00 22.19 ? 1005 ARG A N   1 
ATOM   227  C CA  . ARG A 1 27  ? -3.413  -6.487  -13.074 1.00 22.41 ? 1005 ARG A CA  1 
ATOM   228  C C   . ARG A 1 27  ? -3.300  -6.707  -11.575 1.00 27.95 ? 1005 ARG A C   1 
ATOM   229  O O   . ARG A 1 27  ? -2.681  -7.691  -11.163 1.00 27.23 ? 1005 ARG A O   1 
ATOM   230  C CB  . ARG A 1 27  ? -2.140  -5.746  -13.479 1.00 23.15 ? 1005 ARG A CB  1 
ATOM   231  C CG  . ARG A 1 27  ? -1.896  -5.557  -14.958 1.00 25.93 ? 1005 ARG A CG  1 
ATOM   232  C CD  . ARG A 1 27  ? -0.629  -4.728  -15.121 1.00 26.91 ? 1005 ARG A CD  1 
ATOM   233  N NE  . ARG A 1 27  ? -0.827  -3.340  -14.695 1.00 28.15 ? 1005 ARG A NE  1 
ATOM   234  C CZ  . ARG A 1 27  ? 0.136   -2.431  -14.650 1.00 38.40 ? 1005 ARG A CZ  1 
ATOM   235  N NH1 . ARG A 1 27  ? 1.375   -2.747  -15.005 1.00 28.31 ? 1005 ARG A NH1 1 
ATOM   236  N NH2 . ARG A 1 27  ? -0.127  -1.198  -14.243 1.00 27.18 ? 1005 ARG A NH2 1 
ATOM   237  N N   . PHE A 1 28  ? -3.882  -5.783  -10.755 1.00 21.92 ? 1006 PHE A N   1 
ATOM   238  C CA  . PHE A 1 28  ? -3.726  -5.786  -9.304  1.00 19.52 ? 1006 PHE A CA  1 
ATOM   239  C C   . PHE A 1 28  ? -4.922  -6.350  -8.541  1.00 23.15 ? 1006 PHE A C   1 
ATOM   240  O O   . PHE A 1 28  ? -4.977  -6.252  -7.302  1.00 21.48 ? 1006 PHE A O   1 
ATOM   241  C CB  . PHE A 1 28  ? -3.354  -4.376  -8.817  1.00 19.09 ? 1006 PHE A CB  1 
ATOM   242  C CG  . PHE A 1 28  ? -2.208  -3.727  -9.571  1.00 20.07 ? 1006 PHE A CG  1 
ATOM   243  C CD1 . PHE A 1 28  ? -1.132  -4.487  -10.036 1.00 21.26 ? 1006 PHE A CD1 1 
ATOM   244  C CD2 . PHE A 1 28  ? -2.190  -2.355  -9.791  1.00 18.00 ? 1006 PHE A CD2 1 
ATOM   245  C CE1 . PHE A 1 28  ? -0.097  -3.888  -10.755 1.00 21.32 ? 1006 PHE A CE1 1 
ATOM   246  C CE2 . PHE A 1 28  ? -1.132  -1.757  -10.473 1.00 20.15 ? 1006 PHE A CE2 1 
ATOM   247  C CZ  . PHE A 1 28  ? -0.104  -2.525  -10.968 1.00 19.24 ? 1006 PHE A CZ  1 
ATOM   248  N N   . ARG A 1 29  ? -5.809  -7.057  -9.260  1.00 20.67 ? 1007 ARG A N   1 
ATOM   249  C CA  . ARG A 1 29  ? -7.018  -7.649  -8.693  1.00 21.41 ? 1007 ARG A CA  1 
ATOM   250  C C   . ARG A 1 29  ? -6.750  -8.536  -7.473  1.00 25.95 ? 1007 ARG A C   1 
ATOM   251  O O   . ARG A 1 29  ? -7.456  -8.415  -6.466  1.00 28.33 ? 1007 ARG A O   1 
ATOM   252  C CB  . ARG A 1 29  ? -7.807  -8.411  -9.774  1.00 23.71 ? 1007 ARG A CB  1 
ATOM   253  C CG  . ARG A 1 29  ? -9.172  -8.934  -9.289  1.00 38.33 ? 1007 ARG A CG  1 
ATOM   254  C CD  . ARG A 1 29  ? -9.849  -9.834  -10.309 1.00 52.65 ? 1007 ARG A CD  1 
ATOM   255  N NE  . ARG A 1 29  ? -9.165  -11.125 -10.437 1.00 71.92 ? 1007 ARG A NE  1 
ATOM   256  C CZ  . ARG A 1 29  ? -9.482  -12.223 -9.756  1.00 86.73 ? 1007 ARG A CZ  1 
ATOM   257  N NH1 . ARG A 1 29  ? -10.497 -12.212 -8.898  1.00 73.34 ? 1007 ARG A NH1 1 
ATOM   258  N NH2 . ARG A 1 29  ? -8.792  -13.341 -9.932  1.00 73.07 ? 1007 ARG A NH2 1 
ATOM   259  N N   . VAL A 1 30  ? -5.720  -9.378  -7.535  1.00 21.70 ? 1008 VAL A N   1 
ATOM   260  C CA  . VAL A 1 30  ? -5.407  -10.304 -6.447  1.00 22.65 ? 1008 VAL A CA  1 
ATOM   261  C C   . VAL A 1 30  ? -4.905  -9.581  -5.172  1.00 25.27 ? 1008 VAL A C   1 
ATOM   262  O O   . VAL A 1 30  ? -4.837  -10.200 -4.109  1.00 24.11 ? 1008 VAL A O   1 
ATOM   263  C CB  . VAL A 1 30  ? -4.467  -11.462 -6.864  1.00 27.40 ? 1008 VAL A CB  1 
ATOM   264  C CG1 . VAL A 1 30  ? -5.124  -12.344 -7.933  1.00 28.64 ? 1008 VAL A CG1 1 
ATOM   265  C CG2 . VAL A 1 30  ? -3.119  -10.942 -7.323  1.00 26.76 ? 1008 VAL A CG2 1 
ATOM   266  N N   . PHE A 1 31  ? -4.594  -8.282  -5.279  1.00 21.26 ? 1009 PHE A N   1 
ATOM   267  C CA  . PHE A 1 31  ? -4.153  -7.486  -4.135  1.00 20.51 ? 1009 PHE A CA  1 
ATOM   268  C C   . PHE A 1 31  ? -5.261  -6.599  -3.583  1.00 22.08 ? 1009 PHE A C   1 
ATOM   269  O O   . PHE A 1 31  ? -4.989  -5.816  -2.680  1.00 20.53 ? 1009 PHE A O   1 
ATOM   270  C CB  . PHE A 1 31  ? -2.925  -6.642  -4.525  1.00 22.37 ? 1009 PHE A CB  1 
ATOM   271  C CG  . PHE A 1 31  ? -1.854  -7.446  -5.235  1.00 24.19 ? 1009 PHE A CG  1 
ATOM   272  C CD1 . PHE A 1 31  ? -1.101  -8.395  -4.551  1.00 24.96 ? 1009 PHE A CD1 1 
ATOM   273  C CD2 . PHE A 1 31  ? -1.608  -7.259  -6.592  1.00 27.46 ? 1009 PHE A CD2 1 
ATOM   274  C CE1 . PHE A 1 31  ? -0.127  -9.148  -5.209  1.00 26.63 ? 1009 PHE A CE1 1 
ATOM   275  C CE2 . PHE A 1 31  ? -0.626  -8.007  -7.248  1.00 30.17 ? 1009 PHE A CE2 1 
ATOM   276  C CZ  . PHE A 1 31  ? 0.108   -8.945  -6.549  1.00 27.46 ? 1009 PHE A CZ  1 
ATOM   277  N N   . THR A 1 32  ? -6.506  -6.710  -4.098  1.00 20.87 ? 1010 THR A N   1 
ATOM   278  C CA  . THR A 1 32  ? -7.617  -5.834  -3.688  1.00 20.73 ? 1010 THR A CA  1 
ATOM   279  C C   . THR A 1 32  ? -8.295  -6.237  -2.393  1.00 26.98 ? 1010 THR A C   1 
ATOM   280  O O   . THR A 1 32  ? -9.006  -5.423  -1.793  1.00 28.02 ? 1010 THR A O   1 
ATOM   281  C CB  . THR A 1 32  ? -8.659  -5.676  -4.789  1.00 29.36 ? 1010 THR A CB  1 
ATOM   282  O OG1 . THR A 1 32  ? -9.224  -6.956  -5.081  1.00 26.78 ? 1010 THR A OG1 1 
ATOM   283  C CG2 . THR A 1 32  ? -8.101  -4.993  -6.043  1.00 27.10 ? 1010 THR A CG2 1 
ATOM   284  N N   . LYS A 1 33  ? -8.117  -7.478  -1.983  1.00 22.80 ? 1011 LYS A N   1 
ATOM   285  C CA  . LYS A 1 33  ? -8.759  -8.003  -0.791  1.00 23.44 ? 1011 LYS A CA  1 
ATOM   286  C C   . LYS A 1 33  ? -7.774  -8.910  -0.065  1.00 26.75 ? 1011 LYS A C   1 
ATOM   287  O O   . LYS A 1 33  ? -6.827  -9.403  -0.690  1.00 25.36 ? 1011 LYS A O   1 
ATOM   288  C CB  . LYS A 1 33  ? -10.018 -8.820  -1.202  1.00 26.57 ? 1011 LYS A CB  1 
ATOM   289  C CG  . LYS A 1 33  ? -11.258 -7.964  -1.422  1.00 40.77 ? 1011 LYS A CG  1 
ATOM   290  C CD  . LYS A 1 33  ? -12.365 -8.780  -2.057  1.00 56.93 ? 1011 LYS A CD  1 
ATOM   291  C CE  . LYS A 1 33  ? -13.734 -8.229  -1.735  1.00 78.38 ? 1011 LYS A CE  1 
ATOM   292  N NZ  . LYS A 1 33  ? -14.599 -9.254  -1.088  1.00 90.87 ? 1011 LYS A NZ  1 
ATOM   293  N N   . PRO A 1 34  ? -7.964  -9.153  1.251   1.00 25.93 ? 1012 PRO A N   1 
ATOM   294  C CA  . PRO A 1 34  ? -7.052  -10.074 1.951   1.00 27.55 ? 1012 PRO A CA  1 
ATOM   295  C C   . PRO A 1 34  ? -7.091  -11.474 1.339   1.00 33.68 ? 1012 PRO A C   1 
ATOM   296  O O   . PRO A 1 34  ? -8.133  -11.901 0.830   1.00 32.23 ? 1012 PRO A O   1 
ATOM   297  C CB  . PRO A 1 34  ? -7.600  -10.109 3.389   1.00 28.79 ? 1012 PRO A CB  1 
ATOM   298  C CG  . PRO A 1 34  ? -8.464  -8.919  3.519   1.00 33.26 ? 1012 PRO A CG  1 
ATOM   299  C CD  . PRO A 1 34  ? -9.023  -8.654  2.152   1.00 28.33 ? 1012 PRO A CD  1 
ATOM   300  N N   . VAL A 1 35  ? -5.940  -12.155 1.346   1.00 34.17 ? 1013 VAL A N   1 
ATOM   301  C CA  . VAL A 1 35  ? -5.812  -13.537 0.877   1.00 35.74 ? 1013 VAL A CA  1 
ATOM   302  C C   . VAL A 1 35  ? -6.745  -14.374 1.774   1.00 44.31 ? 1013 VAL A C   1 
ATOM   303  O O   . VAL A 1 35  ? -6.659  -14.284 3.003   1.00 43.74 ? 1013 VAL A O   1 
ATOM   304  C CB  . VAL A 1 35  ? -4.346  -14.049 0.951   1.00 38.68 ? 1013 VAL A CB  1 
ATOM   305  C CG1 . VAL A 1 35  ? -4.284  -15.557 0.746   1.00 38.33 ? 1013 VAL A CG1 1 
ATOM   306  C CG2 . VAL A 1 35  ? -3.451  -13.337 -0.061  1.00 38.41 ? 1013 VAL A CG2 1 
ATOM   307  N N   . ASP A 1 36  ? -7.672  -15.117 1.153   1.00 45.15 ? 1014 ASP A N   1 
ATOM   308  C CA  . ASP A 1 36  ? -8.642  -15.953 1.858   1.00 46.92 ? 1014 ASP A CA  1 
ATOM   309  C C   . ASP A 1 36  ? -7.981  -17.260 2.328   1.00 54.18 ? 1014 ASP A C   1 
ATOM   310  O O   . ASP A 1 36  ? -7.407  -17.977 1.500   1.00 52.88 ? 1014 ASP A O   1 
ATOM   311  C CB  . ASP A 1 36  ? -9.880  -16.224 0.979   1.00 48.85 ? 1014 ASP A CB  1 
ATOM   312  C CG  . ASP A 1 36  ? -10.859 -17.223 1.567   1.00 64.06 ? 1014 ASP A CG  1 
ATOM   313  O OD1 . ASP A 1 36  ? -11.365 -16.975 2.678   1.00 65.80 ? 1014 ASP A OD1 1 
ATOM   314  O OD2 . ASP A 1 36  ? -11.108 -18.254 0.919   1.00 73.18 ? 1014 ASP A OD2 1 
ATOM   315  N N   . PRO A 1 37  ? -8.043  -17.582 3.646   1.00 54.42 ? 1015 PRO A N   1 
ATOM   316  C CA  . PRO A 1 37  ? -7.412  -18.828 4.122   1.00 55.59 ? 1015 PRO A CA  1 
ATOM   317  C C   . PRO A 1 37  ? -8.082  -20.107 3.616   1.00 61.82 ? 1015 PRO A C   1 
ATOM   318  O O   . PRO A 1 37  ? -7.424  -21.137 3.573   1.00 62.42 ? 1015 PRO A O   1 
ATOM   319  C CB  . PRO A 1 37  ? -7.438  -18.697 5.651   1.00 57.41 ? 1015 PRO A CB  1 
ATOM   320  C CG  . PRO A 1 37  ? -8.547  -17.764 5.935   1.00 61.47 ? 1015 PRO A CG  1 
ATOM   321  C CD  . PRO A 1 37  ? -8.683  -16.839 4.754   1.00 56.63 ? 1015 PRO A CD  1 
ATOM   322  N N   . ASP A 1 38  ? -9.358  -20.044 3.190   1.00 58.96 ? 1016 ASP A N   1 
ATOM   323  C CA  . ASP A 1 38  ? -10.052 -21.214 2.644   1.00 58.95 ? 1016 ASP A CA  1 
ATOM   324  C C   . ASP A 1 38  ? -9.527  -21.521 1.233   1.00 61.41 ? 1016 ASP A C   1 
ATOM   325  O O   . ASP A 1 38  ? -9.400  -22.691 0.864   1.00 61.24 ? 1016 ASP A O   1 
ATOM   326  C CB  . ASP A 1 38  ? -11.584 -21.028 2.662   1.00 61.30 ? 1016 ASP A CB  1 
ATOM   327  C CG  . ASP A 1 38  ? -12.165 -20.616 4.010   1.00 73.82 ? 1016 ASP A CG  1 
ATOM   328  O OD1 . ASP A 1 38  ? -11.812 -21.254 5.035   1.00 74.33 ? 1016 ASP A OD1 1 
ATOM   329  O OD2 . ASP A 1 38  ? -12.979 -19.661 4.041   1.00 80.49 ? 1016 ASP A OD2 1 
ATOM   330  N N   . GLU A 1 39  ? -9.167  -20.471 0.471   1.00 56.10 ? 1017 GLU A N   1 
ATOM   331  C CA  . GLU A 1 39  ? -8.610  -20.609 -0.875  1.00 55.32 ? 1017 GLU A CA  1 
ATOM   332  C C   . GLU A 1 39  ? -7.090  -20.806 -0.852  1.00 58.17 ? 1017 GLU A C   1 
ATOM   333  O O   . GLU A 1 39  ? -6.547  -21.392 -1.788  1.00 57.40 ? 1017 GLU A O   1 
ATOM   334  C CB  . GLU A 1 39  ? -8.993  -19.415 -1.759  1.00 56.60 ? 1017 GLU A CB  1 
ATOM   335  C CG  . GLU A 1 39  ? -10.376 -19.538 -2.366  1.00 66.16 ? 1017 GLU A CG  1 
ATOM   336  C CD  . GLU A 1 39  ? -11.079 -18.212 -2.585  1.00 87.28 ? 1017 GLU A CD  1 
ATOM   337  O OE1 . GLU A 1 39  ? -10.699 -17.486 -3.533  1.00 77.38 ? 1017 GLU A OE1 1 
ATOM   338  O OE2 . GLU A 1 39  ? -12.020 -17.905 -1.819  1.00 82.88 ? 1017 GLU A OE2 1 
ATOM   339  N N   . VAL A 1 40  ? -6.402  -20.287 0.195   1.00 54.63 ? 1018 VAL A N   1 
ATOM   340  C CA  . VAL A 1 40  ? -4.941  -20.381 0.376   1.00 55.12 ? 1018 VAL A CA  1 
ATOM   341  C C   . VAL A 1 40  ? -4.696  -20.673 1.894   1.00 60.48 ? 1018 VAL A C   1 
ATOM   342  O O   . VAL A 1 40  ? -4.427  -19.738 2.654   1.00 59.62 ? 1018 VAL A O   1 
ATOM   343  C CB  . VAL A 1 40  ? -4.198  -19.097 -0.130  1.00 59.30 ? 1018 VAL A CB  1 
ATOM   344  C CG1 . VAL A 1 40  ? -2.707  -19.349 -0.299  1.00 59.22 ? 1018 VAL A CG1 1 
ATOM   345  C CG2 . VAL A 1 40  ? -4.786  -18.545 -1.432  1.00 58.96 ? 1018 VAL A CG2 1 
ATOM   346  N N   . PRO A 1 41  ? -4.819  -21.955 2.356   1.00 58.41 ? 1019 PRO A N   1 
ATOM   347  C CA  . PRO A 1 41  ? -4.750  -22.242 3.812   1.00 57.62 ? 1019 PRO A CA  1 
ATOM   348  C C   . PRO A 1 41  ? -3.472  -21.908 4.590   1.00 57.61 ? 1019 PRO A C   1 
ATOM   349  O O   . PRO A 1 41  ? -3.593  -21.541 5.760   1.00 57.53 ? 1019 PRO A O   1 
ATOM   350  C CB  . PRO A 1 41  ? -5.034  -23.750 3.902   1.00 59.78 ? 1019 PRO A CB  1 
ATOM   351  C CG  . PRO A 1 41  ? -4.815  -24.282 2.522   1.00 64.56 ? 1019 PRO A CG  1 
ATOM   352  C CD  . PRO A 1 41  ? -5.201  -23.169 1.600   1.00 60.20 ? 1019 PRO A CD  1 
ATOM   353  N N   . ASP A 1 42  ? -2.280  -22.077 4.007   1.00 51.24 ? 1020 ASP A N   1 
ATOM   354  C CA  . ASP A 1 42  ? -1.028  -21.827 4.743   1.00 50.33 ? 1020 ASP A CA  1 
ATOM   355  C C   . ASP A 1 42  ? -0.593  -20.348 4.811   1.00 48.99 ? 1020 ASP A C   1 
ATOM   356  O O   . ASP A 1 42  ? 0.302   -20.014 5.590   1.00 48.94 ? 1020 ASP A O   1 
ATOM   357  C CB  . ASP A 1 42  ? 0.117   -22.690 4.175   1.00 53.12 ? 1020 ASP A CB  1 
ATOM   358  C CG  . ASP A 1 42  ? 0.401   -22.471 2.697   1.00 71.95 ? 1020 ASP A CG  1 
ATOM   359  O OD1 . ASP A 1 42  ? -0.559  -22.541 1.886   1.00 73.46 ? 1020 ASP A OD1 1 
ATOM   360  O OD2 . ASP A 1 42  ? 1.588   -22.274 2.341   1.00 81.05 ? 1020 ASP A OD2 1 
ATOM   361  N N   . TYR A 1 43  ? -1.216  -19.477 3.999   1.00 40.47 ? 1021 TYR A N   1 
ATOM   362  C CA  . TYR A 1 43  ? -0.860  -18.062 3.896   1.00 37.27 ? 1021 TYR A CA  1 
ATOM   363  C C   . TYR A 1 43  ? -0.654  -17.344 5.244   1.00 41.00 ? 1021 TYR A C   1 
ATOM   364  O O   . TYR A 1 43  ? 0.442   -16.835 5.490   1.00 39.67 ? 1021 TYR A O   1 
ATOM   365  C CB  . TYR A 1 43  ? -1.874  -17.301 3.026   1.00 35.82 ? 1021 TYR A CB  1 
ATOM   366  C CG  . TYR A 1 43  ? -1.295  -16.002 2.523   1.00 33.12 ? 1021 TYR A CG  1 
ATOM   367  C CD1 . TYR A 1 43  ? -0.494  -15.971 1.384   1.00 34.04 ? 1021 TYR A CD1 1 
ATOM   368  C CD2 . TYR A 1 43  ? -1.481  -14.813 3.228   1.00 32.49 ? 1021 TYR A CD2 1 
ATOM   369  C CE1 . TYR A 1 43  ? 0.083   -14.784 0.939   1.00 33.05 ? 1021 TYR A CE1 1 
ATOM   370  C CE2 . TYR A 1 43  ? -0.912  -13.619 2.791   1.00 32.11 ? 1021 TYR A CE2 1 
ATOM   371  C CZ  . TYR A 1 43  ? -0.129  -13.612 1.647   1.00 33.55 ? 1021 TYR A CZ  1 
ATOM   372  O OH  . TYR A 1 43  ? 0.434   -12.451 1.199   1.00 29.46 ? 1021 TYR A OH  1 
ATOM   373  N N   . VAL A 1 44  ? -1.695  -17.325 6.100   1.00 39.08 ? 1022 VAL A N   1 
ATOM   374  C CA  . VAL A 1 44  ? -1.744  -16.670 7.419   1.00 40.99 ? 1022 VAL A CA  1 
ATOM   375  C C   . VAL A 1 44  ? -0.661  -17.217 8.384   1.00 45.70 ? 1022 VAL A C   1 
ATOM   376  O O   . VAL A 1 44  ? -0.254  -16.507 9.304   1.00 46.19 ? 1022 VAL A O   1 
ATOM   377  C CB  . VAL A 1 44  ? -3.182  -16.712 8.025   1.00 47.47 ? 1022 VAL A CB  1 
ATOM   378  C CG1 . VAL A 1 44  ? -3.291  -15.851 9.282   1.00 47.86 ? 1022 VAL A CG1 1 
ATOM   379  C CG2 . VAL A 1 44  ? -4.221  -16.257 6.998   1.00 47.94 ? 1022 VAL A CG2 1 
ATOM   380  N N   . THR A 1 45  ? -0.139  -18.432 8.128   1.00 42.13 ? 1023 THR A N   1 
ATOM   381  C CA  . THR A 1 45  ? 0.921   -19.003 8.958   1.00 41.61 ? 1023 THR A CA  1 
ATOM   382  C C   . THR A 1 45  ? 2.308   -18.620 8.413   1.00 42.70 ? 1023 THR A C   1 
ATOM   383  O O   . THR A 1 45  ? 3.228   -18.407 9.204   1.00 42.94 ? 1023 THR A O   1 
ATOM   384  C CB  . THR A 1 45  ? 0.728   -20.522 9.179   1.00 54.14 ? 1023 THR A CB  1 
ATOM   385  O OG1 . THR A 1 45  ? 0.908   -21.234 7.951   1.00 59.39 ? 1023 THR A OG1 1 
ATOM   386  C CG2 . THR A 1 45  ? -0.625  -20.864 9.804   1.00 50.52 ? 1023 THR A CG2 1 
ATOM   387  N N   . VAL A 1 46  ? 2.459   -18.506 7.072   1.00 35.79 ? 1024 VAL A N   1 
ATOM   388  C CA  . VAL A 1 46  ? 3.746   -18.143 6.442   1.00 33.53 ? 1024 VAL A CA  1 
ATOM   389  C C   . VAL A 1 46  ? 3.977   -16.616 6.430   1.00 31.75 ? 1024 VAL A C   1 
ATOM   390  O O   . VAL A 1 46  ? 5.089   -16.143 6.678   1.00 31.03 ? 1024 VAL A O   1 
ATOM   391  C CB  . VAL A 1 46  ? 3.871   -18.764 5.014   1.00 37.90 ? 1024 VAL A CB  1 
ATOM   392  C CG1 . VAL A 1 46  ? 5.181   -18.364 4.332   1.00 37.72 ? 1024 VAL A CG1 1 
ATOM   393  C CG2 . VAL A 1 46  ? 3.742   -20.281 5.065   1.00 37.88 ? 1024 VAL A CG2 1 
ATOM   394  N N   . ILE A 1 47  ? 2.945   -15.859 6.061   1.00 24.83 ? 1025 ILE A N   1 
ATOM   395  C CA  . ILE A 1 47  ? 3.042   -14.403 5.933   1.00 23.17 ? 1025 ILE A CA  1 
ATOM   396  C C   . ILE A 1 47  ? 2.565   -13.763 7.224   1.00 27.19 ? 1025 ILE A C   1 
ATOM   397  O O   . ILE A 1 47  ? 1.375   -13.803 7.551   1.00 24.42 ? 1025 ILE A O   1 
ATOM   398  C CB  . ILE A 1 47  ? 2.302   -13.920 4.650   1.00 25.00 ? 1025 ILE A CB  1 
ATOM   399  C CG1 . ILE A 1 47  ? 2.933   -14.544 3.371   1.00 24.03 ? 1025 ILE A CG1 1 
ATOM   400  C CG2 . ILE A 1 47  ? 2.224   -12.395 4.568   1.00 23.79 ? 1025 ILE A CG2 1 
ATOM   401  C CD1 . ILE A 1 47  ? 4.454   -14.163 3.088   1.00 23.89 ? 1025 ILE A CD1 1 
ATOM   402  N N   . LYS A 1 48  ? 3.528   -13.214 7.967   1.00 25.13 ? 1026 LYS A N   1 
ATOM   403  C CA  . LYS A 1 48  ? 3.290   -12.630 9.292   1.00 25.04 ? 1026 LYS A CA  1 
ATOM   404  C C   . LYS A 1 48  ? 2.505   -11.346 9.247   1.00 28.99 ? 1026 LYS A C   1 
ATOM   405  O O   . LYS A 1 48  ? 1.685   -11.125 10.144  1.00 28.44 ? 1026 LYS A O   1 
ATOM   406  C CB  . LYS A 1 48  ? 4.609   -12.454 10.068  1.00 26.69 ? 1026 LYS A CB  1 
ATOM   407  C CG  . LYS A 1 48  ? 5.414   -13.747 10.193  1.00 26.24 ? 1026 LYS A CG  1 
ATOM   408  C CD  . LYS A 1 48  ? 4.578   -14.899 10.746  1.00 33.74 ? 1026 LYS A CD  1 
ATOM   409  C CE  . LYS A 1 48  ? 5.347   -16.190 10.789  1.00 36.11 ? 1026 LYS A CE  1 
ATOM   410  N NZ  . LYS A 1 48  ? 4.509   -17.260 11.393  1.00 39.01 ? 1026 LYS A NZ  1 
ATOM   411  N N   . GLN A 1 49  ? 2.732   -10.508 8.216   1.00 24.55 ? 1027 GLN A N   1 
ATOM   412  C CA  . GLN A 1 49  ? 1.999   -9.251  8.086   1.00 24.07 ? 1027 GLN A CA  1 
ATOM   413  C C   . GLN A 1 49  ? 1.245   -9.194  6.767   1.00 25.66 ? 1027 GLN A C   1 
ATOM   414  O O   . GLN A 1 49  ? 1.716   -8.528  5.852   1.00 24.82 ? 1027 GLN A O   1 
ATOM   415  C CB  . GLN A 1 49  ? 2.936   -8.033  8.192   1.00 25.60 ? 1027 GLN A CB  1 
ATOM   416  C CG  . GLN A 1 49  ? 3.503   -7.807  9.561   1.00 33.75 ? 1027 GLN A CG  1 
ATOM   417  C CD  . GLN A 1 49  ? 4.227   -6.503  9.653   1.00 37.67 ? 1027 GLN A CD  1 
ATOM   418  O OE1 . GLN A 1 49  ? 3.683   -5.501  10.120  1.00 41.93 ? 1027 GLN A OE1 1 
ATOM   419  N NE2 . GLN A 1 49  ? 5.464   -6.495  9.218   1.00 22.92 ? 1027 GLN A NE2 1 
ATOM   420  N N   . PRO A 1 50  ? 0.083   -9.865  6.637   1.00 23.04 ? 1028 PRO A N   1 
ATOM   421  C CA  . PRO A 1 50  ? -0.674  -9.793  5.370   1.00 22.08 ? 1028 PRO A CA  1 
ATOM   422  C C   . PRO A 1 50  ? -1.071  -8.352  5.098   1.00 24.38 ? 1028 PRO A C   1 
ATOM   423  O O   . PRO A 1 50  ? -1.370  -7.613  6.038   1.00 23.14 ? 1028 PRO A O   1 
ATOM   424  C CB  . PRO A 1 50  ? -1.937  -10.616 5.671   1.00 24.42 ? 1028 PRO A CB  1 
ATOM   425  C CG  . PRO A 1 50  ? -1.549  -11.510 6.809   1.00 28.99 ? 1028 PRO A CG  1 
ATOM   426  C CD  . PRO A 1 50  ? -0.628  -10.690 7.637   1.00 24.59 ? 1028 PRO A CD  1 
ATOM   427  N N   . MET A 1 51  ? -1.029  -7.935  3.842   1.00 18.43 ? 1029 MET A N   1 
ATOM   428  C CA  . MET A 1 51  ? -1.417  -6.557  3.501   1.00 17.13 ? 1029 MET A CA  1 
ATOM   429  C C   . MET A 1 51  ? -2.035  -6.589  2.132   1.00 19.33 ? 1029 MET A C   1 
ATOM   430  O O   . MET A 1 51  ? -1.595  -7.364  1.281   1.00 17.83 ? 1029 MET A O   1 
ATOM   431  C CB  . MET A 1 51  ? -0.190  -5.605  3.544   1.00 18.95 ? 1029 MET A CB  1 
ATOM   432  C CG  . MET A 1 51  ? -0.530  -4.079  3.459   1.00 19.87 ? 1029 MET A CG  1 
ATOM   433  S SD  . MET A 1 51  ? -1.888  -3.528  4.507   1.00 23.49 ? 1029 MET A SD  1 
ATOM   434  C CE  . MET A 1 51  ? -1.191  -3.863  6.150   1.00 19.54 ? 1029 MET A CE  1 
ATOM   435  N N   . ASP A 1 52  ? -3.079  -5.782  1.932   1.00 16.08 ? 1030 ASP A N   1 
ATOM   436  C CA  . ASP A 1 52  ? -3.785  -5.701  0.654   1.00 16.79 ? 1030 ASP A CA  1 
ATOM   437  C C   . ASP A 1 52  ? -4.365  -4.293  0.525   1.00 20.75 ? 1030 ASP A C   1 
ATOM   438  O O   . ASP A 1 52  ? -4.385  -3.534  1.501   1.00 19.00 ? 1030 ASP A O   1 
ATOM   439  C CB  . ASP A 1 52  ? -4.900  -6.770  0.579   1.00 17.89 ? 1030 ASP A CB  1 
ATOM   440  C CG  . ASP A 1 52  ? -5.989  -6.488  1.582   1.00 22.39 ? 1030 ASP A CG  1 
ATOM   441  O OD1 . ASP A 1 52  ? -5.798  -6.793  2.758   1.00 26.98 ? 1030 ASP A OD1 1 
ATOM   442  O OD2 . ASP A 1 52  ? -6.920  -5.808  1.233   1.00 26.72 ? 1030 ASP A OD2 1 
ATOM   443  N N   . LEU A 1 53  ? -4.868  -3.949  -0.667  1.00 17.60 ? 1031 LEU A N   1 
ATOM   444  C CA  . LEU A 1 53  ? -5.392  -2.601  -0.905  1.00 17.31 ? 1031 LEU A CA  1 
ATOM   445  C C   . LEU A 1 53  ? -6.648  -2.240  -0.086  1.00 20.91 ? 1031 LEU A C   1 
ATOM   446  O O   . LEU A 1 53  ? -6.819  -1.054  0.226   1.00 18.62 ? 1031 LEU A O   1 
ATOM   447  C CB  . LEU A 1 53  ? -5.611  -2.363  -2.401  1.00 16.96 ? 1031 LEU A CB  1 
ATOM   448  C CG  . LEU A 1 53  ? -4.314  -2.452  -3.253  1.00 18.68 ? 1031 LEU A CG  1 
ATOM   449  C CD1 . LEU A 1 53  ? -4.655  -2.441  -4.751  1.00 16.70 ? 1031 LEU A CD1 1 
ATOM   450  C CD2 . LEU A 1 53  ? -3.309  -1.301  -2.898  1.00 17.56 ? 1031 LEU A CD2 1 
ATOM   451  N N   . SER A 1 54  ? -7.509  -3.225  0.287   1.00 19.20 ? 1032 SER A N   1 
ATOM   452  C CA  A SER A 1 54  ? -8.693  -2.887  1.087   0.50 19.17 ? 1032 SER A CA  1 
ATOM   453  C CA  B SER A 1 54  ? -8.698  -2.915  1.100   0.50 19.36 ? 1032 SER A CA  1 
ATOM   454  C C   . SER A 1 54  ? -8.271  -2.546  2.523   1.00 22.44 ? 1032 SER A C   1 
ATOM   455  O O   . SER A 1 54  ? -8.834  -1.638  3.125   1.00 23.37 ? 1032 SER A O   1 
ATOM   456  C CB  A SER A 1 54  ? -9.739  -4.001  1.055   0.50 22.10 ? 1032 SER A CB  1 
ATOM   457  C CB  B SER A 1 54  ? -9.665  -4.095  1.141   0.50 22.80 ? 1032 SER A CB  1 
ATOM   458  O OG  A SER A 1 54  ? -9.345  -5.148  1.790   0.50 28.41 ? 1032 SER A OG  1 
ATOM   459  O OG  B SER A 1 54  ? -10.525 -4.107  0.016   0.50 30.88 ? 1032 SER A OG  1 
ATOM   460  N N   . SER A 1 55  ? -7.261  -3.240  3.048   1.00 19.21 ? 1033 SER A N   1 
ATOM   461  C CA  . SER A 1 55  ? -6.727  -2.991  4.390   1.00 19.53 ? 1033 SER A CA  1 
ATOM   462  C C   . SER A 1 55  ? -5.999  -1.639  4.408   1.00 21.11 ? 1033 SER A C   1 
ATOM   463  O O   . SER A 1 55  ? -6.036  -0.951  5.424   1.00 20.18 ? 1033 SER A O   1 
ATOM   464  C CB  . SER A 1 55  ? -5.774  -4.102  4.818   1.00 22.13 ? 1033 SER A CB  1 
ATOM   465  O OG  . SER A 1 55  ? -6.495  -5.316  4.941   1.00 27.72 ? 1033 SER A OG  1 
ATOM   466  N N   . VAL A 1 56  ? -5.342  -1.267  3.285   1.00 16.01 ? 1034 VAL A N   1 
ATOM   467  C CA  . VAL A 1 56  ? -4.676  0.036   3.136   1.00 14.54 ? 1034 VAL A CA  1 
ATOM   468  C C   . VAL A 1 56  ? -5.752  1.122   3.235   1.00 17.55 ? 1034 VAL A C   1 
ATOM   469  O O   . VAL A 1 56  ? -5.582  2.059   4.020   1.00 17.75 ? 1034 VAL A O   1 
ATOM   470  C CB  . VAL A 1 56  ? -3.812  0.139   1.839   1.00 17.56 ? 1034 VAL A CB  1 
ATOM   471  C CG1 . VAL A 1 56  ? -3.460  1.591   1.510   1.00 17.16 ? 1034 VAL A CG1 1 
ATOM   472  C CG2 . VAL A 1 56  ? -2.534  -0.693  1.957   1.00 17.02 ? 1034 VAL A CG2 1 
ATOM   473  N N   . ILE A 1 57  ? -6.892  0.977   2.506   1.00 15.92 ? 1035 ILE A N   1 
ATOM   474  C CA  . ILE A 1 57  ? -7.995  1.960   2.606   1.00 16.91 ? 1035 ILE A CA  1 
ATOM   475  C C   . ILE A 1 57  ? -8.472  2.059   4.073   1.00 20.17 ? 1035 ILE A C   1 
ATOM   476  O O   . ILE A 1 57  ? -8.667  3.155   4.591   1.00 20.20 ? 1035 ILE A O   1 
ATOM   477  C CB  . ILE A 1 57  ? -9.161  1.649   1.613   1.00 20.94 ? 1035 ILE A CB  1 
ATOM   478  C CG1 . ILE A 1 57  ? -8.735  1.916   0.142   1.00 21.72 ? 1035 ILE A CG1 1 
ATOM   479  C CG2 . ILE A 1 57  ? -10.462 2.428   1.971   1.00 22.99 ? 1035 ILE A CG2 1 
ATOM   480  C CD1 . ILE A 1 57  ? -8.584  3.449   -0.257  1.00 26.66 ? 1035 ILE A CD1 1 
ATOM   481  N N   . SER A 1 58  ? -8.644  0.910   4.726   1.00 18.81 ? 1036 SER A N   1 
ATOM   482  C CA  A SER A 1 58  ? -9.081  0.857   6.126   0.50 17.84 ? 1036 SER A CA  1 
ATOM   483  C CA  B SER A 1 58  ? -9.080  0.831   6.123   0.50 18.35 ? 1036 SER A CA  1 
ATOM   484  C C   . SER A 1 58  ? -8.100  1.606   7.034   1.00 20.40 ? 1036 SER A C   1 
ATOM   485  O O   . SER A 1 58  ? -8.533  2.396   7.852   1.00 18.64 ? 1036 SER A O   1 
ATOM   486  C CB  A SER A 1 58  ? -9.255  -0.587  6.578   0.50 19.78 ? 1036 SER A CB  1 
ATOM   487  C CB  B SER A 1 58  ? -9.197  -0.628  6.552   0.50 21.89 ? 1036 SER A CB  1 
ATOM   488  O OG  A SER A 1 58  ? -10.380 -1.139  5.920   0.50 20.59 ? 1036 SER A OG  1 
ATOM   489  O OG  B SER A 1 58  ? -9.284  -0.740  7.960   0.50 29.63 ? 1036 SER A OG  1 
ATOM   490  N N   . LYS A 1 59  ? -6.773  1.413   6.841   1.00 16.99 ? 1037 LYS A N   1 
ATOM   491  C CA  . LYS A 1 59  ? -5.743  2.106   7.612   1.00 17.04 ? 1037 LYS A CA  1 
ATOM   492  C C   . LYS A 1 59  ? -5.704  3.623   7.330   1.00 20.30 ? 1037 LYS A C   1 
ATOM   493  O O   . LYS A 1 59  ? -5.509  4.414   8.255   1.00 19.38 ? 1037 LYS A O   1 
ATOM   494  C CB  . LYS A 1 59  ? -4.373  1.462   7.425   1.00 19.63 ? 1037 LYS A CB  1 
ATOM   495  C CG  . LYS A 1 59  ? -4.264  0.101   8.154   1.00 19.43 ? 1037 LYS A CG  1 
ATOM   496  C CD  . LYS A 1 59  ? -2.901  -0.537  7.948   1.00 21.43 ? 1037 LYS A CD  1 
ATOM   497  C CE  . LYS A 1 59  ? -1.843  0.181   8.763   1.00 21.16 ? 1037 LYS A CE  1 
ATOM   498  N NZ  . LYS A 1 59  ? -0.554  -0.524  8.732   1.00 21.40 ? 1037 LYS A NZ  1 
ATOM   499  N N   . ILE A 1 60  ? -5.955  4.036   6.077   1.00 15.36 ? 1038 ILE A N   1 
ATOM   500  C CA  . ILE A 1 60  ? -6.019  5.480   5.784   1.00 13.67 ? 1038 ILE A CA  1 
ATOM   501  C C   . ILE A 1 60  ? -7.123  6.114   6.646   1.00 16.68 ? 1038 ILE A C   1 
ATOM   502  O O   . ILE A 1 60  ? -6.897  7.126   7.336   1.00 16.17 ? 1038 ILE A O   1 
ATOM   503  C CB  . ILE A 1 60  ? -6.292  5.749   4.272   1.00 15.46 ? 1038 ILE A CB  1 
ATOM   504  C CG1 . ILE A 1 60  ? -5.079  5.299   3.368   1.00 14.09 ? 1038 ILE A CG1 1 
ATOM   505  C CG2 . ILE A 1 60  ? -6.610  7.250   4.075   1.00 13.57 ? 1038 ILE A CG2 1 
ATOM   506  C CD1 . ILE A 1 60  ? -5.442  5.135   1.808   1.00 15.69 ? 1038 ILE A CD1 1 
ATOM   507  N N   . ASP A 1 61  ? -8.314  5.528   6.565   1.00 14.72 ? 1039 ASP A N   1 
ATOM   508  C CA  . ASP A 1 61  ? -9.519  5.974   7.254   1.00 16.48 ? 1039 ASP A CA  1 
ATOM   509  C C   . ASP A 1 61  ? -9.396  5.985   8.767   1.00 21.68 ? 1039 ASP A C   1 
ATOM   510  O O   . ASP A 1 61  ? -10.046 6.800   9.427   1.00 22.18 ? 1039 ASP A O   1 
ATOM   511  C CB  . ASP A 1 61  ? -10.707 5.124   6.805   1.00 17.89 ? 1039 ASP A CB  1 
ATOM   512  C CG  . ASP A 1 61  ? -11.120 5.370   5.376   1.00 24.88 ? 1039 ASP A CG  1 
ATOM   513  O OD1 . ASP A 1 61  ? -10.612 6.338   4.764   1.00 25.45 ? 1039 ASP A OD1 1 
ATOM   514  O OD2 . ASP A 1 61  ? -12.005 4.652   4.893   1.00 24.90 ? 1039 ASP A OD2 1 
ATOM   515  N N   . LEU A 1 62  ? -8.555  5.096   9.321   1.00 18.29 ? 1040 LEU A N   1 
ATOM   516  C CA  . LEU A 1 62  ? -8.304  5.022   10.766  1.00 18.06 ? 1040 LEU A CA  1 
ATOM   517  C C   . LEU A 1 62  ? -7.178  5.969   11.164  1.00 22.70 ? 1040 LEU A C   1 
ATOM   518  O O   . LEU A 1 62  ? -6.723  5.926   12.308  1.00 22.57 ? 1040 LEU A O   1 
ATOM   519  C CB  . LEU A 1 62  ? -7.946  3.574   11.148  1.00 17.47 ? 1040 LEU A CB  1 
ATOM   520  C CG  . LEU A 1 62  ? -9.130  2.596   11.152  1.00 21.61 ? 1040 LEU A CG  1 
ATOM   521  C CD1 . LEU A 1 62  ? -8.634  1.180   11.183  1.00 21.67 ? 1040 LEU A CD1 1 
ATOM   522  C CD2 . LEU A 1 62  ? -10.093 2.878   12.345  1.00 23.51 ? 1040 LEU A CD2 1 
ATOM   523  N N   . HIS A 1 63  ? -6.682  6.792   10.212  1.00 18.66 ? 1041 HIS A N   1 
ATOM   524  C CA  . HIS A 1 63  ? -5.612  7.769   10.458  1.00 18.58 ? 1041 HIS A CA  1 
ATOM   525  C C   . HIS A 1 63  ? -4.274  7.106   10.861  1.00 22.98 ? 1041 HIS A C   1 
ATOM   526  O O   . HIS A 1 63  ? -3.472  7.700   11.572  1.00 23.40 ? 1041 HIS A O   1 
ATOM   527  C CB  . HIS A 1 63  ? -6.057  8.868   11.492  1.00 18.59 ? 1041 HIS A CB  1 
ATOM   528  C CG  . HIS A 1 63  ? -7.328  9.595   11.155  1.00 21.01 ? 1041 HIS A CG  1 
ATOM   529  N ND1 . HIS A 1 63  ? -7.665  10.772  11.793  1.00 22.74 ? 1041 HIS A ND1 1 
ATOM   530  C CD2 . HIS A 1 63  ? -8.294  9.307   10.249  1.00 23.42 ? 1041 HIS A CD2 1 
ATOM   531  C CE1 . HIS A 1 63  ? -8.817  11.162  11.268  1.00 21.88 ? 1041 HIS A CE1 1 
ATOM   532  N NE2 . HIS A 1 63  ? -9.237  10.317  10.334  1.00 23.15 ? 1041 HIS A NE2 1 
ATOM   533  N N   . LYS A 1 64  ? -4.001  5.916   10.336  1.00 18.82 ? 1042 LYS A N   1 
ATOM   534  C CA  . LYS A 1 64  ? -2.754  5.198   10.640  1.00 18.19 ? 1042 LYS A CA  1 
ATOM   535  C C   . LYS A 1 64  ? -1.560  5.717   9.870   1.00 21.47 ? 1042 LYS A C   1 
ATOM   536  O O   . LYS A 1 64  ? -0.439  5.436   10.266  1.00 21.66 ? 1042 LYS A O   1 
ATOM   537  C CB  . LYS A 1 64  ? -2.929  3.695   10.390  1.00 20.80 ? 1042 LYS A CB  1 
ATOM   538  C CG  . LYS A 1 64  ? -4.062  3.048   11.190  1.00 25.14 ? 1042 LYS A CG  1 
ATOM   539  C CD  . LYS A 1 64  ? -3.652  2.747   12.614  1.00 40.66 ? 1042 LYS A CD  1 
ATOM   540  C CE  . LYS A 1 64  ? -4.708  1.981   13.385  1.00 50.69 ? 1042 LYS A CE  1 
ATOM   541  N NZ  . LYS A 1 64  ? -4.473  2.079   14.849  1.00 62.05 ? 1042 LYS A NZ  1 
ATOM   542  N N   . TYR A 1 65  ? -1.776  6.452   8.761   1.00 16.31 ? 1043 TYR A N   1 
ATOM   543  C CA  . TYR A 1 65  ? -0.651  6.946   7.974   1.00 15.22 ? 1043 TYR A CA  1 
ATOM   544  C C   . TYR A 1 65  ? -0.555  8.435   8.178   1.00 20.93 ? 1043 TYR A C   1 
ATOM   545  O O   . TYR A 1 65  ? -1.470  9.154   7.770   1.00 23.54 ? 1043 TYR A O   1 
ATOM   546  C CB  . TYR A 1 65  ? -0.903  6.671   6.462   1.00 14.73 ? 1043 TYR A CB  1 
ATOM   547  C CG  . TYR A 1 65  ? -1.102  5.211   6.111   1.00 15.59 ? 1043 TYR A CG  1 
ATOM   548  C CD1 . TYR A 1 65  ? -0.151  4.253   6.455   1.00 16.74 ? 1043 TYR A CD1 1 
ATOM   549  C CD2 . TYR A 1 65  ? -2.248  4.784   5.445   1.00 16.41 ? 1043 TYR A CD2 1 
ATOM   550  C CE1 . TYR A 1 65  ? -0.346  2.902   6.157   1.00 17.43 ? 1043 TYR A CE1 1 
ATOM   551  C CE2 . TYR A 1 65  ? -2.436  3.443   5.112   1.00 17.67 ? 1043 TYR A CE2 1 
ATOM   552  C CZ  . TYR A 1 65  ? -1.462  2.513   5.434   1.00 19.69 ? 1043 TYR A CZ  1 
ATOM   553  O OH  . TYR A 1 65  ? -1.679  1.190   5.137   1.00 15.65 ? 1043 TYR A OH  1 
ATOM   554  N N   . LEU A 1 66  ? 0.542   8.911   8.753   1.00 18.61 ? 1044 LEU A N   1 
ATOM   555  C CA  . LEU A 1 66  ? 0.759   10.346  8.954   1.00 18.95 ? 1044 LEU A CA  1 
ATOM   556  C C   . LEU A 1 66  ? 1.753   10.867  7.937   1.00 21.13 ? 1044 LEU A C   1 
ATOM   557  O O   . LEU A 1 66  ? 1.947   12.066  7.853   1.00 18.88 ? 1044 LEU A O   1 
ATOM   558  C CB  . LEU A 1 66  ? 1.250   10.667  10.380  1.00 19.95 ? 1044 LEU A CB  1 
ATOM   559  C CG  . LEU A 1 66  ? 0.342   10.297  11.582  1.00 26.43 ? 1044 LEU A CG  1 
ATOM   560  C CD1 . LEU A 1 66  ? 0.800   11.041  12.834  1.00 27.23 ? 1044 LEU A CD1 1 
ATOM   561  C CD2 . LEU A 1 66  ? -1.122  10.617  11.320  1.00 25.97 ? 1044 LEU A CD2 1 
ATOM   562  N N   . THR A 1 67  ? 2.364   9.986   7.126   1.00 18.27 ? 1045 THR A N   1 
ATOM   563  C CA  . THR A 1 67  ? 3.302   10.424  6.077   1.00 16.78 ? 1045 THR A CA  1 
ATOM   564  C C   . THR A 1 67  ? 3.125   9.481   4.871   1.00 21.18 ? 1045 THR A C   1 
ATOM   565  O O   . THR A 1 67  ? 2.552   8.388   5.031   1.00 20.24 ? 1045 THR A O   1 
ATOM   566  C CB  . THR A 1 67  ? 4.777   10.292  6.544   1.00 20.99 ? 1045 THR A CB  1 
ATOM   567  O OG1 . THR A 1 67  ? 5.111   8.906   6.708   1.00 20.12 ? 1045 THR A OG1 1 
ATOM   568  C CG2 . THR A 1 67  ? 5.096   11.068  7.831   1.00 20.40 ? 1045 THR A CG2 1 
ATOM   569  N N   . VAL A 1 68  ? 3.647   9.876   3.685   1.00 16.18 ? 1046 VAL A N   1 
ATOM   570  C CA  A VAL A 1 68  ? 3.585   9.002   2.502   0.50 16.71 ? 1046 VAL A CA  1 
ATOM   571  C CA  B VAL A 1 68  ? 3.581   9.012   2.493   0.50 13.38 ? 1046 VAL A CA  1 
ATOM   572  C C   . VAL A 1 68  ? 4.557   7.844   2.730   1.00 19.94 ? 1046 VAL A C   1 
ATOM   573  O O   . VAL A 1 68  ? 4.305   6.730   2.290   1.00 19.12 ? 1046 VAL A O   1 
ATOM   574  C CB  A VAL A 1 68  ? 3.830   9.725   1.155   0.50 22.04 ? 1046 VAL A CB  1 
ATOM   575  C CB  B VAL A 1 68  ? 3.854   9.790   1.175   0.50 13.80 ? 1046 VAL A CB  1 
ATOM   576  C CG1 A VAL A 1 68  ? 5.321   9.798   0.823   0.50 22.83 ? 1046 VAL A CG1 1 
ATOM   577  C CG1 B VAL A 1 68  ? 3.979   8.843   -0.034  0.50 12.44 ? 1046 VAL A CG1 1 
ATOM   578  C CG2 A VAL A 1 68  ? 3.078   9.022   0.024   0.50 21.75 ? 1046 VAL A CG2 1 
ATOM   579  C CG2 B VAL A 1 68  ? 2.772   10.837  0.924   0.50 12.27 ? 1046 VAL A CG2 1 
ATOM   580  N N   . LYS A 1 69  ? 5.650   8.101   3.474   1.00 18.63 ? 1047 LYS A N   1 
ATOM   581  C CA  . LYS A 1 69  ? 6.628   7.057   3.799   1.00 19.88 ? 1047 LYS A CA  1 
ATOM   582  C C   . LYS A 1 69  ? 5.932   5.880   4.532   1.00 22.89 ? 1047 LYS A C   1 
ATOM   583  O O   . LYS A 1 69  ? 6.173   4.728   4.166   1.00 21.92 ? 1047 LYS A O   1 
ATOM   584  C CB  . LYS A 1 69  ? 7.790   7.660   4.615   1.00 23.61 ? 1047 LYS A CB  1 
ATOM   585  C CG  . LYS A 1 69  ? 9.110   6.937   4.504   1.00 45.24 ? 1047 LYS A CG  1 
ATOM   586  C CD  . LYS A 1 69  ? 10.265  7.855   4.912   1.00 63.18 ? 1047 LYS A CD  1 
ATOM   587  C CE  . LYS A 1 69  ? 10.637  7.737   6.378   1.00 84.02 ? 1047 LYS A CE  1 
ATOM   588  N NZ  . LYS A 1 69  ? 11.472  6.535   6.652   1.00 94.80 ? 1047 LYS A NZ  1 
ATOM   589  N N   . ASP A 1 70  ? 5.037   6.164   5.518   1.00 18.83 ? 1048 ASP A N   1 
ATOM   590  C CA  . ASP A 1 70  ? 4.316   5.123   6.273   1.00 18.59 ? 1048 ASP A CA  1 
ATOM   591  C C   . ASP A 1 70  ? 3.404   4.283   5.319   1.00 21.32 ? 1048 ASP A C   1 
ATOM   592  O O   . ASP A 1 70  ? 3.341   3.064   5.417   1.00 21.43 ? 1048 ASP A O   1 
ATOM   593  C CB  . ASP A 1 70  ? 3.423   5.762   7.355   1.00 20.39 ? 1048 ASP A CB  1 
ATOM   594  C CG  . ASP A 1 70  ? 4.114   6.334   8.585   1.00 33.19 ? 1048 ASP A CG  1 
ATOM   595  O OD1 . ASP A 1 70  ? 5.313   6.047   8.779   1.00 31.37 ? 1048 ASP A OD1 1 
ATOM   596  O OD2 . ASP A 1 70  ? 3.434   7.056   9.366   1.00 42.77 ? 1048 ASP A OD2 1 
ATOM   597  N N   . TYR A 1 71  ? 2.676   4.966   4.432   1.00 15.57 ? 1049 TYR A N   1 
ATOM   598  C CA  . TYR A 1 71  ? 1.831   4.352   3.408   1.00 13.95 ? 1049 TYR A CA  1 
ATOM   599  C C   . TYR A 1 71  ? 2.676   3.455   2.484   1.00 17.87 ? 1049 TYR A C   1 
ATOM   600  O O   . TYR A 1 71  ? 2.291   2.308   2.204   1.00 17.38 ? 1049 TYR A O   1 
ATOM   601  C CB  . TYR A 1 71  ? 1.198   5.487   2.575   1.00 13.75 ? 1049 TYR A CB  1 
ATOM   602  C CG  . TYR A 1 71  ? 0.463   5.023   1.350   1.00 14.30 ? 1049 TYR A CG  1 
ATOM   603  C CD1 . TYR A 1 71  ? -0.853  4.578   1.432   1.00 14.97 ? 1049 TYR A CD1 1 
ATOM   604  C CD2 . TYR A 1 71  ? 1.069   5.055   0.091   1.00 13.96 ? 1049 TYR A CD2 1 
ATOM   605  C CE1 . TYR A 1 71  ? -1.560  4.206   0.294   1.00 14.55 ? 1049 TYR A CE1 1 
ATOM   606  C CE2 . TYR A 1 71  ? 0.392   4.607   -1.048  1.00 13.62 ? 1049 TYR A CE2 1 
ATOM   607  C CZ  . TYR A 1 71  ? -0.924  4.189   -0.941  1.00 18.39 ? 1049 TYR A CZ  1 
ATOM   608  O OH  . TYR A 1 71  ? -1.634  3.819   -2.063  1.00 12.74 ? 1049 TYR A OH  1 
ATOM   609  N N   . LEU A 1 72  ? 3.826   3.969   2.018   1.00 16.08 ? 1050 LEU A N   1 
ATOM   610  C CA  . LEU A 1 72  ? 4.683   3.198   1.109   1.00 15.31 ? 1050 LEU A CA  1 
ATOM   611  C C   . LEU A 1 72  ? 5.273   1.968   1.762   1.00 21.18 ? 1050 LEU A C   1 
ATOM   612  O O   . LEU A 1 72  ? 5.516   0.987   1.062   1.00 20.71 ? 1050 LEU A O   1 
ATOM   613  C CB  . LEU A 1 72  ? 5.756   4.050   0.442   1.00 14.89 ? 1050 LEU A CB  1 
ATOM   614  C CG  . LEU A 1 72  ? 5.235   5.018   -0.597  1.00 18.39 ? 1050 LEU A CG  1 
ATOM   615  C CD1 . LEU A 1 72  ? 6.342   5.978   -1.031  1.00 19.43 ? 1050 LEU A CD1 1 
ATOM   616  C CD2 . LEU A 1 72  ? 4.573   4.281   -1.781  1.00 19.41 ? 1050 LEU A CD2 1 
ATOM   617  N N   . ARG A 1 73  ? 5.423   1.975   3.099   1.00 19.23 ? 1051 ARG A N   1 
ATOM   618  C CA  . ARG A 1 73  ? 5.885   0.792   3.827   1.00 19.82 ? 1051 ARG A CA  1 
ATOM   619  C C   . ARG A 1 73  ? 4.863   -0.322  3.671   1.00 19.64 ? 1051 ARG A C   1 
ATOM   620  O O   . ARG A 1 73  ? 5.253   -1.471  3.507   1.00 18.90 ? 1051 ARG A O   1 
ATOM   621  C CB  . ARG A 1 73  ? 6.118   1.097   5.317   1.00 25.01 ? 1051 ARG A CB  1 
ATOM   622  C CG  . ARG A 1 73  ? 7.459   1.765   5.564   1.00 41.88 ? 1051 ARG A CG  1 
ATOM   623  C CD  . ARG A 1 73  ? 7.798   1.819   7.054   1.00 58.60 ? 1051 ARG A CD  1 
ATOM   624  N NE  . ARG A 1 73  ? 7.502   3.128   7.647   1.00 70.42 ? 1051 ARG A NE  1 
ATOM   625  C CZ  . ARG A 1 73  ? 8.333   4.168   7.630   1.00 85.08 ? 1051 ARG A CZ  1 
ATOM   626  N NH1 . ARG A 1 73  ? 7.978   5.318   8.190   1.00 75.41 ? 1051 ARG A NH1 1 
ATOM   627  N NH2 . ARG A 1 73  ? 9.521   4.070   7.042   1.00 69.79 ? 1051 ARG A NH2 1 
ATOM   628  N N   . ASP A 1 74  ? 3.559   0.013   3.662   1.00 17.95 ? 1052 ASP A N   1 
ATOM   629  C CA  . ASP A 1 74  ? 2.507   -0.992  3.477   1.00 17.49 ? 1052 ASP A CA  1 
ATOM   630  C C   . ASP A 1 74  ? 2.390   -1.457  2.013   1.00 18.85 ? 1052 ASP A C   1 
ATOM   631  O O   . ASP A 1 74  ? 2.096   -2.634  1.755   1.00 17.38 ? 1052 ASP A O   1 
ATOM   632  C CB  . ASP A 1 74  ? 1.174   -0.518  4.051   1.00 19.12 ? 1052 ASP A CB  1 
ATOM   633  C CG  . ASP A 1 74  ? 1.049   -0.800  5.528   1.00 21.23 ? 1052 ASP A CG  1 
ATOM   634  O OD1 . ASP A 1 74  ? 1.966   -1.428  6.093   1.00 20.35 ? 1052 ASP A OD1 1 
ATOM   635  O OD2 . ASP A 1 74  ? 0.020   -0.430  6.108   1.00 20.81 ? 1052 ASP A OD2 1 
ATOM   636  N N   . ILE A 1 75  ? 2.646   -0.543  1.057   1.00 15.95 ? 1053 ILE A N   1 
ATOM   637  C CA  . ILE A 1 75  ? 2.667   -0.905  -0.373  1.00 15.70 ? 1053 ILE A CA  1 
ATOM   638  C C   . ILE A 1 75  ? 3.839   -1.885  -0.572  1.00 19.13 ? 1053 ILE A C   1 
ATOM   639  O O   . ILE A 1 75  ? 3.660   -2.923  -1.214  1.00 17.99 ? 1053 ILE A O   1 
ATOM   640  C CB  . ILE A 1 75  ? 2.785   0.347   -1.283  1.00 18.38 ? 1053 ILE A CB  1 
ATOM   641  C CG1 . ILE A 1 75  ? 1.518   1.259   -1.186  1.00 17.68 ? 1053 ILE A CG1 1 
ATOM   642  C CG2 . ILE A 1 75  ? 3.131   -0.023  -2.733  1.00 18.35 ? 1053 ILE A CG2 1 
ATOM   643  C CD1 . ILE A 1 75  ? 0.077   0.559   -1.492  1.00 15.73 ? 1053 ILE A CD1 1 
ATOM   644  N N   . ASP A 1 76  ? 5.023   -1.568  0.008   1.00 17.87 ? 1054 ASP A N   1 
ATOM   645  C CA  . ASP A 1 76  ? 6.209   -2.432  -0.059  1.00 18.20 ? 1054 ASP A CA  1 
ATOM   646  C C   . ASP A 1 76  ? 5.888   -3.812  0.496   1.00 22.83 ? 1054 ASP A C   1 
ATOM   647  O O   . ASP A 1 76  ? 6.386   -4.798  -0.021  1.00 22.97 ? 1054 ASP A O   1 
ATOM   648  C CB  . ASP A 1 76  ? 7.394   -1.850  0.728   1.00 19.96 ? 1054 ASP A CB  1 
ATOM   649  C CG  . ASP A 1 76  ? 8.054   -0.628  0.134   1.00 27.51 ? 1054 ASP A CG  1 
ATOM   650  O OD1 . ASP A 1 76  ? 7.983   -0.457  -1.085  1.00 29.46 ? 1054 ASP A OD1 1 
ATOM   651  O OD2 . ASP A 1 76  ? 8.736   0.085   0.875   1.00 37.58 ? 1054 ASP A OD2 1 
ATOM   652  N N   . LEU A 1 77  ? 5.071   -3.875  1.558   1.00 18.46 ? 1055 LEU A N   1 
ATOM   653  C CA  . LEU A 1 77  ? 4.680   -5.116  2.216   1.00 19.16 ? 1055 LEU A CA  1 
ATOM   654  C C   . LEU A 1 77  ? 3.777   -5.995  1.294   1.00 22.05 ? 1055 LEU A C   1 
ATOM   655  O O   . LEU A 1 77  ? 3.939   -7.210  1.247   1.00 20.33 ? 1055 LEU A O   1 
ATOM   656  C CB  . LEU A 1 77  ? 3.994   -4.727  3.535   1.00 19.88 ? 1055 LEU A CB  1 
ATOM   657  C CG  . LEU A 1 77  ? 3.760   -5.766  4.614   1.00 25.83 ? 1055 LEU A CG  1 
ATOM   658  C CD1 . LEU A 1 77  ? 5.053   -6.538  5.001   1.00 23.60 ? 1055 LEU A CD1 1 
ATOM   659  C CD2 . LEU A 1 77  ? 3.109   -5.116  5.822   1.00 27.47 ? 1055 LEU A CD2 1 
ATOM   660  N N   . ILE A 1 78  ? 2.895   -5.380  0.491   1.00 19.09 ? 1056 ILE A N   1 
ATOM   661  C CA  . ILE A 1 78  ? 2.069   -6.130  -0.463  1.00 17.94 ? 1056 ILE A CA  1 
ATOM   662  C C   . ILE A 1 78  ? 3.004   -6.806  -1.453  1.00 21.80 ? 1056 ILE A C   1 
ATOM   663  O O   . ILE A 1 78  ? 2.788   -7.966  -1.824  1.00 23.10 ? 1056 ILE A O   1 
ATOM   664  C CB  . ILE A 1 78  ? 1.057   -5.208  -1.202  1.00 19.92 ? 1056 ILE A CB  1 
ATOM   665  C CG1 . ILE A 1 78  ? 0.028   -4.576  -0.188  1.00 19.30 ? 1056 ILE A CG1 1 
ATOM   666  C CG2 . ILE A 1 78  ? 0.361   -5.994  -2.327  1.00 19.43 ? 1056 ILE A CG2 1 
ATOM   667  C CD1 . ILE A 1 78  ? -0.979  -3.490  -0.758  1.00 18.86 ? 1056 ILE A CD1 1 
ATOM   668  N N   . CYS A 1 79  ? 4.043   -6.084  -1.871  1.00 19.52 ? 1057 CYS A N   1 
ATOM   669  C CA  . CYS A 1 79  ? 5.019   -6.592  -2.812  1.00 21.33 ? 1057 CYS A CA  1 
ATOM   670  C C   . CYS A 1 79  ? 5.925   -7.671  -2.196  1.00 24.69 ? 1057 CYS A C   1 
ATOM   671  O O   . CYS A 1 79  ? 6.033   -8.770  -2.749  1.00 24.63 ? 1057 CYS A O   1 
ATOM   672  C CB  . CYS A 1 79  ? 5.820   -5.447  -3.420  1.00 22.52 ? 1057 CYS A CB  1 
ATOM   673  S SG  . CYS A 1 79  ? 7.143   -5.982  -4.525  1.00 27.20 ? 1057 CYS A SG  1 
ATOM   674  N N   . SER A 1 80  ? 6.553   -7.378  -1.043  1.00 19.32 ? 1058 SER A N   1 
ATOM   675  C CA  . SER A 1 80  ? 7.444   -8.336  -0.391  1.00 19.47 ? 1058 SER A CA  1 
ATOM   676  C C   . SER A 1 80  ? 6.713   -9.636  0.031   1.00 21.82 ? 1058 SER A C   1 
ATOM   677  O O   . SER A 1 80  ? 7.305   -10.697 -0.075  1.00 22.20 ? 1058 SER A O   1 
ATOM   678  C CB  . SER A 1 80  ? 8.204   -7.677  0.762   1.00 24.43 ? 1058 SER A CB  1 
ATOM   679  O OG  . SER A 1 80  ? 7.322   -7.194  1.764   1.00 29.83 ? 1058 SER A OG  1 
ATOM   680  N N   . ASN A 1 81  ? 5.442   -9.563  0.461   1.00 18.16 ? 1059 ASN A N   1 
ATOM   681  C CA  . ASN A 1 81  ? 4.638   -10.745 0.835   1.00 18.50 ? 1059 ASN A CA  1 
ATOM   682  C C   . ASN A 1 81  ? 4.455   -11.687 -0.364  1.00 23.49 ? 1059 ASN A C   1 
ATOM   683  O O   . ASN A 1 81  ? 4.506   -12.906 -0.189  1.00 21.59 ? 1059 ASN A O   1 
ATOM   684  C CB  . ASN A 1 81  ? 3.260   -10.363 1.379   1.00 15.65 ? 1059 ASN A CB  1 
ATOM   685  C CG  . ASN A 1 81  ? 3.293   -9.741  2.757   1.00 27.85 ? 1059 ASN A CG  1 
ATOM   686  O OD1 . ASN A 1 81  ? 4.284   -9.801  3.466   1.00 17.89 ? 1059 ASN A OD1 1 
ATOM   687  N ND2 . ASN A 1 81  ? 2.182   -9.204  3.182   1.00 19.76 ? 1059 ASN A ND2 1 
ATOM   688  N N   . ALA A 1 82  ? 4.231   -11.115 -1.576  1.00 20.55 ? 1060 ALA A N   1 
ATOM   689  C CA  . ALA A 1 82  ? 4.067   -11.916 -2.805  1.00 20.31 ? 1060 ALA A CA  1 
ATOM   690  C C   . ALA A 1 82  ? 5.403   -12.515 -3.222  1.00 25.02 ? 1060 ALA A C   1 
ATOM   691  O O   . ALA A 1 82  ? 5.443   -13.675 -3.607  1.00 26.78 ? 1060 ALA A O   1 
ATOM   692  C CB  . ALA A 1 82  ? 3.465   -11.067 -3.931  1.00 20.45 ? 1060 ALA A CB  1 
ATOM   693  N N   . LEU A 1 83  ? 6.504   -11.767 -3.081  1.00 21.09 ? 1061 LEU A N   1 
ATOM   694  C CA  . LEU A 1 83  ? 7.840   -12.269 -3.405  1.00 22.07 ? 1061 LEU A CA  1 
ATOM   695  C C   . LEU A 1 83  ? 8.238   -13.421 -2.497  1.00 28.25 ? 1061 LEU A C   1 
ATOM   696  O O   . LEU A 1 83  ? 8.876   -14.373 -2.953  1.00 27.93 ? 1061 LEU A O   1 
ATOM   697  C CB  . LEU A 1 83  ? 8.918   -11.159 -3.352  1.00 22.22 ? 1061 LEU A CB  1 
ATOM   698  C CG  . LEU A 1 83  ? 8.699   -9.879  -4.200  1.00 28.51 ? 1061 LEU A CG  1 
ATOM   699  C CD1 . LEU A 1 83  ? 9.902   -8.996  -4.124  1.00 30.47 ? 1061 LEU A CD1 1 
ATOM   700  C CD2 . LEU A 1 83  ? 8.434   -10.191 -5.668  1.00 30.72 ? 1061 LEU A CD2 1 
ATOM   701  N N   . GLU A 1 84  ? 7.803   -13.369 -1.235  1.00 25.41 ? 1062 GLU A N   1 
ATOM   702  C CA  . GLU A 1 84  ? 8.107   -14.385 -0.236  1.00 25.17 ? 1062 GLU A CA  1 
ATOM   703  C C   . GLU A 1 84  ? 7.209   -15.607 -0.348  1.00 28.78 ? 1062 GLU A C   1 
ATOM   704  O O   . GLU A 1 84  ? 7.719   -16.722 -0.320  1.00 28.33 ? 1062 GLU A O   1 
ATOM   705  C CB  . GLU A 1 84  ? 8.063   -13.765 1.171   1.00 26.35 ? 1062 GLU A CB  1 
ATOM   706  C CG  . GLU A 1 84  ? 8.452   -14.700 2.310   1.00 39.77 ? 1062 GLU A CG  1 
ATOM   707  C CD  . GLU A 1 84  ? 8.207   -14.172 3.718   1.00 67.40 ? 1062 GLU A CD  1 
ATOM   708  O OE1 . GLU A 1 84  ? 8.173   -15.005 4.654   1.00 64.40 ? 1062 GLU A OE1 1 
ATOM   709  O OE2 . GLU A 1 84  ? 8.046   -12.938 3.888   1.00 54.42 ? 1062 GLU A OE2 1 
ATOM   710  N N   . TYR A 1 85  ? 5.893   -15.414 -0.483  1.00 25.74 ? 1063 TYR A N   1 
ATOM   711  C CA  . TYR A 1 85  ? 4.948   -16.513 -0.590  1.00 26.14 ? 1063 TYR A CA  1 
ATOM   712  C C   . TYR A 1 85  ? 4.988   -17.239 -1.956  1.00 30.33 ? 1063 TYR A C   1 
ATOM   713  O O   . TYR A 1 85  ? 4.665   -18.429 -2.021  1.00 29.65 ? 1063 TYR A O   1 
ATOM   714  C CB  . TYR A 1 85  ? 3.516   -16.067 -0.239  1.00 27.77 ? 1063 TYR A CB  1 
ATOM   715  C CG  . TYR A 1 85  ? 2.564   -17.235 -0.106  1.00 32.05 ? 1063 TYR A CG  1 
ATOM   716  C CD1 . TYR A 1 85  ? 2.587   -18.056 1.025   1.00 34.83 ? 1063 TYR A CD1 1 
ATOM   717  C CD2 . TYR A 1 85  ? 1.706   -17.581 -1.147  1.00 33.31 ? 1063 TYR A CD2 1 
ATOM   718  C CE1 . TYR A 1 85  ? 1.760   -19.173 1.122   1.00 36.06 ? 1063 TYR A CE1 1 
ATOM   719  C CE2 . TYR A 1 85  ? 0.882   -18.698 -1.062  1.00 34.54 ? 1063 TYR A CE2 1 
ATOM   720  C CZ  . TYR A 1 85  ? 0.910   -19.488 0.078   1.00 44.30 ? 1063 TYR A CZ  1 
ATOM   721  O OH  . TYR A 1 85  ? 0.090   -20.581 0.171   1.00 47.95 ? 1063 TYR A OH  1 
ATOM   722  N N   . ASN A 1 86  ? 5.372   -16.532 -3.037  1.00 25.30 ? 1064 ASN A N   1 
ATOM   723  C CA  . ASN A 1 86  ? 5.387   -17.121 -4.387  1.00 24.09 ? 1064 ASN A CA  1 
ATOM   724  C C   . ASN A 1 86  ? 6.773   -16.990 -4.996  1.00 23.74 ? 1064 ASN A C   1 
ATOM   725  O O   . ASN A 1 86  ? 6.924   -16.236 -5.936  1.00 25.06 ? 1064 ASN A O   1 
ATOM   726  C CB  . ASN A 1 86  ? 4.314   -16.444 -5.266  1.00 25.18 ? 1064 ASN A CB  1 
ATOM   727  C CG  . ASN A 1 86  ? 2.959   -16.367 -4.615  1.00 36.38 ? 1064 ASN A CG  1 
ATOM   728  O OD1 . ASN A 1 86  ? 2.641   -15.395 -3.935  1.00 33.50 ? 1064 ASN A OD1 1 
ATOM   729  N ND2 . ASN A 1 86  ? 2.114   -17.368 -4.831  1.00 29.61 ? 1064 ASN A ND2 1 
ATOM   730  N N   . PRO A 1 87  ? 7.823   -17.670 -4.465  1.00 19.83 ? 1065 PRO A N   1 
ATOM   731  C CA  . PRO A 1 87  ? 9.176   -17.447 -4.991  1.00 19.83 ? 1065 PRO A CA  1 
ATOM   732  C C   . PRO A 1 87  ? 9.597   -18.406 -6.113  1.00 24.80 ? 1065 PRO A C   1 
ATOM   733  O O   . PRO A 1 87  ? 10.732  -18.307 -6.579  1.00 25.69 ? 1065 PRO A O   1 
ATOM   734  C CB  . PRO A 1 87  ? 10.048  -17.708 -3.756  1.00 21.64 ? 1065 PRO A CB  1 
ATOM   735  C CG  . PRO A 1 87  ? 9.322   -18.835 -3.064  1.00 26.05 ? 1065 PRO A CG  1 
ATOM   736  C CD  . PRO A 1 87  ? 7.851   -18.600 -3.305  1.00 21.49 ? 1065 PRO A CD  1 
ATOM   737  N N   . ASP A 1 88  ? 8.727   -19.328 -6.515  1.00 21.91 ? 1066 ASP A N   1 
ATOM   738  C CA  . ASP A 1 88  ? 9.087   -20.380 -7.487  1.00 21.99 ? 1066 ASP A CA  1 
ATOM   739  C C   . ASP A 1 88  ? 9.177   -19.905 -8.929  1.00 27.54 ? 1066 ASP A C   1 
ATOM   740  O O   . ASP A 1 88  ? 8.691   -18.819 -9.248  1.00 25.83 ? 1066 ASP A O   1 
ATOM   741  C CB  . ASP A 1 88  ? 8.145   -21.585 -7.351  1.00 22.90 ? 1066 ASP A CB  1 
ATOM   742  C CG  . ASP A 1 88  ? 8.226   -22.248 -5.973  1.00 36.03 ? 1066 ASP A CG  1 
ATOM   743  O OD1 . ASP A 1 88  ? 9.242   -22.028 -5.259  1.00 36.29 ? 1066 ASP A OD1 1 
ATOM   744  O OD2 . ASP A 1 88  ? 7.275   -22.970 -5.604  1.00 41.06 ? 1066 ASP A OD2 1 
ATOM   745  N N   . ARG A 1 89  ? 9.821   -20.731 -9.808  1.00 25.17 ? 1067 ARG A N   1 
ATOM   746  C CA  . ARG A 1 89  ? 10.031  -20.392 -11.221 1.00 24.66 ? 1067 ARG A CA  1 
ATOM   747  C C   . ARG A 1 89  ? 8.795   -20.622 -12.078 1.00 27.43 ? 1067 ARG A C   1 
ATOM   748  O O   . ARG A 1 89  ? 8.788   -20.204 -13.233 1.00 27.16 ? 1067 ARG A O   1 
ATOM   749  C CB  . ARG A 1 89  ? 11.278  -21.104 -11.813 1.00 25.41 ? 1067 ARG A CB  1 
ATOM   750  C CG  . ARG A 1 89  ? 11.180  -22.643 -12.036 1.00 29.70 ? 1067 ARG A CG  1 
ATOM   751  C CD  . ARG A 1 89  ? 10.724  -23.095 -13.441 1.00 28.75 ? 1067 ARG A CD  1 
ATOM   752  N NE  . ARG A 1 89  ? 11.194  -22.235 -14.537 1.00 27.27 ? 1067 ARG A NE  1 
ATOM   753  C CZ  . ARG A 1 89  ? 10.504  -21.976 -15.653 1.00 40.81 ? 1067 ARG A CZ  1 
ATOM   754  N NH1 . ARG A 1 89  ? 9.294   -22.496 -15.828 1.00 24.58 ? 1067 ARG A NH1 1 
ATOM   755  N NH2 . ARG A 1 89  ? 11.012  -21.162 -16.588 1.00 20.73 ? 1067 ARG A NH2 1 
ATOM   756  N N   . ASP A 1 90  ? 7.779   -21.301 -11.546 1.00 23.84 ? 1068 ASP A N   1 
ATOM   757  C CA  . ASP A 1 90  ? 6.589   -21.595 -12.334 1.00 24.83 ? 1068 ASP A CA  1 
ATOM   758  C C   . ASP A 1 90  ? 5.832   -20.319 -12.750 1.00 27.47 ? 1068 ASP A C   1 
ATOM   759  O O   . ASP A 1 90  ? 5.971   -19.279 -12.084 1.00 26.51 ? 1068 ASP A O   1 
ATOM   760  C CB  . ASP A 1 90  ? 5.661   -22.585 -11.638 1.00 27.78 ? 1068 ASP A CB  1 
ATOM   761  C CG  . ASP A 1 90  ? 5.011   -22.022 -10.410 1.00 40.75 ? 1068 ASP A CG  1 
ATOM   762  O OD1 . ASP A 1 90  ? 5.646   -22.055 -9.347  1.00 43.50 ? 1068 ASP A OD1 1 
ATOM   763  O OD2 . ASP A 1 90  ? 3.846   -21.571 -10.511 1.00 47.20 ? 1068 ASP A OD2 1 
ATOM   764  N N   . PRO A 1 91  ? 5.093   -20.383 -13.882 1.00 21.02 ? 1069 PRO A N   1 
ATOM   765  C CA  . PRO A 1 91  ? 4.403   -19.184 -14.381 1.00 18.79 ? 1069 PRO A CA  1 
ATOM   766  C C   . PRO A 1 91  ? 3.446   -18.513 -13.398 1.00 21.32 ? 1069 PRO A C   1 
ATOM   767  O O   . PRO A 1 91  ? 3.329   -17.304 -13.449 1.00 20.06 ? 1069 PRO A O   1 
ATOM   768  C CB  . PRO A 1 91  ? 3.669   -19.693 -15.623 1.00 20.74 ? 1069 PRO A CB  1 
ATOM   769  C CG  . PRO A 1 91  ? 4.489   -20.890 -16.072 1.00 25.87 ? 1069 PRO A CG  1 
ATOM   770  C CD  . PRO A 1 91  ? 4.891   -21.534 -14.791 1.00 21.86 ? 1069 PRO A CD  1 
ATOM   771  N N   . GLY A 1 92  ? 2.746   -19.296 -12.573 1.00 20.23 ? 1070 GLY A N   1 
ATOM   772  C CA  . GLY A 1 92  ? 1.810   -18.785 -11.572 1.00 20.54 ? 1070 GLY A CA  1 
ATOM   773  C C   . GLY A 1 92  ? 2.498   -17.838 -10.605 1.00 25.23 ? 1070 GLY A C   1 
ATOM   774  O O   . GLY A 1 92  ? 2.056   -16.698 -10.431 1.00 24.12 ? 1070 GLY A O   1 
ATOM   775  N N   . ASP A 1 93  ? 3.620   -18.292 -10.006 1.00 21.79 ? 1071 ASP A N   1 
ATOM   776  C CA  . ASP A 1 93  ? 4.418   -17.491 -9.083  1.00 21.80 ? 1071 ASP A CA  1 
ATOM   777  C C   . ASP A 1 93  ? 5.083   -16.313 -9.776  1.00 26.11 ? 1071 ASP A C   1 
ATOM   778  O O   . ASP A 1 93  ? 5.093   -15.217 -9.220  1.00 25.00 ? 1071 ASP A O   1 
ATOM   779  C CB  . ASP A 1 93  ? 5.476   -18.331 -8.364  1.00 22.66 ? 1071 ASP A CB  1 
ATOM   780  C CG  . ASP A 1 93  ? 4.960   -19.207 -7.233  1.00 26.80 ? 1071 ASP A CG  1 
ATOM   781  O OD1 . ASP A 1 93  ? 3.723   -19.424 -7.154  1.00 24.41 ? 1071 ASP A OD1 1 
ATOM   782  O OD2 . ASP A 1 93  ? 5.787   -19.668 -6.426  1.00 29.43 ? 1071 ASP A OD2 1 
ATOM   783  N N   . ARG A 1 94  ? 5.635   -16.517 -10.975 1.00 22.23 ? 1072 ARG A N   1 
ATOM   784  C CA  . ARG A 1 94  ? 6.280   -15.418 -11.682 1.00 21.98 ? 1072 ARG A CA  1 
ATOM   785  C C   . ARG A 1 94  ? 5.293   -14.296 -12.026 1.00 24.04 ? 1072 ARG A C   1 
ATOM   786  O O   . ARG A 1 94  ? 5.661   -13.125 -11.942 1.00 22.47 ? 1072 ARG A O   1 
ATOM   787  C CB  . ARG A 1 94  ? 7.040   -15.902 -12.913 1.00 23.65 ? 1072 ARG A CB  1 
ATOM   788  C CG  . ARG A 1 94  ? 8.229   -16.769 -12.546 1.00 30.75 ? 1072 ARG A CG  1 
ATOM   789  C CD  . ARG A 1 94  ? 9.144   -16.949 -13.726 1.00 41.94 ? 1072 ARG A CD  1 
ATOM   790  N NE  . ARG A 1 94  ? 10.469  -17.428 -13.325 1.00 51.95 ? 1072 ARG A NE  1 
ATOM   791  C CZ  . ARG A 1 94  ? 11.299  -18.084 -14.133 1.00 69.02 ? 1072 ARG A CZ  1 
ATOM   792  N NH1 . ARG A 1 94  ? 10.942  -18.359 -15.380 1.00 65.97 ? 1072 ARG A NH1 1 
ATOM   793  N NH2 . ARG A 1 94  ? 12.491  -18.471 -13.698 1.00 47.14 ? 1072 ARG A NH2 1 
ATOM   794  N N   . LEU A 1 95  ? 4.056   -14.657 -12.413 1.00 21.25 ? 1073 LEU A N   1 
ATOM   795  C CA  . LEU A 1 95  ? 3.014   -13.676 -12.748 1.00 19.93 ? 1073 LEU A CA  1 
ATOM   796  C C   . LEU A 1 95  ? 2.624   -12.831 -11.506 1.00 25.19 ? 1073 LEU A C   1 
ATOM   797  O O   . LEU A 1 95  ? 2.522   -11.614 -11.646 1.00 24.88 ? 1073 LEU A O   1 
ATOM   798  C CB  . LEU A 1 95  ? 1.775   -14.358 -13.331 1.00 18.35 ? 1073 LEU A CB  1 
ATOM   799  C CG  . LEU A 1 95  ? 0.577   -13.441 -13.670 1.00 20.73 ? 1073 LEU A CG  1 
ATOM   800  C CD1 . LEU A 1 95  ? 0.970   -12.373 -14.702 1.00 19.48 ? 1073 LEU A CD1 1 
ATOM   801  C CD2 . LEU A 1 95  ? -0.591  -14.256 -14.130 1.00 21.39 ? 1073 LEU A CD2 1 
ATOM   802  N N   . ILE A 1 96  ? 2.424   -13.466 -10.324 1.00 20.92 ? 1074 ILE A N   1 
ATOM   803  C CA  A ILE A 1 96  ? 2.040   -12.694 -9.145  0.50 20.83 ? 1074 ILE A CA  1 
ATOM   804  C CA  B ILE A 1 96  ? 2.074   -12.759 -9.071  0.50 21.06 ? 1074 ILE A CA  1 
ATOM   805  C C   . ILE A 1 96  ? 3.220   -11.810 -8.699  1.00 25.29 ? 1074 ILE A C   1 
ATOM   806  O O   . ILE A 1 96  ? 2.985   -10.646 -8.369  1.00 25.42 ? 1074 ILE A O   1 
ATOM   807  C CB  A ILE A 1 96  ? 1.400   -13.557 -8.034  0.50 23.42 ? 1074 ILE A CB  1 
ATOM   808  C CB  B ILE A 1 96  ? 1.690   -13.717 -7.891  0.50 23.97 ? 1074 ILE A CB  1 
ATOM   809  C CG1 A ILE A 1 96  ? 0.857   -12.691 -6.887  0.50 23.60 ? 1074 ILE A CG1 1 
ATOM   810  C CG1 B ILE A 1 96  ? 0.519   -14.644 -8.266  0.50 23.47 ? 1074 ILE A CG1 1 
ATOM   811  C CG2 A ILE A 1 96  ? 2.322   -14.657 -7.547  0.50 23.96 ? 1074 ILE A CG2 1 
ATOM   812  C CG2 B ILE A 1 96  ? 1.348   -12.922 -6.614  0.50 26.03 ? 1074 ILE A CG2 1 
ATOM   813  C CD1 A ILE A 1 96  ? -0.386  -13.150 -6.389  0.50 26.28 ? 1074 ILE A CD1 1 
ATOM   814  C CD1 B ILE A 1 96  ? 0.358   -15.965 -7.422  0.50 28.10 ? 1074 ILE A CD1 1 
ATOM   815  N N   . ARG A 1 97  ? 4.479   -12.302 -8.795  1.00 21.99 ? 1075 ARG A N   1 
ATOM   816  C CA  . ARG A 1 97  ? 5.641   -11.481 -8.458  1.00 22.43 ? 1075 ARG A CA  1 
ATOM   817  C C   . ARG A 1 97  ? 5.743   -10.275 -9.390  1.00 25.21 ? 1075 ARG A C   1 
ATOM   818  O O   . ARG A 1 97  ? 6.082   -9.178  -8.938  1.00 23.98 ? 1075 ARG A O   1 
ATOM   819  C CB  . ARG A 1 97  ? 6.959   -12.277 -8.519  1.00 23.04 ? 1075 ARG A CB  1 
ATOM   820  C CG  . ARG A 1 97  ? 7.098   -13.302 -7.402  1.00 26.85 ? 1075 ARG A CG  1 
ATOM   821  C CD  . ARG A 1 97  ? 8.560   -13.620 -7.114  1.00 25.30 ? 1075 ARG A CD  1 
ATOM   822  N NE  . ARG A 1 97  ? 9.341   -14.083 -8.273  1.00 27.95 ? 1075 ARG A NE  1 
ATOM   823  C CZ  . ARG A 1 97  ? 9.314   -15.320 -8.765  1.00 35.82 ? 1075 ARG A CZ  1 
ATOM   824  N NH1 . ARG A 1 97  ? 8.499   -16.228 -8.251  1.00 24.09 ? 1075 ARG A NH1 1 
ATOM   825  N NH2 . ARG A 1 97  ? 10.093  -15.650 -9.786  1.00 31.94 ? 1075 ARG A NH2 1 
ATOM   826  N N   . HIS A 1 98  ? 5.511   -10.485 -10.698 1.00 21.77 ? 1076 HIS A N   1 
ATOM   827  C CA  . HIS A 1 98  ? 5.597   -9.390  -11.662 1.00 20.57 ? 1076 HIS A CA  1 
ATOM   828  C C   . HIS A 1 98  ? 4.492   -8.368  -11.385 1.00 22.12 ? 1076 HIS A C   1 
ATOM   829  O O   . HIS A 1 98  ? 4.756   -7.176  -11.432 1.00 22.60 ? 1076 HIS A O   1 
ATOM   830  C CB  . HIS A 1 98  ? 5.533   -9.898  -13.109 1.00 20.79 ? 1076 HIS A CB  1 
ATOM   831  C CG  . HIS A 1 98  ? 5.877   -8.846  -14.122 1.00 24.57 ? 1076 HIS A CG  1 
ATOM   832  N ND1 . HIS A 1 98  ? 4.892   -8.072  -14.730 1.00 26.78 ? 1076 HIS A ND1 1 
ATOM   833  C CD2 . HIS A 1 98  ? 7.084   -8.487  -14.624 1.00 25.81 ? 1076 HIS A CD2 1 
ATOM   834  C CE1 . HIS A 1 98  ? 5.531   -7.268  -15.571 1.00 25.59 ? 1076 HIS A CE1 1 
ATOM   835  N NE2 . HIS A 1 98  ? 6.852   -7.471  -15.536 1.00 25.70 ? 1076 HIS A NE2 1 
ATOM   836  N N   . ARG A 1 99  ? 3.286   -8.838  -11.053 1.00 18.09 ? 1077 ARG A N   1 
ATOM   837  C CA  . ARG A 1 99  ? 2.154   -7.967  -10.723 1.00 18.80 ? 1077 ARG A CA  1 
ATOM   838  C C   . ARG A 1 99  ? 2.406   -7.220  -9.410  1.00 22.54 ? 1077 ARG A C   1 
ATOM   839  O O   . ARG A 1 99  ? 2.090   -6.034  -9.310  1.00 19.85 ? 1077 ARG A O   1 
ATOM   840  C CB  . ARG A 1 99  ? 0.865   -8.783  -10.625 1.00 18.44 ? 1077 ARG A CB  1 
ATOM   841  C CG  . ARG A 1 99  ? 0.283   -9.124  -11.977 1.00 20.19 ? 1077 ARG A CG  1 
ATOM   842  C CD  . ARG A 1 99  ? -0.733  -10.218 -11.831 1.00 18.41 ? 1077 ARG A CD  1 
ATOM   843  N NE  . ARG A 1 99  ? -1.474  -10.377 -13.077 1.00 21.97 ? 1077 ARG A NE  1 
ATOM   844  C CZ  . ARG A 1 99  ? -2.469  -11.232 -13.270 1.00 23.76 ? 1077 ARG A CZ  1 
ATOM   845  N NH1 . ARG A 1 99  ? -2.852  -12.042 -12.299 1.00 20.08 ? 1077 ARG A NH1 1 
ATOM   846  N NH2 . ARG A 1 99  ? -3.093  -11.280 -14.439 1.00 19.11 ? 1077 ARG A NH2 1 
ATOM   847  N N   . ALA A 1 100 ? 3.036   -7.894  -8.434  1.00 22.21 ? 1078 ALA A N   1 
ATOM   848  C CA  . ALA A 1 100 ? 3.369   -7.307  -7.123  1.00 22.58 ? 1078 ALA A CA  1 
ATOM   849  C C   . ALA A 1 100 ? 4.333   -6.172  -7.275  1.00 27.57 ? 1078 ALA A C   1 
ATOM   850  O O   . ALA A 1 100 ? 4.131   -5.124  -6.661  1.00 28.87 ? 1078 ALA A O   1 
ATOM   851  C CB  . ALA A 1 100 ? 3.960   -8.366  -6.198  1.00 22.90 ? 1078 ALA A CB  1 
ATOM   852  N N   . CYS A 1 101 ? 5.375   -6.392  -8.073  1.00 25.34 ? 1079 CYS A N   1 
ATOM   853  C CA  . CYS A 1 101 ? 6.441   -5.463  -8.399  1.00 27.60 ? 1079 CYS A CA  1 
ATOM   854  C C   . CYS A 1 101 ? 5.883   -4.305  -9.180  1.00 25.30 ? 1079 CYS A C   1 
ATOM   855  O O   . CYS A 1 101 ? 6.341   -3.183  -8.994  1.00 23.40 ? 1079 CYS A O   1 
ATOM   856  C CB  . CYS A 1 101 ? 7.553   -6.158  -9.184  1.00 30.98 ? 1079 CYS A CB  1 
ATOM   857  S SG  . CYS A 1 101 ? 8.772   -7.020  -8.151  1.00 37.01 ? 1079 CYS A SG  1 
ATOM   858  N N   . ALA A 1 102 ? 4.928   -4.579  -10.077 1.00 17.86 ? 1080 ALA A N   1 
ATOM   859  C CA  . ALA A 1 102 ? 4.304   -3.549  -10.906 1.00 17.74 ? 1080 ALA A CA  1 
ATOM   860  C C   . ALA A 1 102 ? 3.401   -2.653  -10.029 1.00 20.39 ? 1080 ALA A C   1 
ATOM   861  O O   . ALA A 1 102 ? 3.359   -1.446  -10.239 1.00 20.76 ? 1080 ALA A O   1 
ATOM   862  C CB  . ALA A 1 102 ? 3.514   -4.187  -12.035 1.00 17.73 ? 1080 ALA A CB  1 
ATOM   863  N N   . LEU A 1 103 ? 2.720   -3.238  -9.036  1.00 17.92 ? 1081 LEU A N   1 
ATOM   864  C CA  . LEU A 1 103 ? 1.880   -2.495  -8.095  1.00 18.51 ? 1081 LEU A CA  1 
ATOM   865  C C   . LEU A 1 103 ? 2.756   -1.519  -7.311  1.00 22.02 ? 1081 LEU A C   1 
ATOM   866  O O   . LEU A 1 103 ? 2.450   -0.320  -7.260  1.00 18.55 ? 1081 LEU A O   1 
ATOM   867  C CB  . LEU A 1 103 ? 1.096   -3.444  -7.170  1.00 19.25 ? 1081 LEU A CB  1 
ATOM   868  C CG  . LEU A 1 103 ? 0.067   -2.779  -6.196  1.00 25.36 ? 1081 LEU A CG  1 
ATOM   869  C CD1 . LEU A 1 103 ? -1.144  -3.647  -6.025  1.00 25.59 ? 1081 LEU A CD1 1 
ATOM   870  C CD2 . LEU A 1 103 ? 0.673   -2.607  -4.818  1.00 28.88 ? 1081 LEU A CD2 1 
ATOM   871  N N   . ARG A 1 104 ? 3.876   -2.022  -6.766  1.00 19.25 ? 1082 ARG A N   1 
ATOM   872  C CA  . ARG A 1 104 ? 4.836   -1.209  -6.015  1.00 20.34 ? 1082 ARG A CA  1 
ATOM   873  C C   . ARG A 1 104 ? 5.424   -0.099  -6.897  1.00 23.11 ? 1082 ARG A C   1 
ATOM   874  O O   . ARG A 1 104 ? 5.462   1.063   -6.469  1.00 19.15 ? 1082 ARG A O   1 
ATOM   875  C CB  . ARG A 1 104 ? 5.972   -2.097  -5.477  1.00 22.39 ? 1082 ARG A CB  1 
ATOM   876  C CG  . ARG A 1 104 ? 6.871   -1.405  -4.449  1.00 29.21 ? 1082 ARG A CG  1 
ATOM   877  C CD  . ARG A 1 104 ? 8.250   -2.055  -4.362  1.00 46.73 ? 1082 ARG A CD  1 
ATOM   878  N NE  . ARG A 1 104 ? 8.944   -2.004  -5.660  1.00 65.41 ? 1082 ARG A NE  1 
ATOM   879  C CZ  . ARG A 1 104 ? 9.484   -3.049  -6.285  1.00 75.53 ? 1082 ARG A CZ  1 
ATOM   880  N NH1 . ARG A 1 104 ? 9.485   -4.248  -5.713  1.00 73.99 ? 1082 ARG A NH1 1 
ATOM   881  N NH2 . ARG A 1 104 ? 10.057  -2.897  -7.468  1.00 53.44 ? 1082 ARG A NH2 1 
ATOM   882  N N   . ASP A 1 105 ? 5.894   -0.456  -8.115  1.00 19.56 ? 1083 ASP A N   1 
ATOM   883  C CA  . ASP A 1 105 ? 6.475   0.508   -9.045  1.00 19.08 ? 1083 ASP A CA  1 
ATOM   884  C C   . ASP A 1 105 ? 5.490   1.599   -9.447  1.00 20.41 ? 1083 ASP A C   1 
ATOM   885  O O   . ASP A 1 105 ? 5.906   2.744   -9.587  1.00 19.92 ? 1083 ASP A O   1 
ATOM   886  C CB  . ASP A 1 105 ? 7.036   -0.158  -10.312 1.00 21.95 ? 1083 ASP A CB  1 
ATOM   887  C CG  . ASP A 1 105 ? 8.261   -1.053  -10.096 1.00 35.13 ? 1083 ASP A CG  1 
ATOM   888  O OD1 . ASP A 1 105 ? 8.957   -0.882  -9.058  1.00 34.65 ? 1083 ASP A OD1 1 
ATOM   889  O OD2 . ASP A 1 105 ? 8.504   -1.934  -10.946 1.00 37.50 ? 1083 ASP A OD2 1 
ATOM   890  N N   . THR A 1 106 ? 4.218   1.245   -9.652  1.00 15.15 ? 1084 THR A N   1 
ATOM   891  C CA  . THR A 1 106 ? 3.168   2.191   -10.042 1.00 14.89 ? 1084 THR A CA  1 
ATOM   892  C C   . THR A 1 106 ? 2.895   3.191   -8.914  1.00 17.86 ? 1084 THR A C   1 
ATOM   893  O O   . THR A 1 106 ? 2.800   4.394   -9.170  1.00 16.71 ? 1084 THR A O   1 
ATOM   894  C CB  . THR A 1 106 ? 1.886   1.456   -10.450 1.00 19.83 ? 1084 THR A CB  1 
ATOM   895  O OG1 . THR A 1 106 ? 2.209   0.564   -11.526 1.00 15.56 ? 1084 THR A OG1 1 
ATOM   896  C CG2 . THR A 1 106 ? 0.768   2.427   -10.920 1.00 18.70 ? 1084 THR A CG2 1 
ATOM   897  N N   . ALA A 1 107 ? 2.774   2.692   -7.677  1.00 13.76 ? 1085 ALA A N   1 
ATOM   898  C CA  . ALA A 1 107 ? 2.535   3.535   -6.504  1.00 14.14 ? 1085 ALA A CA  1 
ATOM   899  C C   . ALA A 1 107 ? 3.689   4.539   -6.362  1.00 18.52 ? 1085 ALA A C   1 
ATOM   900  O O   . ALA A 1 107 ? 3.421   5.726   -6.224  1.00 18.17 ? 1085 ALA A O   1 
ATOM   901  C CB  . ALA A 1 107 ? 2.436   2.670   -5.262  1.00 14.42 ? 1085 ALA A CB  1 
ATOM   902  N N   . TYR A 1 108 ? 4.965   4.073   -6.453  1.00 15.41 ? 1086 TYR A N   1 
ATOM   903  C CA  . TYR A 1 108 ? 6.138   4.947   -6.365  1.00 16.15 ? 1086 TYR A CA  1 
ATOM   904  C C   . TYR A 1 108 ? 6.155   5.978   -7.499  1.00 19.45 ? 1086 TYR A C   1 
ATOM   905  O O   . TYR A 1 108 ? 6.460   7.148   -7.260  1.00 19.35 ? 1086 TYR A O   1 
ATOM   906  C CB  . TYR A 1 108 ? 7.463   4.140   -6.307  1.00 17.52 ? 1086 TYR A CB  1 
ATOM   907  C CG  . TYR A 1 108 ? 7.815   3.659   -4.908  1.00 19.64 ? 1086 TYR A CG  1 
ATOM   908  C CD1 . TYR A 1 108 ? 7.257   2.493   -4.387  1.00 21.17 ? 1086 TYR A CD1 1 
ATOM   909  C CD2 . TYR A 1 108 ? 8.700   4.377   -4.104  1.00 20.32 ? 1086 TYR A CD2 1 
ATOM   910  C CE1 . TYR A 1 108 ? 7.586   2.039   -3.108  1.00 20.19 ? 1086 TYR A CE1 1 
ATOM   911  C CE2 . TYR A 1 108 ? 9.044   3.928   -2.828  1.00 20.66 ? 1086 TYR A CE2 1 
ATOM   912  C CZ  . TYR A 1 108 ? 8.475   2.762   -2.327  1.00 24.25 ? 1086 TYR A CZ  1 
ATOM   913  O OH  . TYR A 1 108 ? 8.821   2.306   -1.079  1.00 19.99 ? 1086 TYR A OH  1 
ATOM   914  N N   . ALA A 1 109 ? 5.791   5.559   -8.713  1.00 17.43 ? 1087 ALA A N   1 
ATOM   915  C CA  . ALA A 1 109 ? 5.782   6.443   -9.883  1.00 17.50 ? 1087 ALA A CA  1 
ATOM   916  C C   . ALA A 1 109 ? 4.679   7.489   -9.777  1.00 19.21 ? 1087 ALA A C   1 
ATOM   917  O O   . ALA A 1 109 ? 4.935   8.642   -10.101 1.00 18.38 ? 1087 ALA A O   1 
ATOM   918  C CB  . ALA A 1 109 ? 5.635   5.641   -11.177 1.00 17.98 ? 1087 ALA A CB  1 
ATOM   919  N N   . ILE A 1 110 ? 3.489   7.120   -9.271  1.00 15.59 ? 1088 ILE A N   1 
ATOM   920  C CA  . ILE A 1 110 ? 2.405   8.097   -9.106  1.00 14.94 ? 1088 ILE A CA  1 
ATOM   921  C C   . ILE A 1 110 ? 2.871   9.151   -8.095  1.00 18.67 ? 1088 ILE A C   1 
ATOM   922  O O   . ILE A 1 110 ? 2.763   10.347  -8.362  1.00 16.26 ? 1088 ILE A O   1 
ATOM   923  C CB  . ILE A 1 110 ? 1.039   7.436   -8.700  1.00 17.14 ? 1088 ILE A CB  1 
ATOM   924  C CG1 . ILE A 1 110 ? 0.424   6.676   -9.892  1.00 15.90 ? 1088 ILE A CG1 1 
ATOM   925  C CG2 . ILE A 1 110 ? 0.043   8.499   -8.148  1.00 15.18 ? 1088 ILE A CG2 1 
ATOM   926  C CD1 . ILE A 1 110 ? -0.696  5.665   -9.483  1.00 17.60 ? 1088 ILE A CD1 1 
ATOM   927  N N   . ILE A 1 111 ? 3.438   8.696   -6.980  1.00 16.89 ? 1089 ILE A N   1 
ATOM   928  C CA  . ILE A 1 111 ? 3.912   9.566   -5.900  1.00 16.93 ? 1089 ILE A CA  1 
ATOM   929  C C   . ILE A 1 111 ? 5.073   10.446  -6.383  1.00 20.54 ? 1089 ILE A C   1 
ATOM   930  O O   . ILE A 1 111 ? 5.099   11.638  -6.088  1.00 19.91 ? 1089 ILE A O   1 
ATOM   931  C CB  . ILE A 1 111 ? 4.213   8.723   -4.626  1.00 20.78 ? 1089 ILE A CB  1 
ATOM   932  C CG1 . ILE A 1 111 ? 2.884   8.463   -3.870  1.00 21.60 ? 1089 ILE A CG1 1 
ATOM   933  C CG2 . ILE A 1 111 ? 5.264   9.378   -3.700  1.00 21.49 ? 1089 ILE A CG2 1 
ATOM   934  C CD1 . ILE A 1 111 ? 2.777   7.125   -3.219  1.00 29.32 ? 1089 ILE A CD1 1 
ATOM   935  N N   . LYS A 1 112 ? 5.979   9.897   -7.189  1.00 18.75 ? 1090 LYS A N   1 
ATOM   936  C CA  . LYS A 1 112 ? 7.094   10.707  -7.713  1.00 18.55 ? 1090 LYS A CA  1 
ATOM   937  C C   . LYS A 1 112 ? 6.555   11.863  -8.588  1.00 20.52 ? 1090 LYS A C   1 
ATOM   938  O O   . LYS A 1 112 ? 7.058   12.979  -8.504  1.00 20.38 ? 1090 LYS A O   1 
ATOM   939  C CB  . LYS A 1 112 ? 8.082   9.835   -8.524  1.00 21.38 ? 1090 LYS A CB  1 
ATOM   940  C CG  . LYS A 1 112 ? 9.293   10.615  -9.058  1.00 35.19 ? 1090 LYS A CG  1 
ATOM   941  C CD  . LYS A 1 112 ? 10.158  9.725   -9.932  1.00 49.87 ? 1090 LYS A CD  1 
ATOM   942  C CE  . LYS A 1 112 ? 11.344  10.443  -10.521 1.00 64.23 ? 1090 LYS A CE  1 
ATOM   943  N NZ  . LYS A 1 112 ? 12.097  9.548   -11.441 1.00 78.44 ? 1090 LYS A NZ  1 
ATOM   944  N N   . GLU A 1 113 ? 5.548   11.592  -9.409  1.00 17.13 ? 1091 GLU A N   1 
ATOM   945  C CA  . GLU A 1 113 ? 4.989   12.605  -10.303 1.00 16.46 ? 1091 GLU A CA  1 
ATOM   946  C C   . GLU A 1 113 ? 4.004   13.555  -9.635  1.00 19.46 ? 1091 GLU A C   1 
ATOM   947  O O   . GLU A 1 113 ? 3.806   14.670  -10.130 1.00 19.04 ? 1091 GLU A O   1 
ATOM   948  C CB  . GLU A 1 113 ? 4.250   11.931  -11.466 1.00 18.01 ? 1091 GLU A CB  1 
ATOM   949  C CG  . GLU A 1 113 ? 5.116   11.124  -12.414 1.00 33.66 ? 1091 GLU A CG  1 
ATOM   950  C CD  . GLU A 1 113 ? 4.343   10.734  -13.657 1.00 68.81 ? 1091 GLU A CD  1 
ATOM   951  O OE1 . GLU A 1 113 ? 3.485   9.827   -13.560 1.00 66.04 ? 1091 GLU A OE1 1 
ATOM   952  O OE2 . GLU A 1 113 ? 4.530   11.396  -14.704 1.00 74.99 ? 1091 GLU A OE2 1 
ATOM   953  N N   . GLU A 1 114 ? 3.286   13.093  -8.601  1.00 16.08 ? 1092 GLU A N   1 
ATOM   954  C CA  . GLU A 1 114 ? 2.192   13.913  -8.073  1.00 15.96 ? 1092 GLU A CA  1 
ATOM   955  C C   . GLU A 1 114 ? 2.345   14.418  -6.636  1.00 21.31 ? 1092 GLU A C   1 
ATOM   956  O O   . GLU A 1 114 ? 1.563   15.270  -6.209  1.00 20.22 ? 1092 GLU A O   1 
ATOM   957  C CB  . GLU A 1 114 ? 0.867   13.147  -8.214  1.00 16.14 ? 1092 GLU A CB  1 
ATOM   958  C CG  . GLU A 1 114 ? 0.646   12.621  -9.633  1.00 15.51 ? 1092 GLU A CG  1 
ATOM   959  C CD  . GLU A 1 114 ? -0.580  11.759  -9.842  1.00 22.00 ? 1092 GLU A CD  1 
ATOM   960  O OE1 . GLU A 1 114 ? -1.527  11.859  -9.032  1.00 17.50 ? 1092 GLU A OE1 1 
ATOM   961  O OE2 . GLU A 1 114 ? -0.621  11.024  -10.854 1.00 15.66 ? 1092 GLU A OE2 1 
ATOM   962  N N   . LEU A 1 115 ? 3.296   13.886  -5.885  1.00 18.55 ? 1093 LEU A N   1 
ATOM   963  C CA  . LEU A 1 115 ? 3.450   14.334  -4.512  1.00 18.59 ? 1093 LEU A CA  1 
ATOM   964  C C   . LEU A 1 115 ? 4.473   15.467  -4.431  1.00 22.28 ? 1093 LEU A C   1 
ATOM   965  O O   . LEU A 1 115 ? 5.624   15.290  -4.815  1.00 22.03 ? 1093 LEU A O   1 
ATOM   966  C CB  . LEU A 1 115 ? 3.833   13.160  -3.582  1.00 18.14 ? 1093 LEU A CB  1 
ATOM   967  C CG  . LEU A 1 115 ? 4.222   13.539  -2.148  1.00 22.31 ? 1093 LEU A CG  1 
ATOM   968  C CD1 . LEU A 1 115 ? 3.032   13.913  -1.344  1.00 22.51 ? 1093 LEU A CD1 1 
ATOM   969  C CD2 . LEU A 1 115 ? 4.999   12.428  -1.489  1.00 24.17 ? 1093 LEU A CD2 1 
ATOM   970  N N   . ASP A 1 116 ? 4.074   16.608  -3.872  1.00 19.79 ? 1094 ASP A N   1 
ATOM   971  C CA  . ASP A 1 116 ? 5.013   17.717  -3.664  1.00 18.60 ? 1094 ASP A CA  1 
ATOM   972  C C   . ASP A 1 116 ? 5.903   17.323  -2.482  1.00 20.16 ? 1094 ASP A C   1 
ATOM   973  O O   . ASP A 1 116 ? 5.388   16.989  -1.420  1.00 19.23 ? 1094 ASP A O   1 
ATOM   974  C CB  . ASP A 1 116 ? 4.260   19.019  -3.388  1.00 20.22 ? 1094 ASP A CB  1 
ATOM   975  C CG  . ASP A 1 116 ? 5.166   20.227  -3.381  1.00 25.51 ? 1094 ASP A CG  1 
ATOM   976  O OD1 . ASP A 1 116 ? 6.168   20.212  -2.637  1.00 26.85 ? 1094 ASP A OD1 1 
ATOM   977  O OD2 . ASP A 1 116 ? 4.807   21.234  -4.010  1.00 26.68 ? 1094 ASP A OD2 1 
ATOM   978  N N   . GLU A 1 117 ? 7.235   17.329  -2.670  1.00 18.76 ? 1095 GLU A N   1 
ATOM   979  C CA  . GLU A 1 117 ? 8.166   16.899  -1.619  1.00 19.48 ? 1095 GLU A CA  1 
ATOM   980  C C   . GLU A 1 117 ? 8.099   17.762  -0.363  1.00 21.19 ? 1095 GLU A C   1 
ATOM   981  O O   . GLU A 1 117 ? 8.380   17.257  0.721   1.00 19.91 ? 1095 GLU A O   1 
ATOM   982  C CB  . GLU A 1 117 ? 9.602   16.745  -2.136  1.00 22.04 ? 1095 GLU A CB  1 
ATOM   983  C CG  . GLU A 1 117 ? 10.260  18.017  -2.645  1.00 44.12 ? 1095 GLU A CG  1 
ATOM   984  C CD  . GLU A 1 117 ? 11.693  17.843  -3.123  1.00 71.31 ? 1095 GLU A CD  1 
ATOM   985  O OE1 . GLU A 1 117 ? 12.429  18.855  -3.139  1.00 72.87 ? 1095 GLU A OE1 1 
ATOM   986  O OE2 . GLU A 1 117 ? 12.082  16.703  -3.478  1.00 58.74 ? 1095 GLU A OE2 1 
ATOM   987  N N   . ASP A 1 118 ? 7.657   19.032  -0.494  1.00 17.79 ? 1096 ASP A N   1 
ATOM   988  C CA  . ASP A 1 118 ? 7.487   19.920  0.665   1.00 17.41 ? 1096 ASP A CA  1 
ATOM   989  C C   . ASP A 1 118 ? 6.249   19.539  1.422   1.00 19.75 ? 1096 ASP A C   1 
ATOM   990  O O   . ASP A 1 118 ? 6.158   19.820  2.612   1.00 18.45 ? 1096 ASP A O   1 
ATOM   991  C CB  . ASP A 1 118 ? 7.396   21.393  0.228   1.00 18.55 ? 1096 ASP A CB  1 
ATOM   992  C CG  . ASP A 1 118 ? 8.734   21.962  -0.200  1.00 24.87 ? 1096 ASP A CG  1 
ATOM   993  O OD1 . ASP A 1 118 ? 9.778   21.353  0.147   1.00 25.14 ? 1096 ASP A OD1 1 
ATOM   994  O OD2 . ASP A 1 118 ? 8.736   22.913  -0.991  1.00 34.66 ? 1096 ASP A OD2 1 
ATOM   995  N N   . PHE A 1 119 ? 5.259   18.922  0.733   1.00 16.79 ? 1097 PHE A N   1 
ATOM   996  C CA  . PHE A 1 119 ? 4.059   18.474  1.422   1.00 14.92 ? 1097 PHE A CA  1 
ATOM   997  C C   . PHE A 1 119 ? 4.421   17.260  2.318   1.00 18.57 ? 1097 PHE A C   1 
ATOM   998  O O   . PHE A 1 119 ? 4.012   17.201  3.478   1.00 18.27 ? 1097 PHE A O   1 
ATOM   999  C CB  . PHE A 1 119 ? 2.933   18.136  0.426   1.00 16.90 ? 1097 PHE A CB  1 
ATOM   1000 C CG  . PHE A 1 119 ? 1.703   17.636  1.148   1.00 17.25 ? 1097 PHE A CG  1 
ATOM   1001 C CD1 . PHE A 1 119 ? 0.763   18.531  1.658   1.00 17.58 ? 1097 PHE A CD1 1 
ATOM   1002 C CD2 . PHE A 1 119 ? 1.511   16.272  1.366   1.00 18.33 ? 1097 PHE A CD2 1 
ATOM   1003 C CE1 . PHE A 1 119 ? -0.340  18.074  2.375   1.00 18.05 ? 1097 PHE A CE1 1 
ATOM   1004 C CE2 . PHE A 1 119 ? 0.404   15.815  2.085   1.00 19.11 ? 1097 PHE A CE2 1 
ATOM   1005 C CZ  . PHE A 1 119 ? -0.514  16.718  2.584   1.00 17.21 ? 1097 PHE A CZ  1 
ATOM   1006 N N   . GLU A 1 120 ? 5.167   16.294  1.766   1.00 15.11 ? 1098 GLU A N   1 
ATOM   1007 C CA  . GLU A 1 120 ? 5.639   15.135  2.514   1.00 15.63 ? 1098 GLU A CA  1 
ATOM   1008 C C   . GLU A 1 120 ? 6.507   15.597  3.704   1.00 20.06 ? 1098 GLU A C   1 
ATOM   1009 O O   . GLU A 1 120 ? 6.357   15.063  4.793   1.00 18.55 ? 1098 GLU A O   1 
ATOM   1010 C CB  . GLU A 1 120 ? 6.471   14.200  1.607   1.00 17.50 ? 1098 GLU A CB  1 
ATOM   1011 C CG  . GLU A 1 120 ? 7.135   13.026  2.338   1.00 21.98 ? 1098 GLU A CG  1 
ATOM   1012 C CD  . GLU A 1 120 ? 6.239   12.066  3.114   1.00 31.61 ? 1098 GLU A CD  1 
ATOM   1013 O OE1 . GLU A 1 120 ? 5.004   12.245  3.075   1.00 24.54 ? 1098 GLU A OE1 1 
ATOM   1014 O OE2 . GLU A 1 120 ? 6.767   11.105  3.723   1.00 26.25 ? 1098 GLU A OE2 1 
ATOM   1015 N N   . GLN A 1 121 ? 7.425   16.576  3.473   1.00 18.86 ? 1099 GLN A N   1 
ATOM   1016 C CA  . GLN A 1 121 ? 8.333   17.097  4.506   1.00 17.83 ? 1099 GLN A CA  1 
ATOM   1017 C C   . GLN A 1 121 ? 7.554   17.683  5.690   1.00 21.25 ? 1099 GLN A C   1 
ATOM   1018 O O   . GLN A 1 121 ? 7.899   17.423  6.836   1.00 21.01 ? 1099 GLN A O   1 
ATOM   1019 C CB  . GLN A 1 121 ? 9.318   18.121  3.909   1.00 18.96 ? 1099 GLN A CB  1 
ATOM   1020 C CG  . GLN A 1 121 ? 10.446  18.539  4.883   1.00 23.23 ? 1099 GLN A CG  1 
ATOM   1021 C CD  . GLN A 1 121 ? 11.310  17.377  5.316   1.00 37.39 ? 1099 GLN A CD  1 
ATOM   1022 O OE1 . GLN A 1 121 ? 11.662  16.508  4.522   1.00 31.76 ? 1099 GLN A OE1 1 
ATOM   1023 N NE2 . GLN A 1 121 ? 11.651  17.328  6.593   1.00 29.20 ? 1099 GLN A NE2 1 
ATOM   1024 N N   . LEU A 1 122 ? 6.455   18.399  5.405   1.00 18.51 ? 1100 LEU A N   1 
ATOM   1025 C CA  . LEU A 1 122 ? 5.566   18.954  6.418   1.00 17.33 ? 1100 LEU A CA  1 
ATOM   1026 C C   . LEU A 1 122 ? 4.931   17.834  7.231   1.00 21.23 ? 1100 LEU A C   1 
ATOM   1027 O O   . LEU A 1 122 ? 4.915   17.902  8.475   1.00 18.67 ? 1100 LEU A O   1 
ATOM   1028 C CB  . LEU A 1 122 ? 4.482   19.865  5.766   1.00 17.08 ? 1100 LEU A CB  1 
ATOM   1029 C CG  . LEU A 1 122 ? 3.388   20.430  6.705   1.00 21.66 ? 1100 LEU A CG  1 
ATOM   1030 C CD1 . LEU A 1 122 ? 4.011   21.259  7.851   1.00 22.82 ? 1100 LEU A CD1 1 
ATOM   1031 C CD2 . LEU A 1 122 ? 2.381   21.268  5.946   1.00 22.28 ? 1100 LEU A CD2 1 
ATOM   1032 N N   . CYS A 1 123 ? 4.425   16.781  6.541   1.00 17.39 ? 1101 CYS A N   1 
ATOM   1033 C CA  . CYS A 1 123 ? 3.813   15.638  7.247   1.00 16.91 ? 1101 CYS A CA  1 
ATOM   1034 C C   . CYS A 1 123 ? 4.811   15.003  8.215   1.00 21.21 ? 1101 CYS A C   1 
ATOM   1035 O O   . CYS A 1 123 ? 4.472   14.742  9.374   1.00 20.34 ? 1101 CYS A O   1 
ATOM   1036 C CB  . CYS A 1 123 ? 3.270   14.611  6.259   1.00 15.59 ? 1101 CYS A CB  1 
ATOM   1037 S SG  . CYS A 1 123 ? 1.837   15.185  5.328   1.00 18.36 ? 1101 CYS A SG  1 
ATOM   1038 N N   . GLU A 1 124 ? 6.043   14.782  7.742   1.00 19.57 ? 1102 GLU A N   1 
ATOM   1039 C CA  . GLU A 1 124 ? 7.108   14.177  8.552   1.00 21.14 ? 1102 GLU A CA  1 
ATOM   1040 C C   . GLU A 1 124 ? 7.416   15.047  9.767   1.00 27.20 ? 1102 GLU A C   1 
ATOM   1041 O O   . GLU A 1 124 ? 7.485   14.538  10.883  1.00 25.71 ? 1102 GLU A O   1 
ATOM   1042 C CB  . GLU A 1 124 ? 8.367   13.949  7.712   1.00 22.17 ? 1102 GLU A CB  1 
ATOM   1043 C CG  . GLU A 1 124 ? 8.149   12.910  6.618   1.00 32.09 ? 1102 GLU A CG  1 
ATOM   1044 C CD  . GLU A 1 124 ? 9.341   12.486  5.786   1.00 52.11 ? 1102 GLU A CD  1 
ATOM   1045 O OE1 . GLU A 1 124 ? 10.467  12.937  6.090   1.00 49.02 ? 1102 GLU A OE1 1 
ATOM   1046 O OE2 . GLU A 1 124 ? 9.150   11.698  4.829   1.00 42.07 ? 1102 GLU A OE2 1 
ATOM   1047 N N   . GLU A 1 125 ? 7.513   16.372  9.561   1.00 24.61 ? 1103 GLU A N   1 
ATOM   1048 C CA  . GLU A 1 125 ? 7.827   17.269  10.671  1.00 23.96 ? 1103 GLU A CA  1 
ATOM   1049 C C   . GLU A 1 125 ? 6.691   17.345  11.678  1.00 29.09 ? 1103 GLU A C   1 
ATOM   1050 O O   . GLU A 1 125 ? 6.976   17.327  12.869  1.00 30.49 ? 1103 GLU A O   1 
ATOM   1051 C CB  . GLU A 1 125 ? 8.290   18.642  10.173  1.00 24.26 ? 1103 GLU A CB  1 
ATOM   1052 C CG  . GLU A 1 125 ? 9.668   18.550  9.540   1.00 23.69 ? 1103 GLU A CG  1 
ATOM   1053 C CD  . GLU A 1 125 ? 10.247  19.818  8.945   1.00 30.82 ? 1103 GLU A CD  1 
ATOM   1054 O OE1 . GLU A 1 125 ? 9.695   20.910  9.194   1.00 22.48 ? 1103 GLU A OE1 1 
ATOM   1055 O OE2 . GLU A 1 125 ? 11.221  19.706  8.172   1.00 25.61 ? 1103 GLU A OE2 1 
ATOM   1056 N N   . ILE A 1 126 ? 5.415   17.306  11.245  1.00 24.99 ? 1104 ILE A N   1 
ATOM   1057 C CA  . ILE A 1 126 ? 4.325   17.278  12.223  1.00 24.92 ? 1104 ILE A CA  1 
ATOM   1058 C C   . ILE A 1 126 ? 4.415   15.929  12.985  1.00 33.74 ? 1104 ILE A C   1 
ATOM   1059 O O   . ILE A 1 126 ? 4.285   15.922  14.212  1.00 35.53 ? 1104 ILE A O   1 
ATOM   1060 C CB  . ILE A 1 126 ? 2.921   17.494  11.611  1.00 26.92 ? 1104 ILE A CB  1 
ATOM   1061 C CG1 . ILE A 1 126 ? 2.824   18.813  10.807  1.00 26.48 ? 1104 ILE A CG1 1 
ATOM   1062 C CG2 . ILE A 1 126 ? 1.845   17.433  12.700  1.00 26.81 ? 1104 ILE A CG2 1 
ATOM   1063 C CD1 . ILE A 1 126 ? 1.611   18.869  9.819   1.00 27.04 ? 1104 ILE A CD1 1 
ATOM   1064 N N   . GLN A 1 127 ? 4.681   14.809  12.259  1.00 31.13 ? 1105 GLN A N   1 
ATOM   1065 C CA  . GLN A 1 127 ? 4.782   13.466  12.842  1.00 31.51 ? 1105 GLN A CA  1 
ATOM   1066 C C   . GLN A 1 127 ? 5.880   13.403  13.922  1.00 36.81 ? 1105 GLN A C   1 
ATOM   1067 O O   . GLN A 1 127 ? 5.593   12.983  15.040  1.00 36.29 ? 1105 GLN A O   1 
ATOM   1068 C CB  . GLN A 1 127 ? 4.988   12.379  11.760  1.00 32.25 ? 1105 GLN A CB  1 
ATOM   1069 C CG  . GLN A 1 127 ? 4.999   10.954  12.336  1.00 35.01 ? 1105 GLN A CG  1 
ATOM   1070 C CD  . GLN A 1 127 ? 5.418   9.903   11.335  1.00 50.03 ? 1105 GLN A CD  1 
ATOM   1071 O OE1 . GLN A 1 127 ? 6.464   10.001  10.679  1.00 44.93 ? 1105 GLN A OE1 1 
ATOM   1072 N NE2 . GLN A 1 127 ? 4.645   8.827   11.252  1.00 38.70 ? 1105 GLN A NE2 1 
ATOM   1073 N N   . GLU A 1 128 ? 7.112   13.827  13.583  1.00 35.41 ? 1106 GLU A N   1 
ATOM   1074 C CA  . GLU A 1 128 ? 8.270   13.852  14.490  1.00 36.87 ? 1106 GLU A CA  1 
ATOM   1075 C C   . GLU A 1 128 ? 8.019   14.676  15.761  1.00 43.88 ? 1106 GLU A C   1 
ATOM   1076 O O   . GLU A 1 128 ? 8.626   14.386  16.793  1.00 44.11 ? 1106 GLU A O   1 
ATOM   1077 C CB  . GLU A 1 128 ? 9.518   14.397  13.781  1.00 38.47 ? 1106 GLU A CB  1 
ATOM   1078 C CG  . GLU A 1 128 ? 10.093  13.522  12.680  1.00 54.33 ? 1106 GLU A CG  1 
ATOM   1079 C CD  . GLU A 1 128 ? 11.050  14.222  11.726  1.00 88.05 ? 1106 GLU A CD  1 
ATOM   1080 O OE1 . GLU A 1 128 ? 11.164  15.471  11.784  1.00 84.26 ? 1106 GLU A OE1 1 
ATOM   1081 O OE2 . GLU A 1 128 ? 11.678  13.517  10.903  1.00 89.44 ? 1106 GLU A OE2 1 
ATOM   1082 N N   . SER A 1 129 ? 7.152   15.707  15.681  1.00 41.87 ? 1107 SER A N   1 
ATOM   1083 C CA  . SER A 1 129 ? 6.820   16.610  16.791  1.00 42.45 ? 1107 SER A CA  1 
ATOM   1084 C C   . SER A 1 129 ? 5.767   16.033  17.756  1.00 49.37 ? 1107 SER A C   1 
ATOM   1085 O O   . SER A 1 129 ? 5.501   16.633  18.799  1.00 50.40 ? 1107 SER A O   1 
ATOM   1086 C CB  . SER A 1 129 ? 6.326   17.947  16.242  1.00 44.18 ? 1107 SER A CB  1 
ATOM   1087 O OG  . SER A 1 129 ? 4.928   17.892  15.993  1.00 46.43 ? 1107 SER A OG  1 
ATOM   1088 N N   . ARG A 1 130 ? 5.131   14.918  17.387  1.00 46.54 ? 1108 ARG A N   1 
ATOM   1089 C CA  . ARG A 1 130 ? 4.084   14.289  18.195  1.00 49.20 ? 1108 ARG A CA  1 
ATOM   1090 C C   . ARG A 1 130 ? 4.613   13.108  19.040  1.00 67.01 ? 1108 ARG A C   1 
ATOM   1091 O O   . ARG A 1 130 ? 5.651   12.505  18.671  1.00 66.44 ? 1108 ARG A O   1 
ATOM   1092 C CB  . ARG A 1 130 ? 2.879   13.898  17.315  1.00 48.35 ? 1108 ARG A CB  1 
ATOM   1093 C CG  . ARG A 1 130 ? 2.174   15.130  16.732  1.00 52.42 ? 1108 ARG A CG  1 
ATOM   1094 C CD  . ARG A 1 130 ? 0.912   14.826  15.950  1.00 54.87 ? 1108 ARG A CD  1 
ATOM   1095 N NE  . ARG A 1 130 ? 0.182   16.061  15.640  1.00 50.79 ? 1108 ARG A NE  1 
ATOM   1096 C CZ  . ARG A 1 130 ? -1.059  16.106  15.164  1.00 64.57 ? 1108 ARG A CZ  1 
ATOM   1097 N NH1 . ARG A 1 130 ? -1.641  17.273  14.922  1.00 47.25 ? 1108 ARG A NH1 1 
ATOM   1098 N NH2 . ARG A 1 130 ? -1.731  14.985  14.934  1.00 60.14 ? 1108 ARG A NH2 1 
ATOM   1099 O OXT . ARG A 1 130 ? 4.029   12.847  20.115  1.00 87.75 ? 1108 ARG A OXT 1 
HETATM 1100 S S   . SO4 B 2 .   ? -11.498 12.302  5.957   1.00 31.54 ? 1201 SO4 A S   1 
HETATM 1101 O O1  . SO4 B 2 .   ? -11.311 13.017  7.203   1.00 27.55 ? 1201 SO4 A O1  1 
HETATM 1102 O O2  . SO4 B 2 .   ? -12.023 13.235  4.953   1.00 38.77 ? 1201 SO4 A O2  1 
HETATM 1103 O O3  . SO4 B 2 .   ? -12.431 11.217  6.159   1.00 30.81 ? 1201 SO4 A O3  1 
HETATM 1104 O O4  . SO4 B 2 .   ? -10.235 11.783  5.508   1.00 37.15 ? 1201 SO4 A O4  1 
HETATM 1105 S S   . SO4 C 2 .   ? 0.146   17.186  -2.899  0.75 64.79 ? 1202 SO4 A S   1 
HETATM 1106 O O1  . SO4 C 2 .   ? -0.278  17.276  -4.288  0.75 65.51 ? 1202 SO4 A O1  1 
HETATM 1107 O O2  . SO4 C 2 .   ? 0.408   18.540  -2.392  0.75 64.87 ? 1202 SO4 A O2  1 
HETATM 1108 O O3  . SO4 C 2 .   ? 1.380   16.434  -2.838  0.75 63.68 ? 1202 SO4 A O3  1 
HETATM 1109 O O4  . SO4 C 2 .   ? -0.933  16.538  -2.095  0.75 61.77 ? 1202 SO4 A O4  1 
HETATM 1110 S S   . SO4 D 2 .   ? -0.858  -1.363  13.436  0.25 71.41 ? 1203 SO4 A S   1 
HETATM 1111 O O1  . SO4 D 2 .   ? -1.559  -1.211  12.165  0.25 71.38 ? 1203 SO4 A O1  1 
HETATM 1112 O O2  . SO4 D 2 .   ? -1.284  -0.307  14.353  0.25 71.45 ? 1203 SO4 A O2  1 
HETATM 1113 O O3  . SO4 D 2 .   ? 0.584   -1.270  13.213  0.25 71.35 ? 1203 SO4 A O3  1 
HETATM 1114 O O4  . SO4 D 2 .   ? -1.174  -2.666  14.014  0.25 71.46 ? 1203 SO4 A O4  1 
HETATM 1115 O O2  . 963 E 3 .   ? -1.213  -12.823 -2.919  1.00 40.71 ? 1204 963 A O2  1 
HETATM 1116 O O3  . 963 E 3 .   ? -4.859  -15.621 -6.523  1.00 45.28 ? 1204 963 A O3  1 
HETATM 1117 C C5  . 963 E 3 .   ? -1.791  -13.934 -3.474  1.00 41.85 ? 1204 963 A C5  1 
HETATM 1118 C C6  . 963 E 3 .   ? -1.000  -15.091 -3.421  1.00 41.06 ? 1204 963 A C6  1 
HETATM 1119 C C7  . 963 E 3 .   ? -1.900  -11.581 -3.051  1.00 39.78 ? 1204 963 A C7  1 
HETATM 1120 C C8  . 963 E 3 .   ? -4.818  -15.162 -5.392  1.00 46.73 ? 1204 963 A C8  1 
HETATM 1121 C C10 . 963 E 3 .   ? -6.411  -12.983 -3.052  1.00 45.48 ? 1204 963 A C10 1 
HETATM 1122 C C11 . 963 E 3 .   ? -7.472  -12.435 -3.979  1.00 45.03 ? 1204 963 A C11 1 
HETATM 1123 C C16 . 963 E 3 .   ? -7.819  -13.106 -5.167  1.00 46.11 ? 1204 963 A C16 1 
HETATM 1124 C C17 . 963 E 3 .   ? -7.194  -14.443 -5.539  1.00 46.81 ? 1204 963 A C17 1 
HETATM 1125 C C18 . 963 E 3 .   ? -8.214  -15.492 -5.088  1.00 47.44 ? 1204 963 A C18 1 
HETATM 1126 O O4  . 963 E 3 .   ? -7.387  -15.449 -1.544  1.00 44.41 ? 1204 963 A O4  1 
HETATM 1127 C C19 . 963 E 3 .   ? -7.283  -15.238 -2.751  1.00 47.11 ? 1204 963 A C19 1 
HETATM 1128 C C9  . 963 E 3 .   ? -6.106  -14.468 -3.321  1.00 46.75 ? 1204 963 A C9  1 
HETATM 1129 N N1  . 963 E 3 .   ? -8.198  -15.647 -3.634  1.00 48.46 ? 1204 963 A N1  1 
HETATM 1130 C C15 . 963 E 3 .   ? -8.803  -12.560 -5.993  1.00 45.77 ? 1204 963 A C15 1 
HETATM 1131 C C14 . 963 E 3 .   ? -9.429  -11.369 -5.662  1.00 44.57 ? 1204 963 A C14 1 
HETATM 1132 C C13 . 963 E 3 .   ? -9.074  -10.700 -4.508  1.00 44.53 ? 1204 963 A C13 1 
HETATM 1133 C C12 . 963 E 3 .   ? -8.100  -11.227 -3.675  1.00 44.80 ? 1204 963 A C12 1 
HETATM 1134 N N   . 963 E 3 .   ? -5.937  -14.651 -4.782  1.00 46.58 ? 1204 963 A N   1 
HETATM 1135 C C3  . 963 E 3 .   ? -3.503  -15.136 -4.667  1.00 45.95 ? 1204 963 A C3  1 
HETATM 1136 C C2  . 963 E 3 .   ? -2.717  -16.286 -4.644  1.00 44.19 ? 1204 963 A C2  1 
HETATM 1137 C C4  . 963 E 3 .   ? -3.020  -13.950 -4.116  1.00 43.80 ? 1204 963 A C4  1 
HETATM 1138 O O1  . 963 E 3 .   ? 0.232   -15.053 -2.830  1.00 37.87 ? 1204 963 A O1  1 
HETATM 1139 C C1  . 963 E 3 .   ? -1.477  -16.268 -4.021  1.00 42.84 ? 1204 963 A C1  1 
HETATM 1140 O O   . 963 E 3 .   ? -0.640  -17.346 -3.907  1.00 41.08 ? 1204 963 A O   1 
HETATM 1141 C C   . 963 E 3 .   ? -1.133  -18.623 -4.315  1.00 39.45 ? 1204 963 A C   1 
HETATM 1142 O O   . HOH F 4 .   ? 9.015   18.377  14.047  1.00 33.74 ? 1301 HOH A O   1 
HETATM 1143 O O   . HOH F 4 .   ? 0.932   10.510  -12.873 1.00 33.08 ? 1302 HOH A O   1 
HETATM 1144 O O   . HOH F 4 .   ? 3.785   20.171  15.345  1.00 42.07 ? 1303 HOH A O   1 
HETATM 1145 O O   . HOH F 4 .   ? 7.611   14.043  -6.056  1.00 34.96 ? 1304 HOH A O   1 
HETATM 1146 O O   . HOH F 4 .   ? -12.698 2.425   6.163   1.00 28.14 ? 1305 HOH A O   1 
HETATM 1147 O O   . HOH F 4 .   ? -4.262  -8.546  4.031   1.00 24.71 ? 1306 HOH A O   1 
HETATM 1148 O O   . HOH F 4 .   ? -2.964  20.493  3.456   1.00 29.68 ? 1307 HOH A O   1 
HETATM 1149 O O   . HOH F 4 .   ? 1.078   -12.387 -1.383  1.00 25.77 ? 1308 HOH A O   1 
HETATM 1150 O O   . HOH F 4 .   ? -12.924 5.087   2.427   1.00 34.76 ? 1309 HOH A O   1 
HETATM 1151 O O   . HOH F 4 .   ? -3.835  11.352  -5.461  1.00 40.28 ? 1310 HOH A O   1 
HETATM 1152 O O   . HOH F 4 .   ? 0.774   -9.669  -1.362  1.00 23.91 ? 1311 HOH A O   1 
HETATM 1153 O O   . HOH F 4 .   ? 11.054  -14.078 -4.501  1.00 39.40 ? 1312 HOH A O   1 
HETATM 1154 O O   . HOH F 4 .   ? 4.090   -16.257 -15.809 1.00 23.83 ? 1313 HOH A O   1 
HETATM 1155 O O   . HOH F 4 .   ? -0.956  21.744  4.639   1.00 40.51 ? 1314 HOH A O   1 
HETATM 1156 O O   . HOH F 4 .   ? 4.971   -21.172 -4.347  1.00 39.73 ? 1315 HOH A O   1 
HETATM 1157 O O   . HOH F 4 .   ? -0.644  -10.060 1.833   1.00 22.78 ? 1316 HOH A O   1 
HETATM 1158 O O   . HOH F 4 .   ? -1.769  -8.909  -0.924  1.00 21.92 ? 1317 HOH A O   1 
HETATM 1159 O O   . HOH F 4 .   ? 11.855  -21.369 -5.431  1.00 48.40 ? 1318 HOH A O   1 
HETATM 1160 O O   . HOH F 4 .   ? 6.972   -9.498  3.471   1.00 23.54 ? 1319 HOH A O   1 
HETATM 1161 O O   . HOH F 4 .   ? 7.451   -2.841  4.288   1.00 21.86 ? 1320 HOH A O   1 
HETATM 1162 O O   . HOH F 4 .   ? -8.020  -4.685  -9.607  1.00 24.45 ? 1321 HOH A O   1 
HETATM 1163 O O   . HOH F 4 .   ? -0.516  -13.828 9.613   1.00 39.99 ? 1322 HOH A O   1 
HETATM 1164 O O   . HOH F 4 .   ? 12.228  14.167  8.330   1.00 53.40 ? 1323 HOH A O   1 
HETATM 1165 O O   . HOH F 4 .   ? 10.307  -3.923  -10.540 1.00 50.34 ? 1324 HOH A O   1 
HETATM 1166 O O   . HOH F 4 .   ? 10.325  -17.428 -0.030  1.00 34.76 ? 1325 HOH A O   1 
HETATM 1167 O O   . HOH F 4 .   ? -5.718  2.925   -12.694 1.00 31.89 ? 1326 HOH A O   1 
HETATM 1168 O O   . HOH F 4 .   ? -11.907 -0.566  8.646   1.00 39.32 ? 1327 HOH A O   1 
HETATM 1169 O O   . HOH F 4 .   ? -7.114  -9.635  -13.284 1.00 53.06 ? 1328 HOH A O   1 
HETATM 1170 O O   . HOH F 4 .   ? 11.300  19.825  1.809   1.00 34.58 ? 1329 HOH A O   1 
HETATM 1171 O O   . HOH F 4 .   ? -5.738  24.479  5.760   1.00 54.54 ? 1330 HOH A O   1 
HETATM 1172 O O   . HOH F 4 .   ? 0.135   24.697  12.913  1.00 46.39 ? 1331 HOH A O   1 
HETATM 1173 O O   . HOH F 4 .   ? -11.849 -7.415  -5.664  1.00 46.98 ? 1332 HOH A O   1 
HETATM 1174 O O   . HOH F 4 .   ? -9.453  10.614  -2.417  1.00 17.57 ? 1333 HOH A O   1 
HETATM 1175 O O   . HOH F 4 .   ? 13.666  19.019  9.169   1.00 45.09 ? 1334 HOH A O   1 
HETATM 1176 O O   . HOH F 4 .   ? 6.690   -5.717  -12.688 1.00 42.63 ? 1335 HOH A O   1 
HETATM 1177 O O   . HOH F 4 .   ? -1.428  -3.020  10.124  1.00 41.82 ? 1336 HOH A O   1 
HETATM 1178 O O   . HOH F 4 .   ? -0.929  20.680  -1.080  1.00 18.87 ? 1337 HOH A O   1 
HETATM 1179 O O   . HOH F 4 .   ? -1.696  -12.805 -9.944  1.00 38.09 ? 1338 HOH A O   1 
HETATM 1180 O O   . HOH F 4 .   ? -6.808  15.147  10.226  1.00 33.88 ? 1339 HOH A O   1 
HETATM 1181 O O   . HOH F 4 .   ? 1.665   -2.598  8.543   1.00 33.98 ? 1340 HOH A O   1 
HETATM 1182 O O   . HOH F 4 .   ? -13.211 -4.585  -0.162  1.00 64.55 ? 1341 HOH A O   1 
HETATM 1183 O O   . HOH F 4 .   ? 1.114   -19.279 -7.959  1.00 51.86 ? 1342 HOH A O   1 
HETATM 1184 O O   . HOH F 4 .   ? 4.350   -1.540  7.428   1.00 50.45 ? 1343 HOH A O   1 
HETATM 1185 O O   . HOH F 4 .   ? -4.171  -9.805  -10.270 1.00 26.09 ? 1344 HOH A O   1 
HETATM 1186 O O   . HOH F 4 .   ? -11.211 -2.967  -7.293  1.00 44.40 ? 1345 HOH A O   1 
HETATM 1187 O O   . HOH F 4 .   ? 8.554   3.413   -9.765  1.00 23.37 ? 1346 HOH A O   1 
HETATM 1188 O O   . HOH F 4 .   ? 1.572   0.949   -14.168 1.00 33.81 ? 1347 HOH A O   1 
HETATM 1189 O O   . HOH F 4 .   ? 12.521  -18.780 -8.600  1.00 47.08 ? 1348 HOH A O   1 
HETATM 1190 O O   . HOH F 4 .   ? -4.237  -9.916  -1.443  1.00 28.86 ? 1349 HOH A O   1 
HETATM 1191 O O   . HOH F 4 .   ? -4.102  20.120  -3.063  1.00 16.91 ? 1350 HOH A O   1 
HETATM 1192 O O   . HOH F 4 .   ? -9.410  -2.925  -2.868  1.00 34.94 ? 1351 HOH A O   1 
HETATM 1193 O O   . HOH F 4 .   ? -3.808  -6.741  6.975   1.00 50.26 ? 1352 HOH A O   1 
HETATM 1194 O O   . HOH F 4 .   ? -11.539 -1.153  2.943   1.00 31.98 ? 1353 HOH A O   1 
HETATM 1195 O O   . HOH F 4 .   ? 7.972   -24.281 -14.194 1.00 29.14 ? 1354 HOH A O   1 
HETATM 1196 O O   . HOH F 4 .   ? -0.629  -16.232 -10.884 1.00 43.83 ? 1355 HOH A O   1 
HETATM 1197 O O   . HOH F 4 .   ? 3.307   1.681   7.810   1.00 42.42 ? 1356 HOH A O   1 
HETATM 1198 O O   . HOH F 4 .   ? 2.602   7.202   -13.510 1.00 51.34 ? 1357 HOH A O   1 
HETATM 1199 O O   . HOH F 4 .   ? 8.442   -4.837  2.707   1.00 27.60 ? 1358 HOH A O   1 
HETATM 1200 O O   . HOH F 4 .   ? 2.419   21.496  -5.406  1.00 35.05 ? 1359 HOH A O   1 
HETATM 1201 O O   . HOH F 4 .   ? 2.684   7.782   12.936  1.00 55.02 ? 1360 HOH A O   1 
HETATM 1202 O O   . HOH F 4 .   ? -8.324  25.009  9.775   1.00 59.45 ? 1361 HOH A O   1 
HETATM 1203 O O   . HOH F 4 .   ? -10.913 -12.103 0.983   1.00 46.42 ? 1362 HOH A O   1 
HETATM 1204 O O   . HOH F 4 .   ? 2.666   -5.073  -15.855 1.00 30.62 ? 1363 HOH A O   1 
HETATM 1205 O O   . HOH F 4 .   ? -0.635  -7.103  8.686   1.00 39.20 ? 1364 HOH A O   1 
HETATM 1206 O O   . HOH F 4 .   ? 8.508   7.849   -5.482  1.00 28.41 ? 1365 HOH A O   1 
HETATM 1207 O O   . HOH F 4 .   ? 2.168   -7.434  -14.580 1.00 23.83 ? 1366 HOH A O   1 
HETATM 1208 O O   . HOH F 4 .   ? 4.763   -10.365 6.169   1.00 22.50 ? 1367 HOH A O   1 
HETATM 1209 O O   . HOH F 4 .   ? -10.382 9.850   -6.302  1.00 27.15 ? 1368 HOH A O   1 
HETATM 1210 O O   . HOH F 4 .   ? -7.178  -2.180  -15.704 1.00 35.15 ? 1369 HOH A O   1 
HETATM 1211 O O   . HOH F 4 .   ? 7.511   8.617   8.174   1.00 33.38 ? 1370 HOH A O   1 
HETATM 1212 O O   . HOH F 4 .   ? -2.675  1.596   -11.912 1.00 36.03 ? 1371 HOH A O   1 
HETATM 1213 O O   . HOH F 4 .   ? 7.461   -24.236 -9.483  1.00 40.53 ? 1372 HOH A O   1 
HETATM 1214 O O   . HOH F 4 .   ? -4.511  19.090  16.390  1.00 52.35 ? 1373 HOH A O   1 
HETATM 1215 O O   . HOH F 4 .   ? 10.105  15.036  1.220   1.00 54.58 ? 1374 HOH A O   1 
HETATM 1216 O O   . HOH F 4 .   ? 7.746   -19.423 -15.778 1.00 21.61 ? 1375 HOH A O   1 
HETATM 1217 O O   . HOH F 4 .   ? -4.095  7.698   7.392   1.00 16.85 ? 1376 HOH A O   1 
HETATM 1218 O O   . HOH F 4 .   ? -11.689 1.238   -5.520  1.00 40.68 ? 1377 HOH A O   1 
HETATM 1219 O O   . HOH F 4 .   ? -11.312 2.066   8.471   1.00 28.33 ? 1378 HOH A O   1 
HETATM 1220 O O   . HOH F 4 .   ? 5.758   15.898  -11.834 1.00 39.72 ? 1379 HOH A O   1 
HETATM 1221 O O   . HOH F 4 .   ? -10.985 9.604   8.168   1.00 46.57 ? 1380 HOH A O   1 
HETATM 1222 O O   . HOH F 4 .   ? 12.240  -15.910 -6.080  1.00 50.89 ? 1381 HOH A O   1 
HETATM 1223 O O   . HOH F 4 .   ? -6.691  4.577   14.859  1.00 52.65 ? 1382 HOH A O   1 
HETATM 1224 O O   . HOH F 4 .   ? 10.201  24.853  -2.553  1.00 57.12 ? 1383 HOH A O   1 
HETATM 1225 O O   . HOH F 4 .   ? -2.323  6.851   -13.055 1.00 42.95 ? 1384 HOH A O   1 
HETATM 1226 O O   . HOH F 4 .   ? -3.794  0.512   17.181  1.00 51.18 ? 1385 HOH A O   1 
HETATM 1227 O O   . HOH F 4 .   ? -4.280  10.764  9.278   1.00 27.55 ? 1386 HOH A O   1 
HETATM 1228 O O   . HOH F 4 .   ? 8.185   18.181  -5.294  1.00 35.88 ? 1387 HOH A O   1 
HETATM 1229 O O   . HOH F 4 .   ? 0.867   -4.993  9.539   1.00 59.00 ? 1388 HOH A O   1 
HETATM 1230 O O   . HOH F 4 .   ? 6.384   -8.779  7.648   1.00 46.14 ? 1389 HOH A O   1 
HETATM 1231 O O   . HOH F 4 .   ? 12.274  -17.281 -10.868 1.00 34.68 ? 1390 HOH A O   1 
HETATM 1232 O O   . HOH F 4 .   ? 5.628   23.967  -3.303  1.00 41.60 ? 1391 HOH A O   1 
HETATM 1233 O O   . HOH F 4 .   ? 6.983   -24.008 -16.885 1.00 45.81 ? 1392 HOH A O   1 
HETATM 1234 O O   . HOH F 4 .   ? -12.770 7.620   8.615   1.00 44.04 ? 1393 HOH A O   1 
HETATM 1235 O O   . HOH F 4 .   ? 13.279  17.572  11.622  1.00 55.27 ? 1394 HOH A O   1 
HETATM 1236 O O   . HOH F 4 .   ? 1.779   22.915  16.519  1.00 48.36 ? 1395 HOH A O   1 
HETATM 1237 O O   . HOH F 4 .   ? 4.693   -16.565 14.314  1.00 46.23 ? 1396 HOH A O   1 
HETATM 1238 O O   . HOH F 4 .   ? -4.484  -12.652 4.336   1.00 35.54 ? 1397 HOH A O   1 
HETATM 1239 O O   . HOH F 4 .   ? -4.060  -2.533  -16.769 1.00 46.44 ? 1398 HOH A O   1 
HETATM 1240 O O   . HOH F 4 .   ? -5.084  -13.578 -14.599 1.00 46.75 ? 1399 HOH A O   1 
HETATM 1241 O O   . HOH F 4 .   ? 11.361  -22.868 -8.277  1.00 39.89 ? 1400 HOH A O   1 
HETATM 1242 O O   . HOH F 4 .   ? 9.046   -4.305  -1.460  1.00 38.33 ? 1401 HOH A O   1 
HETATM 1243 O O   . HOH F 4 .   ? -6.293  -11.459 -11.501 1.00 34.51 ? 1402 HOH A O   1 
HETATM 1244 O O   . HOH F 4 .   ? 5.870   5.826   11.822  1.00 53.70 ? 1403 HOH A O   1 
HETATM 1245 O O   . HOH F 4 .   ? 5.701   -20.455 0.107   1.00 46.09 ? 1404 HOH A O   1 
HETATM 1246 O O   . HOH F 4 .   ? 6.268   -12.585 6.604   1.00 32.65 ? 1405 HOH A O   1 
HETATM 1247 O O   . HOH F 4 .   ? -10.339 20.196  6.268   0.50 77.77 ? 1406 HOH A O   1 
HETATM 1248 O O   . HOH F 4 .   ? -9.820  -5.573  4.850   1.00 43.44 ? 1407 HOH A O   1 
HETATM 1249 O O   . HOH F 4 .   ? -4.992  -14.293 -11.908 1.00 51.31 ? 1408 HOH A O   1 
HETATM 1250 O O   . HOH F 4 .   ? 9.757   -1.012  3.629   1.00 39.36 ? 1409 HOH A O   1 
HETATM 1251 O O   . HOH F 4 .   ? 10.440  -10.535 0.043   1.00 41.23 ? 1410 HOH A O   1 
HETATM 1252 O O   . HOH F 4 .   ? 9.697   4.713   0.767   1.00 51.72 ? 1411 HOH A O   1 
HETATM 1253 O O   . HOH F 4 .   ? 8.862   3.512   3.015   1.00 46.12 ? 1412 HOH A O   1 
HETATM 1254 O O   . HOH F 4 .   ? 10.049  1.764   -7.697  1.00 53.49 ? 1413 HOH A O   1 
HETATM 1255 O O   . HOH F 4 .   ? -2.304  23.676  6.470   1.00 55.31 ? 1414 HOH A O   1 
HETATM 1256 O O   . HOH F 4 .   ? -8.176  -2.512  10.370  1.00 56.55 ? 1415 HOH A O   1 
HETATM 1257 O O   . HOH F 4 .   ? -9.921  15.695  10.178  1.00 48.58 ? 1416 HOH A O   1 
HETATM 1258 O O   . HOH F 4 .   ? -3.410  -10.590 2.565   1.00 25.81 ? 1417 HOH A O   1 
HETATM 1259 O O   . HOH F 4 .   ? 1.266   -24.420 -0.044  1.00 59.04 ? 1418 HOH A O   1 
HETATM 1260 O O   . HOH F 4 .   ? 8.502   -11.976 -13.051 1.00 44.49 ? 1419 HOH A O   1 
HETATM 1261 O O   . HOH F 4 .   ? 11.457  24.158  0.440   1.00 62.23 ? 1420 HOH A O   1 
HETATM 1262 O O   . HOH F 4 .   ? 1.356   1.984   9.655   1.00 47.70 ? 1421 HOH A O   1 
HETATM 1263 O O   . HOH F 4 .   ? 2.814   -21.083 -2.748  1.00 61.43 ? 1422 HOH A O   1 
HETATM 1264 O O   . HOH F 4 .   ? -3.321  15.744  -4.268  1.00 23.43 ? 1423 HOH A O   1 
HETATM 1265 O O   . HOH F 4 .   ? 8.354   -5.473  7.896   1.00 61.10 ? 1424 HOH A O   1 
HETATM 1266 O O   . HOH F 4 .   ? -9.101  -0.359  -2.111  1.00 45.09 ? 1425 HOH A O   1 
HETATM 1267 O O   . HOH F 4 .   ? -1.988  18.568  -6.867  1.00 24.92 ? 1426 HOH A O   1 
HETATM 1268 O O   . HOH F 4 .   ? -10.714 7.464   12.702  1.00 49.66 ? 1427 HOH A O   1 
HETATM 1269 O O   . HOH F 4 .   ? -8.429  -12.736 5.505   1.00 58.08 ? 1428 HOH A O   1 
HETATM 1270 O O   . HOH F 4 .   ? -6.165  24.906  16.785  1.00 55.96 ? 1429 HOH A O   1 
HETATM 1271 O O   . HOH F 4 .   ? 10.766  -0.306  -3.241  1.00 46.40 ? 1430 HOH A O   1 
HETATM 1272 O O   . HOH F 4 .   ? -10.853 -13.563 3.281   1.00 59.99 ? 1431 HOH A O   1 
HETATM 1273 O O   . HOH F 4 .   ? 4.790   -0.560  -13.650 1.00 58.41 ? 1432 HOH A O   1 
HETATM 1274 O O   . HOH F 4 .   ? 10.974  -10.956 -8.695  1.00 62.51 ? 1433 HOH A O   1 
HETATM 1275 O O   . HOH F 4 .   ? 9.322   20.944  -4.175  1.00 62.62 ? 1434 HOH A O   1 
HETATM 1276 O O   . HOH F 4 .   ? 5.625   2.169   -13.141 1.00 51.42 ? 1435 HOH A O   1 
HETATM 1277 O O   . HOH F 4 .   ? -5.177  11.423  14.331  1.00 62.32 ? 1436 HOH A O   1 
HETATM 1278 O O   . HOH F 4 .   ? -11.758 -0.706  -0.112  1.00 48.93 ? 1437 HOH A O   1 
HETATM 1279 O O   . HOH F 4 .   ? 1.718   18.744  -7.214  1.00 52.23 ? 1438 HOH A O   1 
HETATM 1280 O O   . HOH F 4 .   ? -9.760  18.264  8.911   1.00 53.53 ? 1439 HOH A O   1 
HETATM 1281 O O   . HOH F 4 .   ? -4.827  5.793   -13.201 1.00 55.75 ? 1440 HOH A O   1 
HETATM 1282 O O   . HOH F 4 .   ? -4.187  12.010  11.698  1.00 34.58 ? 1441 HOH A O   1 
HETATM 1283 O O   . HOH F 4 .   ? 0.449   -1.282  -18.268 1.00 56.04 ? 1442 HOH A O   1 
HETATM 1284 O O   . HOH F 4 .   ? -13.061 0.695   4.146   1.00 56.72 ? 1443 HOH A O   1 
HETATM 1285 O O   . HOH F 4 .   ? -12.617 4.154   9.899   1.00 35.12 ? 1444 HOH A O   1 
HETATM 1286 O O   . HOH F 4 .   ? 9.432   5.957   -9.421  1.00 30.96 ? 1445 HOH A O   1 
HETATM 1287 O O   . HOH F 4 .   ? 2.809   10.558  15.702  1.00 60.51 ? 1446 HOH A O   1 
HETATM 1288 O O   . HOH F 4 .   ? 5.018   -3.836  -15.411 1.00 36.05 ? 1447 HOH A O   1 
HETATM 1289 O O   . HOH F 4 .   ? -13.931 -9.699  -4.834  1.00 63.63 ? 1448 HOH A O   1 
HETATM 1290 O O   . HOH F 4 .   ? 9.220   7.031   -11.910 1.00 49.42 ? 1449 HOH A O   1 
HETATM 1291 O O   . HOH F 4 .   ? -6.436  -9.999  -15.884 1.00 53.73 ? 1450 HOH A O   1 
HETATM 1292 O O   . HOH F 4 .   ? 4.296   18.037  -7.456  1.00 47.47 ? 1451 HOH A O   1 
HETATM 1293 O O   . HOH F 4 .   ? -10.049 1.811   -3.458  1.00 34.85 ? 1452 HOH A O   1 
HETATM 1294 O O   . HOH F 4 .   ? 8.352   12.373  -4.109  1.00 45.05 ? 1453 HOH A O   1 
HETATM 1295 O O   . HOH F 4 .   ? 8.300   -7.615  5.516   1.00 53.59 ? 1454 HOH A O   1 
HETATM 1296 O O   . HOH F 4 .   ? 8.153   15.591  21.527  1.00 64.44 ? 1455 HOH A O   1 
HETATM 1297 O O   . HOH F 4 .   ? 12.142  -6.953  -6.852  1.00 52.18 ? 1456 HOH A O   1 
HETATM 1298 O O   . HOH F 4 .   ? 12.396  17.597  0.777   1.00 55.91 ? 1457 HOH A O   1 
HETATM 1299 O O   . HOH F 4 .   ? -5.478  -8.842  6.470   1.00 46.42 ? 1458 HOH A O   1 
HETATM 1300 O O   . HOH F 4 .   ? -7.579  13.693  -5.461  1.00 22.67 ? 1459 HOH A O   1 
HETATM 1301 O O   . HOH F 4 .   ? 7.440   -9.907  9.866   1.00 48.86 ? 1460 HOH A O   1 
HETATM 1302 O O   . HOH F 4 .   ? -2.231  -11.882 10.438  1.00 41.63 ? 1461 HOH A O   1 
HETATM 1303 O O   . HOH F 4 .   ? -14.547 2.286   -9.329  1.00 43.44 ? 1462 HOH A O   1 
HETATM 1304 O O   . HOH F 4 .   ? -11.474 -13.480 -2.474  1.00 58.32 ? 1463 HOH A O   1 
HETATM 1305 O O   . HOH F 4 .   ? 13.085  -12.795 -9.773  1.00 75.26 ? 1464 HOH A O   1 
HETATM 1306 O O   . HOH F 4 .   ? 10.581  6.733   -6.920  1.00 37.86 ? 1465 HOH A O   1 
HETATM 1307 O O   . HOH F 4 .   ? -14.618 2.786   2.240   1.00 50.22 ? 1466 HOH A O   1 
HETATM 1308 O O   . HOH F 4 .   ? -11.954 -5.701  -7.971  1.00 50.98 ? 1467 HOH A O   1 
HETATM 1309 O O   . HOH F 4 .   ? 2.200   12.158  -18.133 1.00 60.31 ? 1468 HOH A O   1 
HETATM 1310 O O   . HOH F 4 .   ? 3.578   3.676   -14.083 1.00 57.35 ? 1469 HOH A O   1 
HETATM 1311 O O   . HOH F 4 .   ? -12.886 -2.282  -9.678  1.00 60.66 ? 1470 HOH A O   1 
HETATM 1312 O O   . HOH F 4 .   ? -4.224  -4.545  8.518   1.00 48.77 ? 1471 HOH A O   1 
HETATM 1313 O O   . HOH F 4 .   ? -10.201 -5.537  -11.029 1.00 54.10 ? 1472 HOH A O   1 
HETATM 1314 O O   . HOH F 4 .   ? -11.612 -3.156  -4.471  1.00 43.00 ? 1473 HOH A O   1 
HETATM 1315 O O   . HOH F 4 .   ? 13.826  -14.503 -7.777  1.00 56.70 ? 1474 HOH A O   1 
HETATM 1316 O O   . HOH F 4 .   ? 8.812   13.219  -1.158  1.00 41.60 ? 1475 HOH A O   1 
HETATM 1317 O O   . HOH F 4 .   ? 6.767   -17.015 -16.376 1.00 28.63 ? 1476 HOH A O   1 
HETATM 1318 O O   . HOH F 4 .   ? 10.805  -3.925  0.919   1.00 64.54 ? 1477 HOH A O   1 
HETATM 1319 O O   . HOH F 4 .   ? 16.017  16.161  6.918   1.00 63.15 ? 1478 HOH A O   1 
HETATM 1320 O O   . HOH F 4 .   ? -5.600  -11.578 6.543   1.00 46.81 ? 1479 HOH A O   1 
HETATM 1321 O O   . HOH F 4 .   ? 12.305  -11.600 -5.798  1.00 56.73 ? 1480 HOH A O   1 
HETATM 1322 O O   . HOH F 4 .   ? -2.985  -17.482 12.922  1.00 73.72 ? 1481 HOH A O   1 
HETATM 1323 O O   . HOH F 4 .   ? 0.891   5.133   -13.416 1.00 63.38 ? 1482 HOH A O   1 
HETATM 1324 O O   . HOH F 4 .   ? -13.065 4.733   12.501  1.00 55.81 ? 1483 HOH A O   1 
HETATM 1325 O O   . HOH F 4 .   ? -1.813  4.005   -12.926 1.00 41.19 ? 1484 HOH A O   1 
HETATM 1326 O O   . HOH F 4 .   ? 11.423  -8.122  -0.775  1.00 47.75 ? 1485 HOH A O   1 
HETATM 1327 O O   . HOH F 4 .   ? 11.633  2.200   -5.520  1.00 50.62 ? 1486 HOH A O   1 
HETATM 1328 O O   . HOH F 4 .   ? -4.084  -9.246  9.919   1.00 65.36 ? 1487 HOH A O   1 
HETATM 1329 O O   . HOH F 4 .   ? -4.546  -11.846 9.016   1.00 50.76 ? 1488 HOH A O   1 
HETATM 1330 O O   . HOH F 4 .   ? -15.683 -0.982  0.987   1.00 66.39 ? 1489 HOH A O   1 
HETATM 1331 O O   . HOH F 4 .   ? 11.165  -4.079  5.910   1.00 54.30 ? 1490 HOH A O   1 
HETATM 1332 O O   . HOH F 4 .   ? 16.218  -5.810  -1.324  1.00 53.42 ? 1491 HOH A O   1 
HETATM 1333 O O   . HOH F 4 .   ? -19.769 -13.651 -25.606 1.00 67.52 ? 1492 HOH A O   1 
# 
